data_2RAG
#
_entry.id   2RAG
#
_cell.length_a   79.672
_cell.length_b   129.238
_cell.length_c   99.226
_cell.angle_alpha   90.00
_cell.angle_beta   104.76
_cell.angle_gamma   90.00
#
_symmetry.space_group_name_H-M   'P 1 21 1'
#
loop_
_entity.id
_entity.type
_entity.pdbx_description
1 polymer Dipeptidase
2 non-polymer 'ZINC ION'
3 non-polymer 'CHLORIDE ION'
4 water water
#
_entity_poly.entity_id   1
_entity_poly.type   'polypeptide(L)'
_entity_poly.pdbx_seq_one_letter_code
;MSRPLLFALTALSLTAASLAHAADKKAADKPAPSAVSKADKALHDKFLTLDTHLDTPAHFGRPGWDIADHHEVEHDFSQV
DLPRMNQGGLDGGFFVVYIGQGELTEKGYTYARDYALHRTIEIREMLAANPDTFEMALTSDDARRIAKAGKKFAFVSMEN
SWPVGEDLSLVETFYKEGLRMAGPVHFRNNQLADSSTDPKGKIWNGYSPLGLRWLAEANRLGIVIDVSHASDDVVDQSVA
LSKAPIIASHSGPKAVYDHPRNLDDARLKKIADAGGAICINSIYLTDTTPSPERKAALEALGRAPDMKTATPEAVKAYAD
KRAAIDKAHPAARGDFDLYMKSMLHVLKVAGPKGVCVGADWDGGGGMDGFEDITDLPKITARLKAEGYSDADIEAIWSGN
VLRIVDAAQAYAKSVTK
;
_entity_poly.pdbx_strand_id   A,B,C,D
#
loop_
_chem_comp.id
_chem_comp.type
_chem_comp.name
_chem_comp.formula
CL non-polymer 'CHLORIDE ION' 'Cl -1'
ZN non-polymer 'ZINC ION' 'Zn 2'
#
# COMPACT_ATOMS: atom_id res chain seq x y z
N SER A 37 9.78 -54.78 6.33
CA SER A 37 10.02 -55.72 5.18
C SER A 37 11.00 -55.15 4.17
N LYS A 38 12.15 -55.80 4.01
CA LYS A 38 13.16 -55.33 3.07
C LYS A 38 12.62 -55.29 1.65
N ALA A 39 11.65 -56.16 1.36
CA ALA A 39 11.04 -56.18 0.03
C ALA A 39 10.23 -54.90 -0.17
N ASP A 40 9.51 -54.50 0.87
CA ASP A 40 8.71 -53.28 0.81
C ASP A 40 9.62 -52.06 0.65
N LYS A 41 10.68 -52.01 1.45
CA LYS A 41 11.63 -50.91 1.40
C LYS A 41 12.28 -50.77 0.02
N ALA A 42 12.52 -51.89 -0.63
CA ALA A 42 13.14 -51.90 -1.96
C ALA A 42 12.22 -51.20 -2.97
N LEU A 43 10.95 -51.58 -2.95
CA LEU A 43 9.97 -50.98 -3.85
C LEU A 43 9.85 -49.49 -3.52
N HIS A 44 9.55 -49.21 -2.26
CA HIS A 44 9.38 -47.85 -1.74
C HIS A 44 10.57 -46.96 -2.10
N ASP A 45 11.78 -47.50 -1.94
CA ASP A 45 13.00 -46.76 -2.22
C ASP A 45 13.11 -46.27 -3.66
N LYS A 46 12.33 -46.85 -4.56
CA LYS A 46 12.38 -46.47 -5.97
C LYS A 46 11.67 -45.15 -6.28
N PHE A 47 10.83 -44.68 -5.35
CA PHE A 47 10.08 -43.45 -5.54
C PHE A 47 10.62 -42.25 -4.77
N LEU A 48 10.42 -41.06 -5.35
CA LEU A 48 10.82 -39.81 -4.72
C LEU A 48 9.63 -39.48 -3.82
N THR A 49 9.85 -39.49 -2.51
CA THR A 49 8.77 -39.24 -1.58
C THR A 49 8.80 -37.91 -0.84
N LEU A 50 7.61 -37.38 -0.57
CA LEU A 50 7.50 -36.13 0.18
C LEU A 50 6.15 -36.07 0.87
N ASP A 51 6.13 -35.42 2.03
CA ASP A 51 4.90 -35.25 2.81
C ASP A 51 4.68 -33.74 2.84
N THR A 52 3.45 -33.32 2.62
CA THR A 52 3.12 -31.90 2.56
C THR A 52 2.82 -31.19 3.88
N HIS A 53 3.03 -31.85 5.01
CA HIS A 53 2.75 -31.20 6.28
C HIS A 53 3.54 -31.73 7.47
N LEU A 54 4.84 -31.54 7.42
CA LEU A 54 5.71 -31.98 8.51
C LEU A 54 5.75 -30.88 9.58
N ASP A 55 5.07 -31.13 10.70
CA ASP A 55 5.02 -30.18 11.81
C ASP A 55 6.26 -30.22 12.68
N THR A 56 7.23 -31.03 12.26
CA THR A 56 8.48 -31.22 12.98
C THR A 56 9.17 -29.94 13.49
N PRO A 57 9.07 -28.82 12.73
CA PRO A 57 9.73 -27.59 13.21
C PRO A 57 9.37 -27.19 14.63
N ALA A 58 8.23 -27.67 15.11
CA ALA A 58 7.80 -27.36 16.47
C ALA A 58 8.79 -27.90 17.50
N HIS A 59 9.61 -28.88 17.10
CA HIS A 59 10.62 -29.48 17.99
C HIS A 59 11.99 -28.82 17.88
N PHE A 60 12.22 -28.07 16.81
CA PHE A 60 13.52 -27.45 16.60
C PHE A 60 14.01 -26.56 17.73
N GLY A 61 13.10 -25.85 18.38
CA GLY A 61 13.49 -24.97 19.47
C GLY A 61 13.62 -25.64 20.82
N ARG A 62 13.38 -26.95 20.87
CA ARG A 62 13.50 -27.69 22.11
C ARG A 62 14.98 -27.82 22.49
N PRO A 63 15.33 -27.49 23.75
CA PRO A 63 16.70 -27.56 24.24
C PRO A 63 17.42 -28.86 23.91
N GLY A 64 18.51 -28.74 23.15
CA GLY A 64 19.29 -29.91 22.79
C GLY A 64 18.72 -30.82 21.72
N TRP A 65 17.47 -30.60 21.30
CA TRP A 65 16.88 -31.46 20.27
C TRP A 65 17.65 -31.31 18.97
N ASP A 66 17.96 -32.44 18.34
CA ASP A 66 18.73 -32.44 17.09
C ASP A 66 18.09 -33.40 16.09
N ILE A 67 17.73 -32.88 14.93
CA ILE A 67 17.10 -33.70 13.89
C ILE A 67 18.03 -34.82 13.40
N ALA A 68 19.33 -34.68 13.66
CA ALA A 68 20.29 -35.70 13.23
C ALA A 68 20.20 -36.95 14.12
N ASP A 69 19.72 -36.79 15.35
CA ASP A 69 19.59 -37.90 16.27
C ASP A 69 18.36 -38.77 15.97
N HIS A 70 18.41 -40.01 16.45
CA HIS A 70 17.30 -40.94 16.27
C HIS A 70 16.46 -40.83 17.53
N HIS A 71 15.15 -40.70 17.38
CA HIS A 71 14.25 -40.57 18.52
C HIS A 71 13.17 -41.64 18.47
N GLU A 72 12.51 -41.83 19.61
CA GLU A 72 11.41 -42.79 19.73
C GLU A 72 10.16 -41.99 20.06
N VAL A 73 9.11 -42.15 19.26
CA VAL A 73 7.87 -41.42 19.48
C VAL A 73 7.40 -41.62 20.92
N GLU A 74 7.61 -42.81 21.45
CA GLU A 74 7.20 -43.14 22.82
C GLU A 74 7.95 -42.36 23.90
N HIS A 75 9.19 -41.98 23.62
CA HIS A 75 10.00 -41.25 24.59
C HIS A 75 10.18 -39.78 24.29
N ASP A 76 10.18 -39.42 23.01
CA ASP A 76 10.42 -38.05 22.59
C ASP A 76 9.18 -37.34 22.03
N PHE A 77 8.14 -38.11 21.73
CA PHE A 77 6.90 -37.57 21.17
C PHE A 77 7.08 -37.15 19.70
N SER A 78 8.31 -37.23 19.21
CA SER A 78 8.59 -36.85 17.84
C SER A 78 8.36 -38.03 16.89
N GLN A 79 7.98 -37.71 15.66
CA GLN A 79 7.70 -38.74 14.66
C GLN A 79 8.59 -38.58 13.43
N VAL A 80 9.46 -37.57 13.46
CA VAL A 80 10.36 -37.28 12.35
C VAL A 80 11.77 -36.85 12.76
N ASP A 81 12.77 -37.44 12.11
CA ASP A 81 14.18 -37.10 12.26
C ASP A 81 14.94 -37.74 11.10
N LEU A 82 16.19 -37.36 10.90
CA LEU A 82 16.97 -37.88 9.80
C LEU A 82 17.06 -39.41 9.75
N PRO A 83 17.47 -40.04 10.86
CA PRO A 83 17.56 -41.51 10.84
C PRO A 83 16.26 -42.18 10.41
N ARG A 84 15.14 -41.72 10.97
CA ARG A 84 13.85 -42.30 10.61
C ARG A 84 13.41 -41.92 9.20
N MET A 85 13.89 -40.79 8.68
CA MET A 85 13.54 -40.40 7.31
C MET A 85 14.23 -41.41 6.37
N ASN A 86 15.42 -41.82 6.76
CA ASN A 86 16.17 -42.79 5.98
C ASN A 86 15.53 -44.16 6.09
N GLN A 87 15.17 -44.56 7.31
CA GLN A 87 14.55 -45.84 7.57
C GLN A 87 13.17 -45.94 6.89
N GLY A 88 12.43 -44.83 6.90
CA GLY A 88 11.11 -44.81 6.29
C GLY A 88 11.13 -44.44 4.83
N GLY A 89 12.32 -44.14 4.31
CA GLY A 89 12.41 -43.77 2.91
C GLY A 89 11.70 -42.47 2.54
N LEU A 90 11.73 -41.48 3.44
CA LEU A 90 11.11 -40.18 3.18
C LEU A 90 12.21 -39.27 2.64
N ASP A 91 12.04 -38.84 1.40
CA ASP A 91 13.04 -38.00 0.75
C ASP A 91 12.98 -36.52 1.08
N GLY A 92 11.82 -36.04 1.52
CA GLY A 92 11.70 -34.64 1.86
C GLY A 92 10.25 -34.28 2.19
N GLY A 93 9.96 -32.99 2.25
CA GLY A 93 8.60 -32.56 2.55
C GLY A 93 8.53 -31.08 2.83
N PHE A 94 7.34 -30.63 3.18
CA PHE A 94 7.12 -29.22 3.51
C PHE A 94 7.17 -29.09 5.02
N PHE A 95 8.17 -28.38 5.52
CA PHE A 95 8.33 -28.16 6.94
C PHE A 95 7.49 -26.95 7.32
N VAL A 96 6.53 -27.21 8.20
CA VAL A 96 5.55 -26.21 8.62
C VAL A 96 5.91 -25.15 9.63
N VAL A 97 5.45 -23.93 9.32
CA VAL A 97 5.60 -22.77 10.20
C VAL A 97 4.15 -22.64 10.67
N TYR A 98 3.89 -23.11 11.88
CA TYR A 98 2.52 -23.12 12.42
C TYR A 98 2.33 -22.26 13.65
N ILE A 99 1.16 -21.65 13.77
CA ILE A 99 0.84 -20.86 14.95
C ILE A 99 -0.67 -20.98 15.24
N GLY A 100 -1.00 -21.21 16.51
CA GLY A 100 -2.39 -21.32 16.92
C GLY A 100 -3.07 -19.98 16.79
N GLN A 101 -4.38 -19.97 16.57
CA GLN A 101 -5.11 -18.71 16.41
C GLN A 101 -5.25 -17.88 17.68
N GLY A 102 -4.79 -16.62 17.61
CA GLY A 102 -4.89 -15.72 18.73
C GLY A 102 -5.81 -14.54 18.44
N GLU A 103 -5.58 -13.43 19.12
CA GLU A 103 -6.42 -12.24 18.97
C GLU A 103 -6.28 -11.49 17.65
N LEU A 104 -7.40 -10.95 17.16
CA LEU A 104 -7.39 -10.18 15.93
C LEU A 104 -7.26 -8.72 16.35
N THR A 105 -6.07 -8.39 16.87
CA THR A 105 -5.77 -7.05 17.35
C THR A 105 -4.35 -6.71 16.93
N GLU A 106 -3.98 -5.45 17.03
CA GLU A 106 -2.63 -5.04 16.67
C GLU A 106 -1.62 -5.84 17.49
N LYS A 107 -1.89 -6.00 18.78
CA LYS A 107 -0.98 -6.75 19.65
C LYS A 107 -0.91 -8.22 19.22
N GLY A 108 -2.05 -8.76 18.81
CA GLY A 108 -2.07 -10.14 18.35
C GLY A 108 -1.26 -10.28 17.07
N TYR A 109 -1.47 -9.36 16.13
CA TYR A 109 -0.77 -9.40 14.85
C TYR A 109 0.75 -9.24 14.97
N THR A 110 1.21 -8.32 15.82
CA THR A 110 2.65 -8.12 15.98
C THR A 110 3.24 -9.38 16.62
N TYR A 111 2.53 -9.94 17.60
CA TYR A 111 2.97 -11.16 18.25
C TYR A 111 3.08 -12.30 17.24
N ALA A 112 2.02 -12.45 16.45
CA ALA A 112 1.97 -13.50 15.45
C ALA A 112 3.07 -13.35 14.39
N ARG A 113 3.31 -12.13 13.93
CA ARG A 113 4.36 -11.88 12.95
C ARG A 113 5.71 -12.35 13.50
N ASP A 114 6.06 -11.86 14.68
CA ASP A 114 7.34 -12.19 15.31
C ASP A 114 7.47 -13.69 15.57
N TYR A 115 6.39 -14.32 16.02
CA TYR A 115 6.40 -15.75 16.32
C TYR A 115 6.69 -16.56 15.06
N ALA A 116 5.98 -16.26 13.97
CA ALA A 116 6.17 -16.98 12.72
C ALA A 116 7.56 -16.72 12.13
N LEU A 117 8.04 -15.49 12.26
CA LEU A 117 9.37 -15.16 11.75
C LEU A 117 10.40 -16.02 12.50
N HIS A 118 10.23 -16.15 13.81
CA HIS A 118 11.16 -16.94 14.60
C HIS A 118 11.10 -18.42 14.25
N ARG A 119 9.90 -18.93 14.02
CA ARG A 119 9.75 -20.34 13.66
C ARG A 119 10.41 -20.58 12.30
N THR A 120 10.26 -19.62 11.40
CA THR A 120 10.85 -19.73 10.07
C THR A 120 12.38 -19.77 10.23
N ILE A 121 12.88 -18.89 11.10
CA ILE A 121 14.30 -18.82 11.37
C ILE A 121 14.82 -20.14 11.97
N GLU A 122 14.02 -20.77 12.83
CA GLU A 122 14.44 -22.03 13.44
C GLU A 122 14.64 -23.07 12.35
N ILE A 123 13.76 -23.06 11.34
CA ILE A 123 13.88 -24.00 10.24
C ILE A 123 15.17 -23.72 9.47
N ARG A 124 15.43 -22.44 9.19
CA ARG A 124 16.64 -22.07 8.46
C ARG A 124 17.89 -22.41 9.27
N GLU A 125 17.79 -22.38 10.60
CA GLU A 125 18.93 -22.72 11.45
C GLU A 125 19.19 -24.23 11.37
N MET A 126 18.12 -25.04 11.34
CA MET A 126 18.29 -26.49 11.23
C MET A 126 19.04 -26.78 9.95
N LEU A 127 18.60 -26.17 8.86
CA LEU A 127 19.22 -26.35 7.57
C LEU A 127 20.68 -25.89 7.56
N ALA A 128 20.98 -24.81 8.28
CA ALA A 128 22.35 -24.30 8.34
C ALA A 128 23.23 -25.22 9.17
N ALA A 129 22.63 -25.91 10.14
CA ALA A 129 23.36 -26.82 11.00
C ALA A 129 23.56 -28.21 10.39
N ASN A 130 22.84 -28.51 9.31
CA ASN A 130 22.93 -29.83 8.66
C ASN A 130 23.06 -29.71 7.15
N PRO A 131 24.07 -28.98 6.67
CA PRO A 131 24.32 -28.77 5.25
C PRO A 131 24.65 -30.02 4.42
N ASP A 132 25.18 -31.06 5.05
CA ASP A 132 25.53 -32.26 4.31
C ASP A 132 24.39 -33.25 4.14
N THR A 133 23.33 -33.09 4.93
CA THR A 133 22.20 -34.01 4.87
C THR A 133 20.87 -33.37 4.47
N PHE A 134 20.79 -32.04 4.56
CA PHE A 134 19.57 -31.30 4.22
C PHE A 134 19.86 -30.08 3.36
N GLU A 135 18.83 -29.61 2.66
CA GLU A 135 18.93 -28.41 1.85
C GLU A 135 17.53 -27.89 1.56
N MET A 136 17.36 -26.57 1.61
CA MET A 136 16.06 -25.98 1.33
C MET A 136 15.77 -26.09 -0.16
N ALA A 137 14.51 -26.38 -0.48
CA ALA A 137 14.09 -26.46 -1.86
C ALA A 137 13.08 -25.34 -2.07
N LEU A 138 13.17 -24.66 -3.21
CA LEU A 138 12.26 -23.58 -3.54
C LEU A 138 11.43 -23.99 -4.75
N THR A 139 12.02 -24.83 -5.59
CA THR A 139 11.37 -25.32 -6.81
C THR A 139 11.42 -26.85 -6.89
N SER A 140 10.66 -27.43 -7.82
CA SER A 140 10.66 -28.88 -7.99
C SER A 140 12.04 -29.31 -8.48
N ASP A 141 12.69 -28.48 -9.30
CA ASP A 141 14.03 -28.82 -9.77
C ASP A 141 14.99 -28.91 -8.58
N ASP A 142 14.81 -28.02 -7.60
CA ASP A 142 15.65 -28.04 -6.41
C ASP A 142 15.47 -29.39 -5.71
N ALA A 143 14.22 -29.81 -5.55
CA ALA A 143 13.91 -31.07 -4.88
C ALA A 143 14.61 -32.23 -5.56
N ARG A 144 14.45 -32.35 -6.87
CA ARG A 144 15.09 -33.44 -7.61
C ARG A 144 16.60 -33.36 -7.54
N ARG A 145 17.16 -32.16 -7.69
CA ARG A 145 18.61 -31.98 -7.62
C ARG A 145 19.12 -32.38 -6.24
N ILE A 146 18.44 -31.91 -5.20
CA ILE A 146 18.85 -32.23 -3.84
C ILE A 146 18.76 -33.74 -3.59
N ALA A 147 17.70 -34.36 -4.09
CA ALA A 147 17.51 -35.80 -3.93
C ALA A 147 18.65 -36.58 -4.58
N LYS A 148 19.00 -36.20 -5.82
CA LYS A 148 20.08 -36.87 -6.53
C LYS A 148 21.41 -36.76 -5.80
N ALA A 149 21.61 -35.66 -5.08
CA ALA A 149 22.85 -35.46 -4.34
C ALA A 149 22.83 -36.24 -3.03
N GLY A 150 21.75 -36.97 -2.79
CA GLY A 150 21.64 -37.76 -1.57
C GLY A 150 21.25 -36.99 -0.32
N LYS A 151 20.66 -35.80 -0.50
CA LYS A 151 20.24 -35.00 0.65
C LYS A 151 18.72 -34.93 0.73
N LYS A 152 18.21 -34.64 1.92
CA LYS A 152 16.77 -34.50 2.11
C LYS A 152 16.41 -33.07 1.73
N PHE A 153 15.32 -32.90 0.98
CA PHE A 153 14.92 -31.55 0.59
C PHE A 153 13.84 -31.00 1.53
N ALA A 154 13.93 -29.72 1.85
CA ALA A 154 12.98 -29.10 2.74
C ALA A 154 12.33 -27.86 2.13
N PHE A 155 11.04 -27.95 1.86
CA PHE A 155 10.27 -26.83 1.35
C PHE A 155 9.74 -26.20 2.64
N VAL A 156 9.25 -24.97 2.56
CA VAL A 156 8.72 -24.30 3.74
C VAL A 156 7.25 -23.97 3.50
N SER A 157 6.40 -24.30 4.45
CA SER A 157 4.98 -24.03 4.32
C SER A 157 4.48 -23.28 5.55
N MET A 158 3.29 -22.69 5.45
CA MET A 158 2.70 -21.93 6.56
C MET A 158 1.32 -22.48 6.88
N GLU A 159 1.04 -22.70 8.16
CA GLU A 159 -0.27 -23.16 8.57
C GLU A 159 -0.79 -22.06 9.49
N ASN A 160 -1.82 -21.39 9.00
CA ASN A 160 -2.47 -20.23 9.63
C ASN A 160 -1.66 -19.00 9.22
N SER A 161 -2.26 -18.14 8.40
CA SER A 161 -1.58 -16.95 7.95
C SER A 161 -1.90 -15.72 8.80
N TRP A 162 -2.46 -15.99 9.99
CA TRP A 162 -2.75 -14.95 10.96
C TRP A 162 -1.53 -14.00 11.10
N PRO A 163 -0.30 -14.54 11.00
CA PRO A 163 0.92 -13.71 11.11
C PRO A 163 1.05 -12.51 10.16
N VAL A 164 0.35 -12.52 9.03
CA VAL A 164 0.47 -11.38 8.11
C VAL A 164 -0.32 -10.16 8.60
N GLY A 165 -1.14 -10.34 9.62
CA GLY A 165 -1.92 -9.24 10.15
C GLY A 165 -2.72 -8.57 9.06
N GLU A 166 -2.63 -7.24 8.98
CA GLU A 166 -3.32 -6.47 7.96
C GLU A 166 -2.27 -6.00 6.93
N ASP A 167 -1.04 -6.49 7.07
CA ASP A 167 0.03 -6.08 6.17
C ASP A 167 0.39 -7.22 5.21
N LEU A 168 -0.23 -7.21 4.03
CA LEU A 168 0.01 -8.25 3.06
C LEU A 168 1.43 -8.27 2.49
N SER A 169 2.19 -7.20 2.70
CA SER A 169 3.57 -7.20 2.20
C SER A 169 4.37 -8.27 2.97
N LEU A 170 3.85 -8.71 4.12
CA LEU A 170 4.53 -9.75 4.90
C LEU A 170 4.51 -11.11 4.18
N VAL A 171 3.55 -11.30 3.27
CA VAL A 171 3.51 -12.56 2.55
C VAL A 171 4.82 -12.67 1.76
N GLU A 172 5.23 -11.58 1.13
CA GLU A 172 6.47 -11.60 0.36
C GLU A 172 7.67 -11.72 1.30
N THR A 173 7.56 -11.17 2.50
CA THR A 173 8.65 -11.26 3.48
C THR A 173 8.92 -12.75 3.74
N PHE A 174 7.87 -13.52 4.01
CA PHE A 174 8.03 -14.94 4.25
C PHE A 174 8.48 -15.66 2.97
N TYR A 175 7.97 -15.23 1.83
CA TYR A 175 8.34 -15.81 0.55
C TYR A 175 9.86 -15.68 0.37
N LYS A 176 10.38 -14.49 0.66
CA LYS A 176 11.81 -14.24 0.53
C LYS A 176 12.64 -15.16 1.42
N GLU A 177 12.05 -15.65 2.51
CA GLU A 177 12.78 -16.55 3.40
C GLU A 177 12.49 -18.03 3.10
N GLY A 178 11.76 -18.29 2.02
CA GLY A 178 11.51 -19.68 1.65
C GLY A 178 10.09 -20.18 1.53
N LEU A 179 9.12 -19.42 2.02
CA LEU A 179 7.73 -19.85 1.97
C LEU A 179 7.25 -20.18 0.56
N ARG A 180 6.69 -21.38 0.36
CA ARG A 180 6.20 -21.78 -0.95
C ARG A 180 4.80 -22.41 -0.94
N MET A 181 4.22 -22.57 0.24
CA MET A 181 2.87 -23.14 0.40
C MET A 181 2.30 -22.49 1.66
N ALA A 182 1.06 -22.03 1.59
CA ALA A 182 0.47 -21.40 2.77
C ALA A 182 -1.05 -21.53 2.86
N GLY A 183 -1.52 -21.79 4.07
CA GLY A 183 -2.95 -21.89 4.32
C GLY A 183 -3.36 -20.60 5.00
N PRO A 184 -4.52 -20.03 4.63
CA PRO A 184 -4.93 -18.79 5.28
C PRO A 184 -5.36 -18.90 6.73
N VAL A 185 -5.92 -20.04 7.11
CA VAL A 185 -6.48 -20.18 8.46
C VAL A 185 -6.26 -21.53 9.13
N HIS A 186 -6.44 -21.58 10.45
CA HIS A 186 -6.31 -22.81 11.21
C HIS A 186 -7.65 -23.18 11.85
N PHE A 187 -7.64 -23.52 13.13
CA PHE A 187 -8.85 -23.97 13.84
C PHE A 187 -9.98 -22.95 14.05
N ARG A 188 -9.65 -21.67 14.13
CA ARG A 188 -10.65 -20.62 14.32
C ARG A 188 -10.56 -19.59 13.20
N ASN A 189 -11.64 -18.84 12.99
CA ASN A 189 -11.64 -17.82 11.96
C ASN A 189 -10.56 -16.79 12.27
N ASN A 190 -10.05 -16.10 11.25
CA ASN A 190 -9.09 -15.04 11.52
C ASN A 190 -9.43 -13.88 10.62
N GLN A 191 -8.52 -12.91 10.47
CA GLN A 191 -8.80 -11.73 9.66
C GLN A 191 -8.83 -12.02 8.15
N LEU A 192 -8.42 -13.22 7.76
CA LEU A 192 -8.36 -13.59 6.35
C LEU A 192 -9.49 -14.50 5.85
N ALA A 193 -9.94 -15.43 6.69
CA ALA A 193 -10.98 -16.36 6.25
C ALA A 193 -11.64 -17.15 7.36
N ASP A 194 -12.73 -17.84 7.01
CA ASP A 194 -13.46 -18.66 7.95
C ASP A 194 -12.77 -20.02 8.07
N SER A 195 -12.79 -20.57 9.28
CA SER A 195 -12.23 -21.89 9.53
C SER A 195 -13.39 -22.86 9.40
N SER A 196 -13.10 -24.13 9.14
CA SER A 196 -14.18 -25.13 9.02
C SER A 196 -14.61 -25.59 10.42
N THR A 197 -13.80 -25.27 11.43
CA THR A 197 -14.07 -25.71 12.80
C THR A 197 -14.31 -24.65 13.87
N ASP A 198 -14.58 -23.40 13.49
CA ASP A 198 -14.79 -22.39 14.53
C ASP A 198 -16.13 -22.59 15.22
N PRO A 199 -16.11 -22.79 16.56
CA PRO A 199 -17.30 -23.00 17.38
C PRO A 199 -18.33 -21.86 17.28
N LYS A 200 -17.86 -20.65 16.94
CA LYS A 200 -18.73 -19.49 16.83
C LYS A 200 -19.39 -19.37 15.46
N GLY A 201 -19.03 -20.26 14.55
CA GLY A 201 -19.62 -20.21 13.22
C GLY A 201 -18.82 -19.36 12.25
N LYS A 202 -19.45 -18.99 11.13
CA LYS A 202 -18.81 -18.20 10.10
C LYS A 202 -18.91 -16.70 10.38
N ILE A 203 -17.98 -15.94 9.81
CA ILE A 203 -18.02 -14.49 9.95
C ILE A 203 -17.82 -13.83 8.56
N TRP A 204 -17.09 -14.51 7.68
CA TRP A 204 -16.84 -13.96 6.34
C TRP A 204 -17.58 -14.69 5.21
N ASN A 205 -18.07 -15.90 5.51
CA ASN A 205 -18.71 -16.74 4.50
C ASN A 205 -17.66 -17.02 3.41
N GLY A 206 -16.45 -17.36 3.90
CA GLY A 206 -15.34 -17.67 3.02
C GLY A 206 -14.17 -16.78 3.39
N TYR A 207 -13.63 -16.07 2.40
CA TYR A 207 -12.52 -15.14 2.60
C TYR A 207 -13.10 -13.76 2.95
N SER A 208 -12.39 -13.04 3.81
CA SER A 208 -12.78 -11.67 4.15
C SER A 208 -12.25 -10.86 2.97
N PRO A 209 -12.60 -9.57 2.87
CA PRO A 209 -12.09 -8.79 1.74
C PRO A 209 -10.55 -8.82 1.75
N LEU A 210 -9.96 -8.74 2.94
CA LEU A 210 -8.50 -8.78 3.09
C LEU A 210 -7.98 -10.15 2.63
N GLY A 211 -8.76 -11.19 2.91
CA GLY A 211 -8.37 -12.54 2.51
C GLY A 211 -8.35 -12.72 1.00
N LEU A 212 -9.25 -12.03 0.30
CA LEU A 212 -9.30 -12.12 -1.15
C LEU A 212 -8.01 -11.49 -1.68
N ARG A 213 -7.58 -10.41 -1.05
CA ARG A 213 -6.35 -9.76 -1.47
C ARG A 213 -5.17 -10.64 -1.13
N TRP A 214 -5.29 -11.40 -0.04
CA TRP A 214 -4.22 -12.31 0.36
C TRP A 214 -4.10 -13.41 -0.70
N LEU A 215 -5.24 -13.95 -1.13
CA LEU A 215 -5.25 -15.01 -2.17
C LEU A 215 -4.58 -14.48 -3.44
N ALA A 216 -4.89 -13.24 -3.81
CA ALA A 216 -4.31 -12.64 -5.00
C ALA A 216 -2.79 -12.49 -4.87
N GLU A 217 -2.34 -12.15 -3.68
CA GLU A 217 -0.91 -11.98 -3.46
C GLU A 217 -0.18 -13.33 -3.46
N ALA A 218 -0.81 -14.35 -2.89
CA ALA A 218 -0.21 -15.68 -2.88
C ALA A 218 -0.05 -16.12 -4.34
N ASN A 219 -1.09 -15.91 -5.14
CA ASN A 219 -1.06 -16.27 -6.56
C ASN A 219 0.05 -15.50 -7.27
N ARG A 220 0.11 -14.20 -7.04
CA ARG A 220 1.13 -13.36 -7.67
C ARG A 220 2.57 -13.80 -7.34
N LEU A 221 2.82 -14.15 -6.09
CA LEU A 221 4.16 -14.58 -5.68
C LEU A 221 4.50 -16.00 -6.11
N GLY A 222 3.48 -16.83 -6.29
CA GLY A 222 3.71 -18.21 -6.68
C GLY A 222 3.65 -19.18 -5.51
N ILE A 223 2.92 -18.79 -4.47
CA ILE A 223 2.79 -19.63 -3.28
C ILE A 223 1.58 -20.53 -3.46
N VAL A 224 1.75 -21.83 -3.19
CA VAL A 224 0.63 -22.76 -3.32
C VAL A 224 -0.35 -22.53 -2.17
N ILE A 225 -1.63 -22.32 -2.51
CA ILE A 225 -2.67 -22.10 -1.51
C ILE A 225 -3.14 -23.43 -0.90
N ASP A 226 -3.12 -23.50 0.43
CA ASP A 226 -3.51 -24.69 1.18
C ASP A 226 -4.86 -24.48 1.90
N VAL A 227 -5.89 -25.21 1.46
CA VAL A 227 -7.21 -25.07 2.06
C VAL A 227 -7.52 -25.96 3.28
N SER A 228 -6.59 -26.80 3.70
CA SER A 228 -6.82 -27.64 4.88
C SER A 228 -7.05 -26.70 6.07
N HIS A 229 -8.15 -26.93 6.79
CA HIS A 229 -8.59 -26.13 7.96
C HIS A 229 -9.58 -25.05 7.56
N ALA A 230 -9.56 -24.63 6.30
CA ALA A 230 -10.47 -23.60 5.84
C ALA A 230 -11.90 -24.15 5.64
N SER A 231 -12.90 -23.27 5.69
CA SER A 231 -14.29 -23.68 5.52
C SER A 231 -14.57 -24.08 4.07
N ASP A 232 -15.69 -24.73 3.83
CA ASP A 232 -16.06 -25.12 2.48
C ASP A 232 -16.20 -23.88 1.58
N ASP A 233 -16.67 -22.77 2.15
CA ASP A 233 -16.79 -21.55 1.35
C ASP A 233 -15.42 -21.13 0.85
N VAL A 234 -14.40 -21.27 1.69
CA VAL A 234 -13.05 -20.89 1.30
C VAL A 234 -12.58 -21.80 0.17
N VAL A 235 -12.91 -23.07 0.29
CA VAL A 235 -12.53 -24.03 -0.74
C VAL A 235 -13.16 -23.62 -2.06
N ASP A 236 -14.48 -23.38 -2.04
CA ASP A 236 -15.19 -22.97 -3.25
C ASP A 236 -14.64 -21.69 -3.86
N GLN A 237 -14.35 -20.70 -3.02
CA GLN A 237 -13.81 -19.44 -3.52
C GLN A 237 -12.38 -19.60 -4.02
N SER A 238 -11.62 -20.48 -3.37
CA SER A 238 -10.24 -20.70 -3.79
C SER A 238 -10.20 -21.31 -5.19
N VAL A 239 -11.03 -22.31 -5.43
CA VAL A 239 -11.07 -22.93 -6.74
C VAL A 239 -11.59 -21.93 -7.79
N ALA A 240 -12.62 -21.18 -7.44
CA ALA A 240 -13.19 -20.22 -8.35
C ALA A 240 -12.29 -19.03 -8.68
N LEU A 241 -11.53 -18.56 -7.69
CA LEU A 241 -10.69 -17.38 -7.89
C LEU A 241 -9.18 -17.57 -8.10
N SER A 242 -8.61 -18.65 -7.57
CA SER A 242 -7.18 -18.85 -7.72
C SER A 242 -6.76 -18.99 -9.16
N LYS A 243 -5.64 -18.35 -9.51
CA LYS A 243 -5.10 -18.41 -10.86
C LYS A 243 -4.26 -19.67 -11.04
N ALA A 244 -4.09 -20.41 -9.95
CA ALA A 244 -3.30 -21.64 -10.00
C ALA A 244 -3.96 -22.75 -9.18
N PRO A 245 -3.55 -24.01 -9.43
CA PRO A 245 -4.10 -25.15 -8.71
C PRO A 245 -3.84 -24.98 -7.22
N ILE A 246 -4.77 -25.47 -6.39
CA ILE A 246 -4.58 -25.36 -4.94
C ILE A 246 -4.40 -26.75 -4.35
N ILE A 247 -4.18 -26.80 -3.05
CA ILE A 247 -3.98 -28.09 -2.40
C ILE A 247 -4.61 -28.13 -1.02
N ALA A 248 -4.77 -29.34 -0.50
CA ALA A 248 -5.26 -29.56 0.86
C ALA A 248 -4.06 -30.34 1.43
N SER A 249 -3.17 -29.63 2.12
CA SER A 249 -1.94 -30.23 2.66
C SER A 249 -2.11 -31.41 3.60
N HIS A 250 -3.26 -31.49 4.26
CA HIS A 250 -3.55 -32.61 5.15
C HIS A 250 -5.05 -32.68 5.47
N SER A 251 -5.78 -33.38 4.61
CA SER A 251 -7.22 -33.54 4.78
C SER A 251 -7.70 -34.95 4.38
N GLY A 252 -8.98 -35.20 4.57
CA GLY A 252 -9.54 -36.50 4.24
C GLY A 252 -10.94 -36.40 3.64
N PRO A 253 -11.57 -37.54 3.32
CA PRO A 253 -12.92 -37.57 2.74
C PRO A 253 -14.03 -37.73 3.77
N LYS A 254 -15.05 -36.88 3.67
CA LYS A 254 -16.19 -36.98 4.58
C LYS A 254 -16.86 -38.34 4.37
N ALA A 255 -16.72 -38.89 3.17
CA ALA A 255 -17.32 -40.19 2.85
C ALA A 255 -16.85 -41.29 3.80
N VAL A 256 -15.61 -41.19 4.26
CA VAL A 256 -15.06 -42.19 5.18
C VAL A 256 -15.37 -41.78 6.62
N TYR A 257 -15.24 -40.50 6.93
CA TYR A 257 -15.54 -40.00 8.26
C TYR A 257 -16.10 -38.59 8.14
N ASP A 258 -17.35 -38.42 8.59
CA ASP A 258 -18.00 -37.11 8.50
C ASP A 258 -17.57 -36.14 9.58
N HIS A 259 -16.60 -35.30 9.24
CA HIS A 259 -16.06 -34.29 10.14
C HIS A 259 -15.79 -33.04 9.31
N PRO A 260 -16.02 -31.85 9.88
CA PRO A 260 -15.81 -30.57 9.17
C PRO A 260 -14.41 -30.47 8.58
N ARG A 261 -13.49 -31.19 9.19
CA ARG A 261 -12.10 -31.17 8.78
C ARG A 261 -11.84 -31.98 7.49
N ASN A 262 -12.86 -32.69 7.04
CA ASN A 262 -12.76 -33.47 5.81
C ASN A 262 -13.62 -32.86 4.71
N LEU A 263 -13.43 -33.32 3.48
CA LEU A 263 -14.16 -32.80 2.32
C LEU A 263 -15.13 -33.79 1.69
N ASP A 264 -16.25 -33.27 1.20
CA ASP A 264 -17.25 -34.09 0.52
C ASP A 264 -16.69 -34.44 -0.85
N ASP A 265 -17.25 -35.46 -1.50
CA ASP A 265 -16.76 -35.89 -2.81
C ASP A 265 -16.77 -34.79 -3.86
N ALA A 266 -17.83 -33.99 -3.86
CA ALA A 266 -17.95 -32.90 -4.84
C ALA A 266 -16.77 -31.94 -4.77
N ARG A 267 -16.38 -31.55 -3.55
CA ARG A 267 -15.27 -30.63 -3.40
C ARG A 267 -13.93 -31.31 -3.70
N LEU A 268 -13.83 -32.60 -3.40
CA LEU A 268 -12.59 -33.33 -3.70
C LEU A 268 -12.38 -33.29 -5.22
N LYS A 269 -13.45 -33.58 -5.96
CA LYS A 269 -13.36 -33.58 -7.41
C LYS A 269 -13.11 -32.18 -7.97
N LYS A 270 -13.75 -31.18 -7.38
CA LYS A 270 -13.59 -29.80 -7.82
C LYS A 270 -12.11 -29.38 -7.73
N ILE A 271 -11.49 -29.69 -6.60
CA ILE A 271 -10.08 -29.36 -6.40
C ILE A 271 -9.23 -30.10 -7.44
N ALA A 272 -9.50 -31.40 -7.61
CA ALA A 272 -8.75 -32.20 -8.57
C ALA A 272 -8.95 -31.72 -10.01
N ASP A 273 -10.20 -31.45 -10.38
CA ASP A 273 -10.49 -31.00 -11.75
C ASP A 273 -9.82 -29.67 -12.09
N ALA A 274 -9.41 -28.92 -11.07
CA ALA A 274 -8.75 -27.64 -11.29
C ALA A 274 -7.23 -27.83 -11.27
N GLY A 275 -6.80 -29.08 -11.27
CA GLY A 275 -5.37 -29.37 -11.26
C GLY A 275 -4.75 -29.55 -9.89
N GLY A 276 -5.57 -29.47 -8.84
CA GLY A 276 -5.07 -29.61 -7.48
C GLY A 276 -5.00 -31.02 -6.93
N ALA A 277 -4.79 -31.14 -5.62
CA ALA A 277 -4.70 -32.45 -4.99
C ALA A 277 -5.02 -32.39 -3.50
N ILE A 278 -5.36 -33.54 -2.94
CA ILE A 278 -5.66 -33.65 -1.53
C ILE A 278 -4.64 -34.64 -0.93
N CYS A 279 -3.89 -34.17 0.06
CA CYS A 279 -2.88 -35.01 0.71
C CYS A 279 -3.52 -35.67 1.92
N ILE A 280 -3.49 -37.00 1.95
CA ILE A 280 -4.13 -37.79 2.99
C ILE A 280 -3.63 -37.66 4.43
N ASN A 281 -4.55 -37.24 5.29
CA ASN A 281 -4.29 -37.05 6.72
C ASN A 281 -4.49 -38.37 7.45
N SER A 282 -3.89 -38.50 8.64
CA SER A 282 -4.03 -39.73 9.42
C SER A 282 -5.01 -39.54 10.61
N ILE A 283 -5.55 -38.34 10.77
CA ILE A 283 -6.52 -38.11 11.84
C ILE A 283 -7.84 -37.66 11.23
N TYR A 284 -8.86 -37.48 12.07
CA TYR A 284 -10.19 -37.12 11.60
C TYR A 284 -10.72 -38.23 10.71
N LEU A 285 -10.45 -39.48 11.14
CA LEU A 285 -10.90 -40.65 10.38
C LEU A 285 -11.75 -41.59 11.24
N THR A 286 -11.86 -41.31 12.53
CA THR A 286 -12.65 -42.14 13.44
C THR A 286 -12.98 -41.37 14.71
N ASP A 287 -13.94 -41.88 15.48
CA ASP A 287 -14.32 -41.24 16.72
C ASP A 287 -13.18 -41.48 17.71
N THR A 288 -12.53 -40.41 18.13
CA THR A 288 -11.40 -40.51 19.05
C THR A 288 -11.80 -40.34 20.51
N THR A 289 -13.08 -40.23 20.78
CA THR A 289 -13.54 -40.05 22.16
C THR A 289 -12.87 -41.10 23.04
N PRO A 290 -12.19 -40.65 24.10
CA PRO A 290 -11.48 -41.54 25.03
C PRO A 290 -12.40 -42.28 25.99
N SER A 291 -11.99 -43.49 26.37
CA SER A 291 -12.76 -44.29 27.31
C SER A 291 -12.71 -43.56 28.65
N PRO A 292 -13.65 -43.86 29.56
CA PRO A 292 -13.68 -43.20 30.86
C PRO A 292 -12.30 -43.13 31.52
N GLU A 293 -11.55 -44.22 31.41
CA GLU A 293 -10.21 -44.27 32.02
C GLU A 293 -9.20 -43.42 31.26
N ALA A 304 1.14 -31.58 30.54
CA ALA A 304 2.44 -31.73 29.89
C ALA A 304 3.31 -30.51 30.16
N PRO A 305 4.63 -30.72 30.33
CA PRO A 305 5.55 -29.61 30.59
C PRO A 305 5.88 -28.81 29.34
N ASP A 306 6.47 -27.63 29.54
CA ASP A 306 6.85 -26.78 28.42
C ASP A 306 8.09 -27.41 27.78
N MET A 307 7.89 -28.01 26.62
CA MET A 307 8.97 -28.68 25.90
C MET A 307 10.15 -27.77 25.58
N LYS A 308 9.93 -26.46 25.63
CA LYS A 308 11.00 -25.51 25.34
C LYS A 308 11.79 -25.06 26.57
N THR A 309 11.33 -25.46 27.75
CA THR A 309 12.01 -25.06 28.98
C THR A 309 12.13 -26.18 30.02
N ALA A 310 11.42 -27.28 29.81
CA ALA A 310 11.46 -28.40 30.75
C ALA A 310 12.79 -29.15 30.69
N THR A 311 13.19 -29.73 31.82
CA THR A 311 14.44 -30.48 31.92
C THR A 311 14.28 -31.82 31.19
N PRO A 312 15.36 -32.33 30.57
CA PRO A 312 15.31 -33.60 29.87
C PRO A 312 14.69 -34.71 30.72
N GLU A 313 14.91 -34.63 32.03
CA GLU A 313 14.34 -35.62 32.96
C GLU A 313 12.84 -35.42 33.06
N ALA A 314 12.43 -34.17 33.22
CA ALA A 314 11.01 -33.84 33.33
C ALA A 314 10.24 -34.33 32.11
N VAL A 315 10.83 -34.10 30.93
CA VAL A 315 10.20 -34.54 29.68
C VAL A 315 10.09 -36.06 29.67
N LYS A 316 11.15 -36.73 30.09
CA LYS A 316 11.17 -38.19 30.16
C LYS A 316 10.08 -38.64 31.12
N ALA A 317 9.96 -37.91 32.23
CA ALA A 317 8.96 -38.22 33.26
C ALA A 317 7.56 -38.31 32.66
N TYR A 318 7.13 -37.25 32.00
CA TYR A 318 5.80 -37.24 31.39
C TYR A 318 5.66 -38.30 30.30
N ALA A 319 6.69 -38.42 29.47
CA ALA A 319 6.69 -39.40 28.40
C ALA A 319 6.46 -40.80 28.98
N ASP A 320 7.13 -41.09 30.09
CA ASP A 320 6.98 -42.40 30.73
C ASP A 320 5.57 -42.61 31.27
N LYS A 321 5.05 -41.63 31.98
CA LYS A 321 3.70 -41.72 32.53
C LYS A 321 2.71 -41.86 31.38
N ARG A 322 2.87 -41.00 30.39
CA ARG A 322 2.01 -41.00 29.21
C ARG A 322 2.04 -42.37 28.52
N ALA A 323 3.24 -42.90 28.33
CA ALA A 323 3.41 -44.20 27.69
C ALA A 323 2.61 -45.27 28.41
N ALA A 324 2.74 -45.29 29.74
CA ALA A 324 2.02 -46.27 30.55
C ALA A 324 0.52 -46.14 30.33
N ILE A 325 0.04 -44.90 30.34
CA ILE A 325 -1.39 -44.63 30.13
C ILE A 325 -1.83 -45.10 28.75
N ASP A 326 -1.05 -44.77 27.73
CA ASP A 326 -1.38 -45.17 26.37
C ASP A 326 -1.37 -46.69 26.22
N LYS A 327 -0.59 -47.36 27.06
CA LYS A 327 -0.53 -48.82 27.00
C LYS A 327 -1.68 -49.44 27.78
N ALA A 328 -1.98 -48.86 28.94
CA ALA A 328 -3.06 -49.37 29.78
C ALA A 328 -4.42 -49.10 29.14
N HIS A 329 -4.59 -47.91 28.60
CA HIS A 329 -5.85 -47.55 27.96
C HIS A 329 -5.59 -46.84 26.63
N PRO A 330 -5.26 -47.62 25.59
CA PRO A 330 -4.97 -47.10 24.25
C PRO A 330 -6.01 -46.09 23.77
N ALA A 331 -5.56 -45.11 23.02
CA ALA A 331 -6.46 -44.09 22.48
C ALA A 331 -7.10 -44.68 21.22
N ALA A 332 -8.30 -44.23 20.90
CA ALA A 332 -8.98 -44.71 19.70
C ALA A 332 -8.43 -43.90 18.53
N ARG A 333 -7.58 -44.52 17.70
CA ARG A 333 -6.98 -43.82 16.57
C ARG A 333 -7.18 -44.53 15.24
N GLY A 334 -7.75 -45.72 15.27
CA GLY A 334 -7.92 -46.45 14.03
C GLY A 334 -6.59 -47.10 13.70
N ASP A 335 -6.46 -47.68 12.52
CA ASP A 335 -5.22 -48.33 12.12
C ASP A 335 -4.82 -48.03 10.69
N PHE A 336 -3.74 -48.66 10.25
CA PHE A 336 -3.25 -48.44 8.89
C PHE A 336 -4.30 -48.70 7.82
N ASP A 337 -5.10 -49.75 7.98
CA ASP A 337 -6.13 -50.04 6.98
C ASP A 337 -7.06 -48.85 6.83
N LEU A 338 -7.37 -48.18 7.94
CA LEU A 338 -8.25 -47.02 7.88
C LEU A 338 -7.61 -45.90 7.08
N TYR A 339 -6.29 -45.75 7.24
CA TYR A 339 -5.56 -44.71 6.51
C TYR A 339 -5.68 -44.99 5.02
N MET A 340 -5.50 -46.25 4.63
CA MET A 340 -5.59 -46.61 3.21
C MET A 340 -7.02 -46.53 2.72
N LYS A 341 -7.98 -46.76 3.60
CA LYS A 341 -9.40 -46.68 3.23
C LYS A 341 -9.65 -45.24 2.79
N SER A 342 -9.10 -44.30 3.55
CA SER A 342 -9.26 -42.88 3.22
C SER A 342 -8.58 -42.58 1.88
N MET A 343 -7.31 -42.95 1.76
CA MET A 343 -6.54 -42.70 0.54
C MET A 343 -7.21 -43.32 -0.70
N LEU A 344 -7.63 -44.57 -0.57
CA LEU A 344 -8.26 -45.26 -1.69
C LEU A 344 -9.54 -44.57 -2.15
N HIS A 345 -10.34 -44.09 -1.20
CA HIS A 345 -11.57 -43.41 -1.56
C HIS A 345 -11.30 -42.08 -2.28
N VAL A 346 -10.32 -41.33 -1.79
CA VAL A 346 -10.00 -40.07 -2.44
C VAL A 346 -9.45 -40.36 -3.83
N LEU A 347 -8.70 -41.44 -3.97
CA LEU A 347 -8.14 -41.82 -5.27
C LEU A 347 -9.27 -42.11 -6.26
N LYS A 348 -10.33 -42.75 -5.77
CA LYS A 348 -11.47 -43.09 -6.61
C LYS A 348 -12.18 -41.83 -7.11
N VAL A 349 -12.30 -40.83 -6.24
CA VAL A 349 -12.98 -39.59 -6.58
C VAL A 349 -12.11 -38.56 -7.29
N ALA A 350 -10.90 -38.32 -6.78
CA ALA A 350 -10.01 -37.33 -7.37
C ALA A 350 -9.06 -37.87 -8.44
N GLY A 351 -8.89 -39.19 -8.48
CA GLY A 351 -7.99 -39.77 -9.47
C GLY A 351 -6.56 -39.81 -8.94
N PRO A 352 -5.68 -40.61 -9.57
CA PRO A 352 -4.29 -40.71 -9.13
C PRO A 352 -3.49 -39.41 -9.23
N LYS A 353 -4.03 -38.43 -9.94
CA LYS A 353 -3.33 -37.15 -10.11
C LYS A 353 -3.74 -36.10 -9.08
N GLY A 354 -4.78 -36.40 -8.30
CA GLY A 354 -5.25 -35.46 -7.30
C GLY A 354 -5.09 -35.93 -5.86
N VAL A 355 -4.14 -36.84 -5.63
CA VAL A 355 -3.92 -37.36 -4.28
C VAL A 355 -2.45 -37.28 -3.89
N CYS A 356 -2.19 -37.03 -2.61
CA CYS A 356 -0.82 -36.95 -2.10
C CYS A 356 -0.74 -37.38 -0.65
N VAL A 357 0.40 -37.15 0.00
CA VAL A 357 0.58 -37.58 1.39
C VAL A 357 0.87 -36.47 2.40
N GLY A 358 0.01 -36.38 3.42
CA GLY A 358 0.17 -35.38 4.47
C GLY A 358 -0.47 -35.91 5.73
N ALA A 359 0.23 -36.83 6.37
CA ALA A 359 -0.22 -37.53 7.57
C ALA A 359 -0.35 -36.77 8.87
N ASP A 360 0.19 -35.56 8.92
CA ASP A 360 0.15 -34.72 10.12
C ASP A 360 1.18 -35.17 11.15
N TRP A 361 2.33 -35.64 10.66
CA TRP A 361 3.41 -36.07 11.54
C TRP A 361 3.82 -34.88 12.42
N ASP A 362 3.95 -35.15 13.72
CA ASP A 362 4.33 -34.14 14.71
C ASP A 362 3.25 -33.09 14.90
N GLY A 363 2.08 -33.33 14.32
CA GLY A 363 0.97 -32.41 14.47
C GLY A 363 -0.23 -33.13 15.05
N GLY A 364 -0.01 -34.34 15.54
CA GLY A 364 -1.09 -35.13 16.13
C GLY A 364 -1.43 -36.37 15.33
N GLY A 365 -0.73 -36.60 14.23
CA GLY A 365 -1.00 -37.77 13.40
C GLY A 365 -0.50 -39.07 14.00
N GLY A 366 -0.86 -40.19 13.37
CA GLY A 366 -0.43 -41.49 13.86
C GLY A 366 -1.58 -42.41 14.19
N MET A 367 -1.42 -43.69 13.87
CA MET A 367 -2.46 -44.69 14.13
C MET A 367 -1.77 -46.02 14.44
N ASP A 368 -2.55 -47.04 14.80
CA ASP A 368 -1.97 -48.35 15.08
C ASP A 368 -1.39 -48.85 13.77
N GLY A 369 -0.12 -49.27 13.78
CA GLY A 369 0.52 -49.74 12.56
C GLY A 369 0.98 -48.61 11.67
N PHE A 370 0.91 -47.39 12.19
CA PHE A 370 1.31 -46.18 11.44
C PHE A 370 1.72 -45.16 12.49
N GLU A 371 2.70 -45.55 13.32
CA GLU A 371 3.20 -44.72 14.41
C GLU A 371 4.05 -43.51 14.04
N ASP A 372 4.90 -43.68 13.02
CA ASP A 372 5.74 -42.58 12.55
C ASP A 372 6.16 -42.83 11.10
N ILE A 373 7.10 -42.03 10.60
CA ILE A 373 7.51 -42.19 9.22
C ILE A 373 8.23 -43.49 8.84
N THR A 374 8.61 -44.30 9.84
CA THR A 374 9.26 -45.57 9.51
C THR A 374 8.25 -46.50 8.86
N ASP A 375 6.97 -46.22 9.06
CA ASP A 375 5.90 -47.03 8.48
C ASP A 375 5.44 -46.62 7.08
N LEU A 376 6.04 -45.57 6.53
CA LEU A 376 5.64 -45.08 5.20
C LEU A 376 5.72 -46.10 4.06
N PRO A 377 6.70 -47.02 4.10
CA PRO A 377 6.79 -48.00 3.00
C PRO A 377 5.52 -48.83 2.83
N LYS A 378 4.75 -48.97 3.91
CA LYS A 378 3.51 -49.74 3.87
C LYS A 378 2.51 -49.14 2.89
N ILE A 379 2.57 -47.82 2.73
CA ILE A 379 1.66 -47.14 1.81
C ILE A 379 1.94 -47.57 0.38
N THR A 380 3.21 -47.59 0.02
CA THR A 380 3.64 -48.00 -1.31
C THR A 380 3.26 -49.46 -1.58
N ALA A 381 3.41 -50.30 -0.56
CA ALA A 381 3.09 -51.71 -0.69
C ALA A 381 1.60 -51.89 -0.99
N ARG A 382 0.74 -51.23 -0.20
CA ARG A 382 -0.69 -51.33 -0.39
C ARG A 382 -1.14 -50.79 -1.76
N LEU A 383 -0.51 -49.71 -2.21
CA LEU A 383 -0.88 -49.13 -3.49
C LEU A 383 -0.63 -50.13 -4.61
N LYS A 384 0.52 -50.81 -4.56
CA LYS A 384 0.84 -51.81 -5.56
C LYS A 384 -0.18 -52.94 -5.42
N ALA A 385 -0.35 -53.42 -4.19
CA ALA A 385 -1.28 -54.50 -3.89
C ALA A 385 -2.69 -54.17 -4.35
N GLU A 386 -2.97 -52.88 -4.54
CA GLU A 386 -4.29 -52.45 -4.98
C GLU A 386 -4.33 -52.33 -6.50
N GLY A 387 -3.18 -52.50 -7.14
CA GLY A 387 -3.14 -52.44 -8.59
C GLY A 387 -2.66 -51.15 -9.23
N TYR A 388 -2.15 -50.21 -8.44
CA TYR A 388 -1.68 -48.96 -8.99
C TYR A 388 -0.29 -49.09 -9.60
N SER A 389 -0.10 -48.50 -10.78
CA SER A 389 1.16 -48.56 -11.48
C SER A 389 2.20 -47.75 -10.72
N ASP A 390 3.46 -47.84 -11.16
CA ASP A 390 4.53 -47.09 -10.50
C ASP A 390 4.34 -45.61 -10.81
N ALA A 391 3.86 -45.31 -12.02
CA ALA A 391 3.63 -43.93 -12.42
C ALA A 391 2.67 -43.27 -11.44
N ASP A 392 1.56 -43.93 -11.14
CA ASP A 392 0.57 -43.38 -10.21
C ASP A 392 1.12 -43.27 -8.81
N ILE A 393 1.90 -44.26 -8.39
CA ILE A 393 2.50 -44.23 -7.06
C ILE A 393 3.47 -43.06 -6.97
N GLU A 394 4.22 -42.83 -8.04
CA GLU A 394 5.19 -41.74 -8.08
C GLU A 394 4.45 -40.40 -8.00
N ALA A 395 3.32 -40.31 -8.69
CA ALA A 395 2.51 -39.10 -8.69
C ALA A 395 2.00 -38.82 -7.28
N ILE A 396 1.52 -39.87 -6.62
CA ILE A 396 1.01 -39.76 -5.26
C ILE A 396 2.08 -39.37 -4.25
N TRP A 397 3.28 -39.94 -4.38
CA TRP A 397 4.35 -39.64 -3.45
C TRP A 397 5.04 -38.30 -3.62
N SER A 398 4.95 -37.71 -4.82
CA SER A 398 5.58 -36.41 -5.03
C SER A 398 5.20 -35.72 -6.34
N GLY A 399 5.01 -36.51 -7.39
CA GLY A 399 4.67 -35.95 -8.68
C GLY A 399 3.55 -34.92 -8.70
N ASN A 400 2.43 -35.26 -8.07
CA ASN A 400 1.30 -34.34 -8.05
C ASN A 400 1.63 -33.03 -7.32
N VAL A 401 2.25 -33.14 -6.16
CA VAL A 401 2.61 -31.94 -5.41
C VAL A 401 3.58 -31.06 -6.20
N LEU A 402 4.63 -31.68 -6.75
CA LEU A 402 5.61 -30.91 -7.51
C LEU A 402 4.99 -30.27 -8.73
N ARG A 403 3.99 -30.93 -9.32
CA ARG A 403 3.31 -30.37 -10.48
C ARG A 403 2.53 -29.11 -10.06
N ILE A 404 1.92 -29.17 -8.89
CA ILE A 404 1.15 -28.04 -8.36
C ILE A 404 2.10 -26.87 -8.07
N VAL A 405 3.25 -27.18 -7.47
CA VAL A 405 4.25 -26.17 -7.17
C VAL A 405 4.68 -25.50 -8.48
N ASP A 406 4.99 -26.32 -9.49
CA ASP A 406 5.41 -25.79 -10.80
C ASP A 406 4.37 -24.84 -11.37
N ALA A 407 3.11 -25.26 -11.35
CA ALA A 407 2.01 -24.45 -11.88
C ALA A 407 1.87 -23.11 -11.16
N ALA A 408 1.97 -23.14 -9.84
CA ALA A 408 1.85 -21.91 -9.05
C ALA A 408 2.97 -20.94 -9.42
N GLN A 409 4.20 -21.44 -9.48
CA GLN A 409 5.34 -20.62 -9.81
C GLN A 409 5.37 -20.21 -11.29
N ALA A 410 4.74 -21.02 -12.14
CA ALA A 410 4.69 -20.71 -13.56
C ALA A 410 3.76 -19.51 -13.74
N TYR A 411 2.65 -19.51 -13.02
CA TYR A 411 1.73 -18.40 -13.12
C TYR A 411 2.41 -17.12 -12.63
N ALA A 412 3.10 -17.22 -11.50
CA ALA A 412 3.80 -16.07 -10.94
C ALA A 412 4.76 -15.47 -11.96
N LYS A 413 5.53 -16.34 -12.62
CA LYS A 413 6.49 -15.90 -13.61
C LYS A 413 5.79 -15.21 -14.78
N SER A 414 4.63 -15.74 -15.17
CA SER A 414 3.88 -15.17 -16.29
C SER A 414 3.40 -13.73 -16.08
N VAL A 415 3.42 -13.26 -14.83
CA VAL A 415 2.98 -11.89 -14.57
C VAL A 415 4.08 -11.01 -13.99
N SER B 37 54.42 -10.85 18.48
CA SER B 37 55.21 -11.07 19.72
C SER B 37 54.49 -12.02 20.68
N LYS B 38 55.10 -13.18 20.95
CA LYS B 38 54.48 -14.14 21.87
C LYS B 38 54.32 -13.55 23.26
N ALA B 39 55.17 -12.59 23.60
CA ALA B 39 55.09 -11.95 24.91
C ALA B 39 53.83 -11.11 24.97
N ASP B 40 53.55 -10.40 23.87
CA ASP B 40 52.37 -9.57 23.80
C ASP B 40 51.11 -10.44 23.85
N LYS B 41 51.10 -11.51 23.07
CA LYS B 41 49.96 -12.42 23.02
C LYS B 41 49.66 -13.02 24.39
N ALA B 42 50.71 -13.29 25.17
CA ALA B 42 50.54 -13.87 26.50
C ALA B 42 49.77 -12.91 27.40
N LEU B 43 50.19 -11.64 27.40
CA LEU B 43 49.53 -10.64 28.20
C LEU B 43 48.09 -10.48 27.71
N HIS B 44 47.97 -10.19 26.42
CA HIS B 44 46.68 -10.00 25.76
C HIS B 44 45.71 -11.14 26.05
N ASP B 45 46.21 -12.37 25.96
CA ASP B 45 45.41 -13.56 26.20
C ASP B 45 44.78 -13.62 27.58
N LYS B 46 45.29 -12.83 28.52
CA LYS B 46 44.76 -12.83 29.89
C LYS B 46 43.45 -12.08 30.02
N PHE B 47 43.12 -11.25 29.03
CA PHE B 47 41.89 -10.47 29.09
C PHE B 47 40.75 -10.97 28.20
N LEU B 48 39.52 -10.72 28.64
CA LEU B 48 38.32 -11.08 27.89
C LEU B 48 38.13 -9.91 26.93
N THR B 49 38.28 -10.18 25.64
CA THR B 49 38.17 -9.11 24.66
C THR B 49 36.91 -9.12 23.79
N LEU B 50 36.45 -7.93 23.42
CA LEU B 50 35.29 -7.79 22.56
C LEU B 50 35.35 -6.46 21.84
N ASP B 51 34.84 -6.45 20.61
CA ASP B 51 34.79 -5.25 19.80
C ASP B 51 33.30 -4.96 19.60
N THR B 52 32.90 -3.71 19.75
CA THR B 52 31.50 -3.34 19.66
C THR B 52 30.94 -3.05 18.26
N HIS B 53 31.70 -3.32 17.21
CA HIS B 53 31.20 -3.04 15.88
C HIS B 53 31.83 -3.88 14.76
N LEU B 54 31.58 -5.18 14.81
CA LEU B 54 32.12 -6.09 13.80
C LEU B 54 31.14 -6.13 12.62
N ASP B 55 31.52 -5.48 11.53
CA ASP B 55 30.68 -5.43 10.33
C ASP B 55 30.79 -6.70 9.49
N THR B 56 31.50 -7.68 10.03
CA THR B 56 31.71 -8.96 9.37
C THR B 56 30.47 -9.62 8.73
N PRO B 57 29.29 -9.48 9.35
CA PRO B 57 28.10 -10.10 8.76
C PRO B 57 27.87 -9.77 7.29
N ALA B 58 28.45 -8.65 6.83
CA ALA B 58 28.30 -8.25 5.43
C ALA B 58 28.91 -9.29 4.50
N HIS B 59 29.80 -10.14 5.03
CA HIS B 59 30.46 -11.19 4.24
C HIS B 59 29.75 -12.52 4.29
N PHE B 60 28.88 -12.70 5.27
CA PHE B 60 28.19 -13.98 5.45
C PHE B 60 27.41 -14.46 4.24
N GLY B 61 26.80 -13.54 3.50
CA GLY B 61 26.01 -13.92 2.34
C GLY B 61 26.83 -14.13 1.08
N ARG B 62 28.13 -13.92 1.16
CA ARG B 62 29.01 -14.10 0.00
C ARG B 62 29.10 -15.60 -0.33
N PRO B 63 28.91 -15.97 -1.60
CA PRO B 63 28.97 -17.36 -2.05
C PRO B 63 30.21 -18.12 -1.57
N GLY B 64 29.98 -19.16 -0.78
CA GLY B 64 31.08 -19.97 -0.28
C GLY B 64 31.89 -19.40 0.86
N TRP B 65 31.66 -18.15 1.23
CA TRP B 65 32.43 -17.55 2.31
C TRP B 65 32.13 -18.30 3.61
N ASP B 66 33.17 -18.62 4.37
CA ASP B 66 33.01 -19.34 5.62
C ASP B 66 33.89 -18.71 6.70
N ILE B 67 33.27 -18.30 7.80
CA ILE B 67 33.99 -17.67 8.89
C ILE B 67 35.02 -18.61 9.53
N ALA B 68 34.87 -19.91 9.28
CA ALA B 68 35.81 -20.89 9.84
C ALA B 68 37.14 -20.87 9.10
N ASP B 69 37.12 -20.42 7.84
CA ASP B 69 38.33 -20.35 7.03
C ASP B 69 39.20 -19.15 7.39
N HIS B 70 40.49 -19.25 7.05
CA HIS B 70 41.43 -18.16 7.29
C HIS B 70 41.49 -17.35 6.01
N HIS B 71 41.38 -16.04 6.13
CA HIS B 71 41.41 -15.16 4.97
C HIS B 71 42.49 -14.11 5.10
N GLU B 72 42.84 -13.48 3.98
CA GLU B 72 43.84 -12.42 3.93
C GLU B 72 43.13 -11.16 3.49
N VAL B 73 43.23 -10.10 4.29
CA VAL B 73 42.58 -8.85 3.95
C VAL B 73 42.92 -8.41 2.53
N GLU B 74 44.16 -8.68 2.12
CA GLU B 74 44.65 -8.31 0.80
C GLU B 74 43.96 -9.06 -0.34
N HIS B 75 43.52 -10.29 -0.06
CA HIS B 75 42.88 -11.11 -1.09
C HIS B 75 41.37 -11.23 -0.95
N ASP B 76 40.88 -11.18 0.28
CA ASP B 76 39.46 -11.36 0.56
C ASP B 76 38.73 -10.09 1.02
N PHE B 77 39.50 -9.07 1.37
CA PHE B 77 38.93 -7.80 1.84
C PHE B 77 38.36 -7.92 3.24
N SER B 78 38.34 -9.14 3.77
CA SER B 78 37.82 -9.38 5.11
C SER B 78 38.90 -9.15 6.16
N GLN B 79 38.48 -8.72 7.35
CA GLN B 79 39.40 -8.46 8.45
C GLN B 79 39.07 -9.32 9.67
N VAL B 80 38.05 -10.16 9.55
CA VAL B 80 37.62 -11.01 10.65
C VAL B 80 37.19 -12.42 10.24
N ASP B 81 37.67 -13.40 10.99
CA ASP B 81 37.31 -14.82 10.81
C ASP B 81 37.80 -15.55 12.05
N LEU B 82 37.35 -16.79 12.24
CA LEU B 82 37.72 -17.56 13.41
C LEU B 82 39.23 -17.69 13.63
N PRO B 83 39.97 -18.15 12.61
CA PRO B 83 41.42 -18.29 12.76
C PRO B 83 42.09 -17.00 13.23
N ARG B 84 41.72 -15.88 12.62
CA ARG B 84 42.31 -14.61 13.01
C ARG B 84 41.80 -14.10 14.35
N MET B 85 40.60 -14.54 14.77
CA MET B 85 40.09 -14.14 16.06
C MET B 85 40.97 -14.82 17.11
N ASN B 86 41.37 -16.05 16.80
CA ASN B 86 42.22 -16.81 17.71
C ASN B 86 43.63 -16.22 17.74
N GLN B 87 44.15 -15.91 16.55
CA GLN B 87 45.48 -15.33 16.42
C GLN B 87 45.56 -13.96 17.07
N GLY B 88 44.49 -13.18 16.93
CA GLY B 88 44.47 -11.84 17.49
C GLY B 88 43.94 -11.80 18.91
N GLY B 89 43.50 -12.95 19.42
CA GLY B 89 42.99 -13.01 20.77
C GLY B 89 41.69 -12.26 20.98
N LEU B 90 40.82 -12.28 19.97
CA LEU B 90 39.51 -11.61 20.09
C LEU B 90 38.52 -12.66 20.55
N ASP B 91 37.95 -12.45 21.74
CA ASP B 91 37.03 -13.41 22.31
C ASP B 91 35.58 -13.31 21.82
N GLY B 92 35.21 -12.14 21.32
CA GLY B 92 33.85 -11.97 20.83
C GLY B 92 33.58 -10.53 20.43
N GLY B 93 32.31 -10.20 20.25
CA GLY B 93 31.96 -8.84 19.87
C GLY B 93 30.51 -8.72 19.41
N PHE B 94 30.14 -7.51 19.01
CA PHE B 94 28.79 -7.26 18.52
C PHE B 94 28.81 -7.35 17.01
N PHE B 95 28.13 -8.34 16.47
CA PHE B 95 28.05 -8.53 15.03
C PHE B 95 26.92 -7.66 14.51
N VAL B 96 27.31 -6.74 13.63
CA VAL B 96 26.41 -5.73 13.09
C VAL B 96 25.42 -6.07 11.98
N VAL B 97 24.20 -5.58 12.15
CA VAL B 97 23.15 -5.72 11.16
C VAL B 97 23.10 -4.27 10.65
N TYR B 98 23.72 -4.05 9.50
CA TYR B 98 23.82 -2.73 8.91
C TYR B 98 23.11 -2.56 7.59
N ILE B 99 22.54 -1.37 7.38
CA ILE B 99 21.89 -1.06 6.12
C ILE B 99 22.09 0.44 5.81
N GLY B 100 22.47 0.74 4.57
CA GLY B 100 22.67 2.12 4.15
C GLY B 100 21.33 2.85 4.11
N GLN B 101 21.36 4.17 4.28
CA GLN B 101 20.12 4.93 4.29
C GLN B 101 19.44 5.06 2.93
N GLY B 102 18.17 4.65 2.88
CA GLY B 102 17.39 4.74 1.66
C GLY B 102 16.23 5.71 1.80
N GLU B 103 15.19 5.49 1.02
CA GLU B 103 14.02 6.37 1.01
C GLU B 103 13.13 6.29 2.24
N LEU B 104 12.59 7.45 2.64
CA LEU B 104 11.69 7.51 3.77
C LEU B 104 10.29 7.42 3.18
N THR B 105 9.96 6.21 2.71
CA THR B 105 8.68 5.93 2.09
C THR B 105 8.25 4.53 2.51
N GLU B 106 6.97 4.21 2.30
CA GLU B 106 6.48 2.89 2.64
C GLU B 106 7.31 1.82 1.94
N LYS B 107 7.62 2.05 0.66
CA LYS B 107 8.42 1.10 -0.09
C LYS B 107 9.82 0.97 0.51
N GLY B 108 10.39 2.10 0.91
CA GLY B 108 11.71 2.06 1.51
C GLY B 108 11.71 1.31 2.83
N TYR B 109 10.69 1.57 3.66
CA TYR B 109 10.59 0.92 4.97
C TYR B 109 10.38 -0.60 4.87
N THR B 110 9.53 -1.03 3.93
CA THR B 110 9.30 -2.46 3.79
C THR B 110 10.59 -3.12 3.31
N TYR B 111 11.27 -2.48 2.36
CA TYR B 111 12.54 -2.98 1.86
C TYR B 111 13.55 -3.09 3.01
N ALA B 112 13.67 -2.02 3.78
CA ALA B 112 14.61 -1.98 4.90
C ALA B 112 14.31 -3.05 5.95
N ARG B 113 13.03 -3.22 6.28
CA ARG B 113 12.63 -4.23 7.24
C ARG B 113 13.10 -5.62 6.78
N ASP B 114 12.72 -5.98 5.56
CA ASP B 114 13.07 -7.28 5.01
C ASP B 114 14.59 -7.47 4.91
N TYR B 115 15.30 -6.43 4.50
CA TYR B 115 16.75 -6.51 4.37
C TYR B 115 17.42 -6.79 5.71
N ALA B 116 17.05 -6.02 6.73
CA ALA B 116 17.62 -6.19 8.06
C ALA B 116 17.24 -7.54 8.65
N LEU B 117 16.01 -7.99 8.41
CA LEU B 117 15.61 -9.30 8.90
C LEU B 117 16.51 -10.37 8.27
N HIS B 118 16.77 -10.24 6.98
CA HIS B 118 17.60 -11.23 6.29
C HIS B 118 19.04 -11.21 6.80
N ARG B 119 19.57 -10.01 7.06
CA ARG B 119 20.94 -9.90 7.54
C ARG B 119 21.03 -10.53 8.92
N THR B 120 20.00 -10.32 9.74
CA THR B 120 19.93 -10.89 11.08
C THR B 120 19.91 -12.41 10.96
N ILE B 121 19.14 -12.90 10.01
CA ILE B 121 19.04 -14.33 9.77
C ILE B 121 20.40 -14.90 9.33
N GLU B 122 21.13 -14.15 8.50
CA GLU B 122 22.45 -14.63 8.06
C GLU B 122 23.35 -14.83 9.27
N ILE B 123 23.28 -13.91 10.23
CA ILE B 123 24.08 -14.04 11.44
C ILE B 123 23.68 -15.31 12.19
N ARG B 124 22.38 -15.52 12.34
CA ARG B 124 21.89 -16.70 13.06
C ARG B 124 22.26 -17.99 12.31
N GLU B 125 22.39 -17.92 10.99
CA GLU B 125 22.76 -19.08 10.19
C GLU B 125 24.24 -19.39 10.44
N MET B 126 25.08 -18.35 10.52
CA MET B 126 26.51 -18.55 10.79
C MET B 126 26.65 -19.28 12.12
N LEU B 127 25.93 -18.79 13.13
CA LEU B 127 25.96 -19.39 14.45
C LEU B 127 25.46 -20.83 14.44
N ALA B 128 24.43 -21.11 13.64
CA ALA B 128 23.88 -22.46 13.56
C ALA B 128 24.86 -23.40 12.85
N ALA B 129 25.67 -22.85 11.93
CA ALA B 129 26.64 -23.64 11.19
C ALA B 129 27.95 -23.86 11.95
N ASN B 130 28.15 -23.12 13.04
CA ASN B 130 29.39 -23.24 13.82
C ASN B 130 29.12 -23.32 15.32
N PRO B 131 28.31 -24.30 15.74
CA PRO B 131 27.94 -24.51 17.14
C PRO B 131 29.08 -24.84 18.10
N ASP B 132 30.16 -25.42 17.59
CA ASP B 132 31.28 -25.79 18.46
C ASP B 132 32.29 -24.67 18.70
N THR B 133 32.24 -23.64 17.87
CA THR B 133 33.18 -22.53 18.01
C THR B 133 32.54 -21.17 18.32
N PHE B 134 31.24 -21.06 18.09
CA PHE B 134 30.51 -19.81 18.32
C PHE B 134 29.19 -20.04 19.06
N GLU B 135 28.68 -18.97 19.67
CA GLU B 135 27.40 -19.02 20.36
C GLU B 135 26.90 -17.59 20.57
N MET B 136 25.61 -17.38 20.36
CA MET B 136 25.05 -16.05 20.54
C MET B 136 25.01 -15.72 22.02
N ALA B 137 25.29 -14.46 22.35
CA ALA B 137 25.25 -14.00 23.71
C ALA B 137 24.15 -12.94 23.78
N LEU B 138 23.35 -12.99 24.84
CA LEU B 138 22.27 -12.03 25.04
C LEU B 138 22.59 -11.19 26.27
N THR B 139 23.31 -11.78 27.21
CA THR B 139 23.69 -11.12 28.46
C THR B 139 25.20 -11.21 28.69
N SER B 140 25.71 -10.46 29.67
CA SER B 140 27.14 -10.50 29.98
C SER B 140 27.47 -11.89 30.54
N ASP B 141 26.54 -12.49 31.28
CA ASP B 141 26.77 -13.83 31.83
C ASP B 141 26.94 -14.81 30.68
N ASP B 142 26.17 -14.61 29.60
CA ASP B 142 26.30 -15.49 28.44
C ASP B 142 27.71 -15.38 27.89
N ALA B 143 28.18 -14.15 27.75
CA ALA B 143 29.51 -13.89 27.21
C ALA B 143 30.59 -14.61 28.01
N ARG B 144 30.57 -14.43 29.33
CA ARG B 144 31.55 -15.08 30.19
C ARG B 144 31.42 -16.59 30.15
N ARG B 145 30.19 -17.10 30.18
CA ARG B 145 29.97 -18.55 30.13
C ARG B 145 30.50 -19.11 28.82
N ILE B 146 30.17 -18.45 27.72
CA ILE B 146 30.62 -18.90 26.41
C ILE B 146 32.14 -18.87 26.33
N ALA B 147 32.74 -17.81 26.85
CA ALA B 147 34.20 -17.67 26.85
C ALA B 147 34.86 -18.83 27.61
N LYS B 148 34.35 -19.13 28.79
CA LYS B 148 34.90 -20.20 29.60
C LYS B 148 34.83 -21.55 28.89
N ALA B 149 33.79 -21.73 28.08
CA ALA B 149 33.63 -22.97 27.34
C ALA B 149 34.56 -23.03 26.13
N GLY B 150 35.32 -21.96 25.93
CA GLY B 150 36.25 -21.92 24.81
C GLY B 150 35.63 -21.54 23.47
N LYS B 151 34.45 -20.91 23.50
CA LYS B 151 33.80 -20.50 22.27
C LYS B 151 33.79 -18.97 22.14
N LYS B 152 33.62 -18.48 20.92
CA LYS B 152 33.56 -17.05 20.67
C LYS B 152 32.11 -16.63 20.90
N PHE B 153 31.89 -15.51 21.59
CA PHE B 153 30.53 -15.05 21.83
C PHE B 153 30.13 -14.00 20.82
N ALA B 154 28.89 -14.07 20.37
CA ALA B 154 28.39 -13.11 19.40
C ALA B 154 27.12 -12.41 19.85
N PHE B 155 27.23 -11.11 20.12
CA PHE B 155 26.09 -10.28 20.47
C PHE B 155 25.62 -9.76 19.12
N VAL B 156 24.40 -9.24 19.06
CA VAL B 156 23.86 -8.71 17.81
C VAL B 156 23.56 -7.24 17.99
N SER B 157 24.04 -6.42 17.06
CA SER B 157 23.80 -4.99 17.12
C SER B 157 23.20 -4.51 15.80
N MET B 158 22.63 -3.30 15.81
CA MET B 158 22.03 -2.71 14.61
C MET B 158 22.64 -1.35 14.33
N GLU B 159 23.02 -1.11 13.07
CA GLU B 159 23.56 0.17 12.67
C GLU B 159 22.58 0.69 11.63
N ASN B 160 21.89 1.78 12.01
CA ASN B 160 20.83 2.43 11.24
C ASN B 160 19.55 1.67 11.56
N SER B 161 18.63 2.34 12.27
CA SER B 161 17.36 1.70 12.61
C SER B 161 16.25 2.05 11.63
N TRP B 162 16.66 2.55 10.47
CA TRP B 162 15.73 2.84 9.39
C TRP B 162 14.76 1.67 9.17
N PRO B 163 15.23 0.42 9.38
CA PRO B 163 14.38 -0.77 9.19
C PRO B 163 13.09 -0.86 10.03
N VAL B 164 12.99 -0.09 11.11
CA VAL B 164 11.77 -0.16 11.91
C VAL B 164 10.64 0.63 11.28
N GLY B 165 10.97 1.43 10.26
CA GLY B 165 9.95 2.22 9.58
C GLY B 165 9.19 3.08 10.57
N GLU B 166 7.86 3.00 10.51
CA GLU B 166 7.00 3.76 11.43
C GLU B 166 6.40 2.79 12.43
N ASP B 167 6.85 1.54 12.39
CA ASP B 167 6.33 0.49 13.27
C ASP B 167 7.34 0.14 14.35
N LEU B 168 7.24 0.81 15.50
CA LEU B 168 8.17 0.55 16.60
C LEU B 168 8.08 -0.85 17.20
N SER B 169 7.02 -1.60 16.90
CA SER B 169 6.91 -2.96 17.42
C SER B 169 8.04 -3.80 16.79
N LEU B 170 8.62 -3.33 15.69
CA LEU B 170 9.70 -4.07 15.04
C LEU B 170 10.96 -4.08 15.88
N VAL B 171 11.11 -3.09 16.77
CA VAL B 171 12.28 -3.08 17.64
C VAL B 171 12.27 -4.38 18.45
N GLU B 172 11.11 -4.74 18.99
CA GLU B 172 11.01 -5.97 19.77
C GLU B 172 11.18 -7.19 18.87
N THR B 173 10.75 -7.09 17.63
CA THR B 173 10.92 -8.21 16.69
C THR B 173 12.41 -8.54 16.60
N PHE B 174 13.23 -7.52 16.39
CA PHE B 174 14.69 -7.73 16.30
C PHE B 174 15.26 -8.16 17.66
N TYR B 175 14.69 -7.61 18.73
CA TYR B 175 15.12 -7.98 20.08
C TYR B 175 14.92 -9.48 20.29
N LYS B 176 13.75 -9.98 19.87
CA LYS B 176 13.44 -11.41 20.01
C LYS B 176 14.42 -12.28 19.23
N GLU B 177 15.04 -11.73 18.20
CA GLU B 177 15.99 -12.52 17.42
C GLU B 177 17.44 -12.28 17.85
N GLY B 178 17.63 -11.55 18.95
CA GLY B 178 18.97 -11.32 19.45
C GLY B 178 19.50 -9.90 19.60
N LEU B 179 18.84 -8.92 19.00
CA LEU B 179 19.31 -7.54 19.07
C LEU B 179 19.49 -7.03 20.49
N ARG B 180 20.68 -6.51 20.80
CA ARG B 180 20.97 -5.99 22.14
C ARG B 180 21.65 -4.63 22.17
N MET B 181 21.96 -4.08 21.00
CA MET B 181 22.58 -2.76 20.87
C MET B 181 22.10 -2.19 19.54
N ALA B 182 21.67 -0.93 19.53
CA ALA B 182 21.19 -0.34 18.28
C ALA B 182 21.39 1.16 18.16
N GLY B 183 21.79 1.59 16.97
CA GLY B 183 21.95 3.01 16.70
C GLY B 183 20.76 3.44 15.88
N PRO B 184 20.20 4.64 16.14
CA PRO B 184 19.05 5.07 15.36
C PRO B 184 19.32 5.47 13.91
N VAL B 185 20.52 5.97 13.64
CA VAL B 185 20.81 6.48 12.31
C VAL B 185 22.22 6.19 11.79
N HIS B 186 22.39 6.34 10.48
CA HIS B 186 23.70 6.13 9.85
C HIS B 186 24.19 7.44 9.23
N PHE B 187 24.66 7.39 7.98
CA PHE B 187 25.22 8.57 7.31
C PHE B 187 24.28 9.73 6.98
N ARG B 188 23.00 9.43 6.77
CA ARG B 188 22.02 10.47 6.46
C ARG B 188 20.86 10.44 7.46
N ASN B 189 20.13 11.55 7.56
CA ASN B 189 19.01 11.60 8.48
C ASN B 189 17.97 10.54 8.07
N ASN B 190 17.17 10.07 9.01
CA ASN B 190 16.11 9.15 8.65
C ASN B 190 14.84 9.58 9.41
N GLN B 191 13.85 8.70 9.48
CA GLN B 191 12.60 9.05 10.16
C GLN B 191 12.74 9.12 11.68
N LEU B 192 13.86 8.64 12.21
CA LEU B 192 14.08 8.63 13.66
C LEU B 192 14.96 9.75 14.21
N ALA B 193 16.00 10.13 13.48
CA ALA B 193 16.92 11.16 13.99
C ALA B 193 17.84 11.77 12.95
N ASP B 194 18.52 12.83 13.36
CA ASP B 194 19.49 13.51 12.49
C ASP B 194 20.81 12.76 12.55
N SER B 195 21.50 12.76 11.42
CA SER B 195 22.82 12.15 11.32
C SER B 195 23.82 13.29 11.54
N SER B 196 25.04 12.96 11.92
CA SER B 196 26.07 13.98 12.11
C SER B 196 26.69 14.36 10.76
N THR B 197 26.46 13.53 9.75
CA THR B 197 27.03 13.75 8.43
C THR B 197 26.09 13.99 7.24
N ASP B 198 24.81 14.29 7.47
CA ASP B 198 23.93 14.53 6.34
C ASP B 198 24.25 15.84 5.62
N PRO B 199 24.58 15.77 4.32
CA PRO B 199 24.91 16.94 3.50
C PRO B 199 23.82 18.00 3.44
N LYS B 200 22.57 17.59 3.67
CA LYS B 200 21.44 18.51 3.62
C LYS B 200 21.20 19.22 4.95
N GLY B 201 21.98 18.85 5.97
CA GLY B 201 21.80 19.47 7.27
C GLY B 201 20.83 18.72 8.16
N LYS B 202 20.40 19.37 9.24
CA LYS B 202 19.47 18.79 10.19
C LYS B 202 18.02 18.94 9.76
N ILE B 203 17.16 18.06 10.25
CA ILE B 203 15.74 18.15 9.95
C ILE B 203 14.91 18.02 11.24
N TRP B 204 15.45 17.29 12.23
CA TRP B 204 14.75 17.09 13.51
C TRP B 204 15.40 17.83 14.68
N ASN B 205 16.65 18.27 14.51
CA ASN B 205 17.40 18.92 15.59
C ASN B 205 17.52 17.91 16.71
N GLY B 206 17.88 16.69 16.32
CA GLY B 206 18.01 15.59 17.27
C GLY B 206 17.13 14.45 16.82
N TYR B 207 16.31 13.95 17.74
CA TYR B 207 15.38 12.86 17.46
C TYR B 207 14.08 13.47 16.95
N SER B 208 13.39 12.75 16.06
CA SER B 208 12.09 13.18 15.58
C SER B 208 11.15 12.71 16.69
N PRO B 209 9.87 13.10 16.62
CA PRO B 209 8.97 12.63 17.69
C PRO B 209 8.93 11.09 17.70
N LEU B 210 8.98 10.49 16.51
CA LEU B 210 8.98 9.02 16.41
C LEU B 210 10.26 8.48 17.04
N GLY B 211 11.36 9.19 16.82
CA GLY B 211 12.65 8.78 17.37
C GLY B 211 12.68 8.80 18.89
N LEU B 212 11.98 9.76 19.50
CA LEU B 212 11.93 9.82 20.96
C LEU B 212 11.20 8.58 21.45
N ARG B 213 10.17 8.16 20.73
CA ARG B 213 9.42 6.97 21.11
C ARG B 213 10.31 5.74 20.90
N TRP B 214 11.16 5.80 19.88
CA TRP B 214 12.07 4.69 19.61
C TRP B 214 13.06 4.57 20.79
N LEU B 215 13.57 5.71 21.25
CA LEU B 215 14.51 5.70 22.37
C LEU B 215 13.83 5.09 23.60
N ALA B 216 12.58 5.45 23.83
CA ALA B 216 11.83 4.92 24.96
C ALA B 216 11.66 3.41 24.84
N GLU B 217 11.41 2.92 23.63
CA GLU B 217 11.22 1.49 23.43
C GLU B 217 12.54 0.72 23.60
N ALA B 218 13.64 1.29 23.13
CA ALA B 218 14.94 0.65 23.28
C ALA B 218 15.23 0.52 24.79
N ASN B 219 14.95 1.59 25.52
CA ASN B 219 15.16 1.58 26.97
C ASN B 219 14.29 0.51 27.62
N ARG B 220 13.01 0.46 27.24
CA ARG B 220 12.09 -0.51 27.80
C ARG B 220 12.52 -1.95 27.58
N LEU B 221 12.98 -2.24 26.37
CA LEU B 221 13.40 -3.60 26.04
C LEU B 221 14.76 -3.97 26.63
N GLY B 222 15.59 -2.96 26.86
CA GLY B 222 16.91 -3.22 27.42
C GLY B 222 18.00 -3.24 26.34
N ILE B 223 17.75 -2.53 25.26
CA ILE B 223 18.72 -2.46 24.16
C ILE B 223 19.64 -1.28 24.39
N VAL B 224 20.96 -1.50 24.29
CA VAL B 224 21.90 -0.40 24.48
C VAL B 224 21.83 0.56 23.30
N ILE B 225 21.64 1.84 23.58
CA ILE B 225 21.57 2.86 22.54
C ILE B 225 22.95 3.27 22.06
N ASP B 226 23.14 3.23 20.74
CA ASP B 226 24.42 3.56 20.11
C ASP B 226 24.34 4.90 19.35
N VAL B 227 25.07 5.92 19.83
CA VAL B 227 25.04 7.23 19.18
C VAL B 227 26.05 7.48 18.06
N SER B 228 26.88 6.49 17.74
CA SER B 228 27.85 6.67 16.66
C SER B 228 27.05 6.90 15.37
N HIS B 229 27.38 7.97 14.64
CA HIS B 229 26.72 8.40 13.40
C HIS B 229 25.64 9.44 13.64
N ALA B 230 25.10 9.48 14.86
CA ALA B 230 24.05 10.44 15.20
C ALA B 230 24.63 11.84 15.43
N SER B 231 23.80 12.86 15.24
CA SER B 231 24.23 14.24 15.43
C SER B 231 24.46 14.55 16.92
N ASP B 232 25.13 15.67 17.20
CA ASP B 232 25.39 16.04 18.57
C ASP B 232 24.07 16.24 19.32
N ASP B 233 23.05 16.74 18.62
CA ASP B 233 21.74 16.93 19.26
C ASP B 233 21.21 15.58 19.75
N VAL B 234 21.41 14.55 18.95
CA VAL B 234 20.95 13.21 19.35
C VAL B 234 21.72 12.75 20.56
N VAL B 235 23.03 13.03 20.58
CA VAL B 235 23.86 12.65 21.72
C VAL B 235 23.32 13.34 22.97
N ASP B 236 23.10 14.64 22.89
CA ASP B 236 22.61 15.40 24.03
C ASP B 236 21.27 14.91 24.53
N GLN B 237 20.36 14.63 23.60
CA GLN B 237 19.05 14.14 23.97
C GLN B 237 19.11 12.73 24.52
N SER B 238 20.02 11.91 23.99
CA SER B 238 20.15 10.54 24.46
C SER B 238 20.60 10.51 25.92
N VAL B 239 21.61 11.33 26.24
CA VAL B 239 22.10 11.38 27.62
C VAL B 239 21.02 11.96 28.54
N ALA B 240 20.35 13.00 28.08
CA ALA B 240 19.31 13.63 28.88
C ALA B 240 18.06 12.78 29.11
N LEU B 241 17.67 12.00 28.09
CA LEU B 241 16.45 11.20 28.18
C LEU B 241 16.58 9.71 28.46
N SER B 242 17.68 9.09 28.04
CA SER B 242 17.81 7.65 28.24
C SER B 242 17.78 7.26 29.71
N LYS B 243 17.08 6.17 30.01
CA LYS B 243 16.96 5.66 31.38
C LYS B 243 18.18 4.81 31.72
N ALA B 244 19.02 4.58 30.73
CA ALA B 244 20.22 3.75 30.92
C ALA B 244 21.42 4.37 30.23
N PRO B 245 22.63 3.88 30.58
CA PRO B 245 23.86 4.39 29.98
C PRO B 245 23.84 4.09 28.47
N ILE B 246 24.43 4.98 27.68
CA ILE B 246 24.48 4.77 26.24
C ILE B 246 25.91 4.53 25.80
N ILE B 247 26.11 4.29 24.51
CA ILE B 247 27.44 4.02 24.01
C ILE B 247 27.66 4.60 22.61
N ALA B 248 28.92 4.68 22.22
CA ALA B 248 29.30 5.14 20.89
C ALA B 248 30.09 3.92 20.44
N SER B 249 29.44 3.04 19.70
CA SER B 249 30.03 1.77 19.25
C SER B 249 31.31 1.88 18.44
N HIS B 250 31.50 3.02 17.79
CA HIS B 250 32.72 3.25 17.01
C HIS B 250 32.87 4.72 16.66
N SER B 251 33.50 5.45 17.57
CA SER B 251 33.72 6.88 17.40
C SER B 251 35.10 7.32 17.90
N GLY B 252 35.39 8.61 17.75
CA GLY B 252 36.66 9.14 18.19
C GLY B 252 36.55 10.55 18.75
N PRO B 253 37.69 11.14 19.15
CA PRO B 253 37.70 12.50 19.71
C PRO B 253 38.02 13.59 18.70
N LYS B 254 37.19 14.63 18.67
CA LYS B 254 37.43 15.74 17.75
C LYS B 254 38.78 16.37 18.07
N ALA B 255 39.21 16.25 19.33
CA ALA B 255 40.49 16.81 19.77
C ALA B 255 41.66 16.28 18.95
N VAL B 256 41.57 15.02 18.52
CA VAL B 256 42.64 14.44 17.72
C VAL B 256 42.40 14.72 16.23
N TYR B 257 41.14 14.63 15.81
CA TYR B 257 40.80 14.91 14.42
C TYR B 257 39.40 15.51 14.38
N ASP B 258 39.31 16.75 13.89
CA ASP B 258 38.04 17.44 13.82
C ASP B 258 37.17 17.00 12.64
N HIS B 259 36.26 16.08 12.93
CA HIS B 259 35.35 15.54 11.94
C HIS B 259 34.00 15.34 12.63
N PRO B 260 32.88 15.59 11.92
CA PRO B 260 31.53 15.44 12.50
C PRO B 260 31.30 14.07 13.11
N ARG B 261 32.06 13.10 12.61
CA ARG B 261 31.96 11.73 13.05
C ARG B 261 32.61 11.48 14.42
N ASN B 262 33.30 12.50 14.92
CA ASN B 262 33.95 12.41 16.23
C ASN B 262 33.25 13.31 17.23
N LEU B 263 33.58 13.13 18.51
CA LEU B 263 32.96 13.91 19.58
C LEU B 263 33.92 14.86 20.30
N ASP B 264 33.39 16.01 20.70
CA ASP B 264 34.17 17.00 21.44
C ASP B 264 34.35 16.47 22.87
N ASP B 265 35.33 17.00 23.60
CA ASP B 265 35.60 16.53 24.95
C ASP B 265 34.40 16.61 25.88
N ALA B 266 33.63 17.71 25.78
CA ALA B 266 32.47 17.88 26.63
C ALA B 266 31.47 16.74 26.48
N ARG B 267 31.20 16.33 25.24
CA ARG B 267 30.26 15.24 25.03
C ARG B 267 30.85 13.90 25.43
N LEU B 268 32.16 13.74 25.26
CA LEU B 268 32.81 12.50 25.67
C LEU B 268 32.60 12.31 27.18
N LYS B 269 32.86 13.38 27.92
CA LYS B 269 32.70 13.35 29.37
C LYS B 269 31.24 13.15 29.78
N LYS B 270 30.33 13.81 29.07
CA LYS B 270 28.90 13.71 29.36
C LYS B 270 28.46 12.25 29.28
N ILE B 271 28.85 11.58 28.20
CA ILE B 271 28.50 10.18 28.00
C ILE B 271 29.10 9.33 29.13
N ALA B 272 30.37 9.57 29.42
CA ALA B 272 31.05 8.81 30.48
C ALA B 272 30.44 9.07 31.86
N ASP B 273 30.16 10.33 32.17
CA ASP B 273 29.58 10.67 33.47
C ASP B 273 28.20 10.05 33.68
N ALA B 274 27.55 9.64 32.59
CA ALA B 274 26.22 9.03 32.70
C ALA B 274 26.36 7.52 32.72
N GLY B 275 27.58 7.04 32.85
CA GLY B 275 27.83 5.60 32.92
C GLY B 275 28.13 4.94 31.58
N GLY B 276 28.19 5.73 30.52
CA GLY B 276 28.45 5.19 29.20
C GLY B 276 29.91 5.05 28.81
N ALA B 277 30.16 4.80 27.52
CA ALA B 277 31.51 4.66 27.03
C ALA B 277 31.62 4.94 25.54
N ILE B 278 32.84 5.21 25.08
CA ILE B 278 33.12 5.49 23.69
C ILE B 278 34.11 4.43 23.23
N CYS B 279 33.74 3.66 22.21
CA CYS B 279 34.59 2.61 21.68
C CYS B 279 35.41 3.20 20.53
N ILE B 280 36.73 3.12 20.64
CA ILE B 280 37.65 3.71 19.69
C ILE B 280 37.67 3.18 18.25
N ASN B 281 37.36 4.08 17.33
CA ASN B 281 37.31 3.81 15.89
C ASN B 281 38.71 3.94 15.28
N SER B 282 38.94 3.31 14.14
CA SER B 282 40.24 3.38 13.48
C SER B 282 40.22 4.32 12.28
N ILE B 283 39.05 4.90 11.99
CA ILE B 283 38.98 5.85 10.88
C ILE B 283 38.51 7.20 11.40
N TYR B 284 38.47 8.20 10.52
CA TYR B 284 38.10 9.55 10.91
C TYR B 284 39.14 10.08 11.89
N LEU B 285 40.41 9.76 11.63
CA LEU B 285 41.51 10.18 12.48
C LEU B 285 42.57 10.97 11.72
N THR B 286 42.41 11.06 10.40
CA THR B 286 43.36 11.80 9.57
C THR B 286 42.74 12.15 8.22
N ASP B 287 43.37 13.05 7.48
CA ASP B 287 42.87 13.42 6.17
C ASP B 287 43.17 12.26 5.22
N THR B 288 42.12 11.62 4.72
CA THR B 288 42.29 10.47 3.84
C THR B 288 42.27 10.83 2.36
N THR B 289 42.23 12.12 2.05
CA THR B 289 42.23 12.55 0.66
C THR B 289 43.34 11.82 -0.09
N PRO B 290 42.99 11.13 -1.18
CA PRO B 290 43.95 10.37 -2.00
C PRO B 290 44.83 11.23 -2.88
N SER B 291 46.05 10.77 -3.13
CA SER B 291 46.98 11.48 -3.99
C SER B 291 46.38 11.42 -5.40
N PRO B 292 46.81 12.33 -6.30
CA PRO B 292 46.29 12.33 -7.67
C PRO B 292 46.26 10.95 -8.31
N GLU B 293 47.30 10.15 -8.06
CA GLU B 293 47.37 8.80 -8.61
C GLU B 293 46.41 7.83 -7.92
N ALA B 304 34.22 -2.11 -8.28
CA ALA B 304 34.25 -3.39 -7.57
C ALA B 304 33.03 -4.23 -7.95
N PRO B 305 33.21 -5.55 -8.04
CA PRO B 305 32.10 -6.44 -8.40
C PRO B 305 31.16 -6.71 -7.22
N ASP B 306 29.99 -7.26 -7.54
CA ASP B 306 29.02 -7.59 -6.51
C ASP B 306 29.53 -8.82 -5.79
N MET B 307 30.02 -8.61 -4.56
CA MET B 307 30.55 -9.70 -3.76
C MET B 307 29.58 -10.85 -3.53
N LYS B 308 28.30 -10.59 -3.71
CA LYS B 308 27.28 -11.61 -3.49
C LYS B 308 26.95 -12.41 -4.74
N THR B 309 27.48 -12.00 -5.89
CA THR B 309 27.19 -12.70 -7.13
C THR B 309 28.39 -12.88 -8.06
N ALA B 310 29.49 -12.21 -7.74
CA ALA B 310 30.71 -12.30 -8.56
C ALA B 310 31.40 -13.66 -8.39
N THR B 311 32.09 -14.10 -9.44
CA THR B 311 32.79 -15.38 -9.42
C THR B 311 34.06 -15.24 -8.56
N PRO B 312 34.45 -16.32 -7.88
CA PRO B 312 35.65 -16.30 -7.03
C PRO B 312 36.85 -15.73 -7.78
N GLU B 313 36.92 -15.99 -9.09
CA GLU B 313 38.02 -15.48 -9.91
C GLU B 313 37.88 -13.98 -10.08
N ALA B 314 36.67 -13.52 -10.38
CA ALA B 314 36.40 -12.09 -10.56
C ALA B 314 36.79 -11.32 -9.30
N VAL B 315 36.42 -11.85 -8.14
CA VAL B 315 36.74 -11.22 -6.86
C VAL B 315 38.26 -11.16 -6.70
N LYS B 316 38.93 -12.26 -7.02
CA LYS B 316 40.37 -12.32 -6.94
C LYS B 316 40.97 -11.27 -7.86
N ALA B 317 40.39 -11.16 -9.05
CA ALA B 317 40.83 -10.20 -10.06
C ALA B 317 40.91 -8.79 -9.49
N TYR B 318 39.80 -8.30 -8.95
CA TYR B 318 39.77 -6.96 -8.40
C TYR B 318 40.71 -6.85 -7.21
N ALA B 319 40.71 -7.84 -6.34
CA ALA B 319 41.56 -7.85 -5.17
C ALA B 319 43.02 -7.67 -5.58
N ASP B 320 43.42 -8.37 -6.64
CA ASP B 320 44.79 -8.28 -7.13
C ASP B 320 45.09 -6.89 -7.67
N LYS B 321 44.21 -6.36 -8.52
CA LYS B 321 44.41 -5.03 -9.09
C LYS B 321 44.46 -4.01 -7.96
N ARG B 322 43.50 -4.12 -7.05
CA ARG B 322 43.39 -3.23 -5.90
C ARG B 322 44.66 -3.27 -5.06
N ALA B 323 45.14 -4.48 -4.79
CA ALA B 323 46.34 -4.69 -3.99
C ALA B 323 47.52 -3.94 -4.62
N ALA B 324 47.69 -4.10 -5.92
CA ALA B 324 48.78 -3.44 -6.64
C ALA B 324 48.66 -1.93 -6.47
N ILE B 325 47.46 -1.41 -6.62
CA ILE B 325 47.22 0.02 -6.49
C ILE B 325 47.55 0.48 -5.08
N ASP B 326 47.08 -0.26 -4.08
CA ASP B 326 47.34 0.10 -2.70
C ASP B 326 48.83 0.05 -2.37
N LYS B 327 49.57 -0.77 -3.12
CA LYS B 327 51.00 -0.88 -2.90
C LYS B 327 51.73 0.23 -3.63
N ALA B 328 51.31 0.51 -4.86
CA ALA B 328 51.94 1.56 -5.67
C ALA B 328 51.66 2.95 -5.09
N HIS B 329 50.41 3.17 -4.69
CA HIS B 329 50.02 4.46 -4.13
C HIS B 329 49.17 4.27 -2.87
N PRO B 330 49.83 3.94 -1.76
CA PRO B 330 49.17 3.71 -0.47
C PRO B 330 48.15 4.79 -0.11
N ALA B 331 47.06 4.38 0.54
CA ALA B 331 46.04 5.33 0.94
C ALA B 331 46.51 5.97 2.25
N ALA B 332 46.07 7.21 2.48
CA ALA B 332 46.44 7.91 3.70
C ALA B 332 45.49 7.43 4.81
N ARG B 333 45.99 6.57 5.70
CA ARG B 333 45.16 6.03 6.77
C ARG B 333 45.71 6.24 8.16
N GLY B 334 46.94 6.76 8.26
CA GLY B 334 47.54 6.94 9.57
C GLY B 334 48.09 5.59 9.98
N ASP B 335 48.56 5.46 11.22
CA ASP B 335 49.12 4.20 11.69
C ASP B 335 48.65 3.85 13.09
N PHE B 336 49.21 2.78 13.64
CA PHE B 336 48.83 2.33 14.97
C PHE B 336 49.01 3.39 16.05
N ASP B 337 50.09 4.17 15.96
CA ASP B 337 50.31 5.21 16.97
C ASP B 337 49.15 6.19 16.99
N LEU B 338 48.61 6.47 15.81
CA LEU B 338 47.49 7.40 15.72
C LEU B 338 46.26 6.80 16.41
N TYR B 339 46.08 5.49 16.26
CA TYR B 339 44.95 4.82 16.89
C TYR B 339 45.08 4.98 18.41
N MET B 340 46.27 4.74 18.93
CA MET B 340 46.50 4.85 20.37
C MET B 340 46.41 6.32 20.83
N LYS B 341 46.77 7.24 19.94
CA LYS B 341 46.70 8.66 20.27
C LYS B 341 45.23 8.99 20.55
N SER B 342 44.35 8.45 19.72
CA SER B 342 42.91 8.67 19.89
C SER B 342 42.45 8.03 21.20
N MET B 343 42.77 6.75 21.38
CA MET B 343 42.36 6.03 22.59
C MET B 343 42.86 6.70 23.85
N LEU B 344 44.14 7.07 23.86
CA LEU B 344 44.72 7.72 25.04
C LEU B 344 44.03 9.02 25.39
N HIS B 345 43.69 9.82 24.37
CA HIS B 345 43.02 11.08 24.65
C HIS B 345 41.62 10.88 25.22
N VAL B 346 40.88 9.90 24.69
CA VAL B 346 39.54 9.64 25.19
C VAL B 346 39.67 9.11 26.63
N LEU B 347 40.71 8.32 26.88
CA LEU B 347 40.93 7.79 28.22
C LEU B 347 41.15 8.93 29.22
N LYS B 348 41.87 9.96 28.79
CA LYS B 348 42.15 11.12 29.62
C LYS B 348 40.89 11.89 29.97
N VAL B 349 39.99 12.01 28.99
CA VAL B 349 38.74 12.74 29.18
C VAL B 349 37.61 11.92 29.81
N ALA B 350 37.39 10.71 29.31
CA ALA B 350 36.31 9.86 29.80
C ALA B 350 36.70 8.91 30.93
N GLY B 351 38.01 8.73 31.13
CA GLY B 351 38.45 7.83 32.19
C GLY B 351 38.49 6.39 31.70
N PRO B 352 39.17 5.50 32.42
CA PRO B 352 39.28 4.09 32.04
C PRO B 352 37.96 3.32 32.04
N LYS B 353 36.92 3.92 32.60
CA LYS B 353 35.61 3.28 32.65
C LYS B 353 34.68 3.70 31.51
N GLY B 354 35.11 4.68 30.74
CA GLY B 354 34.29 5.17 29.64
C GLY B 354 34.90 4.97 28.27
N VAL B 355 35.78 3.97 28.14
CA VAL B 355 36.45 3.70 26.86
C VAL B 355 36.39 2.21 26.50
N CYS B 356 36.25 1.93 25.21
CA CYS B 356 36.16 0.56 24.73
C CYS B 356 36.74 0.43 23.33
N VAL B 357 36.56 -0.72 22.70
CA VAL B 357 37.13 -0.95 21.37
C VAL B 357 36.11 -1.22 20.24
N GLY B 358 36.13 -0.38 19.21
CA GLY B 358 35.24 -0.53 18.07
C GLY B 358 35.95 0.04 16.85
N ALA B 359 36.90 -0.72 16.33
CA ALA B 359 37.74 -0.32 15.20
C ALA B 359 37.12 -0.19 13.82
N ASP B 360 35.90 -0.70 13.66
CA ASP B 360 35.19 -0.65 12.38
C ASP B 360 35.71 -1.73 11.41
N TRP B 361 36.07 -2.88 11.97
CA TRP B 361 36.57 -4.00 11.17
C TRP B 361 35.47 -4.38 10.18
N ASP B 362 35.86 -4.57 8.93
CA ASP B 362 34.96 -4.94 7.85
C ASP B 362 33.97 -3.84 7.51
N GLY B 363 34.19 -2.66 8.09
CA GLY B 363 33.32 -1.54 7.82
C GLY B 363 34.14 -0.36 7.30
N GLY B 364 35.39 -0.63 6.92
CA GLY B 364 36.26 0.42 6.42
C GLY B 364 37.44 0.73 7.34
N GLY B 365 37.52 0.05 8.46
CA GLY B 365 38.61 0.30 9.40
C GLY B 365 39.95 -0.26 8.95
N GLY B 366 41.00 0.07 9.70
CA GLY B 366 42.34 -0.41 9.36
C GLY B 366 43.32 0.71 9.12
N MET B 367 44.57 0.53 9.57
CA MET B 367 45.63 1.52 9.40
C MET B 367 46.94 0.79 9.24
N ASP B 368 48.02 1.52 8.96
CA ASP B 368 49.33 0.88 8.84
C ASP B 368 49.66 0.32 10.22
N GLY B 369 50.04 -0.95 10.26
CA GLY B 369 50.37 -1.58 11.53
C GLY B 369 49.12 -1.96 12.32
N PHE B 370 47.96 -1.87 11.68
CA PHE B 370 46.70 -2.22 12.31
C PHE B 370 45.76 -2.64 11.16
N GLU B 371 46.20 -3.64 10.39
CA GLU B 371 45.48 -4.14 9.22
C GLU B 371 44.21 -4.93 9.50
N ASP B 372 44.23 -5.75 10.54
CA ASP B 372 43.07 -6.56 10.91
C ASP B 372 43.16 -6.95 12.38
N ILE B 373 42.28 -7.85 12.82
CA ILE B 373 42.28 -8.23 14.23
C ILE B 373 43.51 -8.97 14.74
N THR B 374 44.39 -9.41 13.85
CA THR B 374 45.59 -10.10 14.32
C THR B 374 46.49 -9.10 15.06
N ASP B 375 46.27 -7.81 14.81
CA ASP B 375 47.07 -6.75 15.43
C ASP B 375 46.52 -6.24 16.77
N LEU B 376 45.40 -6.80 17.23
CA LEU B 376 44.79 -6.36 18.47
C LEU B 376 45.68 -6.43 19.72
N PRO B 377 46.56 -7.44 19.81
CA PRO B 377 47.43 -7.54 21.00
C PRO B 377 48.28 -6.28 21.24
N LYS B 378 48.55 -5.55 20.17
CA LYS B 378 49.37 -4.33 20.27
C LYS B 378 48.68 -3.28 21.14
N ILE B 379 47.35 -3.30 21.17
CA ILE B 379 46.61 -2.34 21.99
C ILE B 379 46.89 -2.61 23.47
N THR B 380 46.84 -3.88 23.85
CA THR B 380 47.09 -4.28 25.22
C THR B 380 48.52 -3.94 25.64
N ALA B 381 49.46 -4.13 24.72
CA ALA B 381 50.86 -3.84 25.00
C ALA B 381 51.05 -2.35 25.28
N ARG B 382 50.51 -1.50 24.39
CA ARG B 382 50.64 -0.06 24.56
C ARG B 382 49.96 0.43 25.84
N LEU B 383 48.82 -0.16 26.19
CA LEU B 383 48.11 0.25 27.41
C LEU B 383 48.98 0.00 28.64
N LYS B 384 49.64 -1.16 28.67
CA LYS B 384 50.52 -1.48 29.79
C LYS B 384 51.69 -0.51 29.74
N ALA B 385 52.31 -0.39 28.57
CA ALA B 385 53.44 0.50 28.37
C ALA B 385 53.11 1.93 28.76
N GLU B 386 51.83 2.26 28.81
CA GLU B 386 51.40 3.61 29.16
C GLU B 386 51.11 3.69 30.66
N GLY B 387 51.18 2.55 31.34
CA GLY B 387 50.97 2.54 32.77
C GLY B 387 49.60 2.13 33.29
N TYR B 388 48.73 1.62 32.40
CA TYR B 388 47.40 1.20 32.84
C TYR B 388 47.43 -0.17 33.50
N SER B 389 46.71 -0.30 34.61
CA SER B 389 46.64 -1.56 35.33
C SER B 389 45.89 -2.59 34.52
N ASP B 390 45.88 -3.84 34.99
CA ASP B 390 45.17 -4.90 34.29
C ASP B 390 43.68 -4.64 34.42
N ALA B 391 43.27 -4.13 35.59
CA ALA B 391 41.87 -3.84 35.84
C ALA B 391 41.33 -2.90 34.76
N ASP B 392 42.07 -1.81 34.51
CA ASP B 392 41.65 -0.83 33.52
C ASP B 392 41.67 -1.42 32.10
N ILE B 393 42.68 -2.24 31.81
CA ILE B 393 42.78 -2.86 30.50
C ILE B 393 41.59 -3.80 30.31
N GLU B 394 41.22 -4.53 31.36
CA GLU B 394 40.08 -5.44 31.32
C GLU B 394 38.80 -4.67 31.07
N ALA B 395 38.67 -3.52 31.72
CA ALA B 395 37.49 -2.67 31.57
C ALA B 395 37.38 -2.20 30.14
N ILE B 396 38.51 -1.76 29.58
CA ILE B 396 38.55 -1.27 28.22
C ILE B 396 38.25 -2.35 27.18
N TRP B 397 38.74 -3.57 27.42
CA TRP B 397 38.52 -4.65 26.47
C TRP B 397 37.13 -5.28 26.51
N SER B 398 36.43 -5.16 27.63
CA SER B 398 35.10 -5.76 27.72
C SER B 398 34.29 -5.31 28.93
N GLY B 399 34.97 -5.15 30.06
CA GLY B 399 34.28 -4.74 31.28
C GLY B 399 33.32 -3.58 31.17
N ASN B 400 33.73 -2.50 30.54
CA ASN B 400 32.87 -1.33 30.42
C ASN B 400 31.64 -1.62 29.57
N VAL B 401 31.83 -2.30 28.44
CA VAL B 401 30.71 -2.63 27.56
C VAL B 401 29.73 -3.55 28.27
N LEU B 402 30.24 -4.61 28.90
CA LEU B 402 29.37 -5.53 29.60
C LEU B 402 28.62 -4.85 30.75
N ARG B 403 29.24 -3.86 31.37
CA ARG B 403 28.60 -3.13 32.46
C ARG B 403 27.42 -2.33 31.91
N ILE B 404 27.62 -1.74 30.72
CA ILE B 404 26.59 -0.95 30.07
C ILE B 404 25.43 -1.86 29.68
N VAL B 405 25.75 -3.04 29.15
CA VAL B 405 24.73 -4.01 28.76
C VAL B 405 23.92 -4.39 29.99
N ASP B 406 24.61 -4.70 31.10
CA ASP B 406 23.94 -5.08 32.35
C ASP B 406 22.98 -3.99 32.80
N ALA B 407 23.46 -2.75 32.81
CA ALA B 407 22.63 -1.62 33.22
C ALA B 407 21.38 -1.43 32.36
N ALA B 408 21.54 -1.58 31.05
CA ALA B 408 20.41 -1.44 30.13
C ALA B 408 19.36 -2.50 30.43
N GLN B 409 19.81 -3.74 30.55
CA GLN B 409 18.93 -4.86 30.82
C GLN B 409 18.37 -4.85 32.24
N ALA B 410 19.10 -4.22 33.16
CA ALA B 410 18.64 -4.13 34.54
C ALA B 410 17.46 -3.17 34.57
N TYR B 411 17.57 -2.06 33.84
CA TYR B 411 16.47 -1.10 33.79
C TYR B 411 15.24 -1.78 33.19
N ALA B 412 15.44 -2.48 32.07
CA ALA B 412 14.34 -3.15 31.41
C ALA B 412 13.60 -4.08 32.38
N LYS B 413 14.36 -4.85 33.14
CA LYS B 413 13.79 -5.77 34.10
C LYS B 413 12.99 -5.03 35.18
N SER B 414 13.51 -3.87 35.59
CA SER B 414 12.85 -3.09 36.63
C SER B 414 11.46 -2.58 36.25
N VAL B 415 11.12 -2.60 34.97
CA VAL B 415 9.81 -2.12 34.55
C VAL B 415 8.96 -3.21 33.89
N SER C 37 -3.86 53.27 -16.45
CA SER C 37 -2.92 53.90 -17.44
C SER C 37 -2.73 52.99 -18.66
N LYS C 38 -3.14 53.46 -19.83
CA LYS C 38 -2.99 52.67 -21.05
C LYS C 38 -1.52 52.37 -21.34
N ALA C 39 -0.63 53.23 -20.87
CA ALA C 39 0.80 53.04 -21.07
C ALA C 39 1.24 51.83 -20.23
N ASP C 40 0.73 51.75 -19.01
CA ASP C 40 1.06 50.65 -18.11
C ASP C 40 0.53 49.35 -18.68
N LYS C 41 -0.72 49.36 -19.12
CA LYS C 41 -1.36 48.17 -19.68
C LYS C 41 -0.61 47.65 -20.90
N ALA C 42 -0.05 48.56 -21.69
CA ALA C 42 0.69 48.18 -22.89
C ALA C 42 1.94 47.37 -22.52
N LEU C 43 2.68 47.88 -21.54
CA LEU C 43 3.88 47.20 -21.07
C LEU C 43 3.47 45.85 -20.48
N HIS C 44 2.57 45.92 -19.50
CA HIS C 44 2.05 44.74 -18.80
C HIS C 44 1.57 43.67 -19.76
N ASP C 45 0.83 44.09 -20.78
CA ASP C 45 0.29 43.17 -21.78
C ASP C 45 1.34 42.35 -22.51
N LYS C 46 2.59 42.80 -22.47
CA LYS C 46 3.68 42.11 -23.16
C LYS C 46 4.14 40.83 -22.45
N PHE C 47 3.76 40.69 -21.18
CA PHE C 47 4.18 39.54 -20.39
C PHE C 47 3.10 38.49 -20.16
N LEU C 48 3.54 37.24 -20.04
CA LEU C 48 2.62 36.12 -19.75
C LEU C 48 2.50 36.15 -18.23
N THR C 49 1.30 36.42 -17.74
CA THR C 49 1.10 36.53 -16.29
C THR C 49 0.31 35.40 -15.66
N LEU C 50 0.65 35.11 -14.41
CA LEU C 50 -0.05 34.08 -13.65
C LEU C 50 0.13 34.33 -12.16
N ASP C 51 -0.91 34.00 -11.40
CA ASP C 51 -0.89 34.14 -9.95
C ASP C 51 -0.98 32.71 -9.42
N THR C 52 -0.17 32.39 -8.43
CA THR C 52 -0.15 31.03 -7.89
C THR C 52 -1.14 30.70 -6.79
N HIS C 53 -2.12 31.56 -6.52
CA HIS C 53 -3.09 31.25 -5.48
C HIS C 53 -4.43 31.96 -5.62
N LEU C 54 -5.15 31.62 -6.69
CA LEU C 54 -6.45 32.22 -6.92
C LEU C 54 -7.51 31.42 -6.16
N ASP C 55 -8.00 31.97 -5.05
CA ASP C 55 -9.01 31.32 -4.24
C ASP C 55 -10.41 31.44 -4.82
N THR C 56 -10.49 31.98 -6.02
CA THR C 56 -11.75 32.20 -6.71
C THR C 56 -12.73 31.01 -6.74
N PRO C 57 -12.22 29.77 -6.80
CA PRO C 57 -13.14 28.62 -6.82
C PRO C 57 -14.17 28.62 -5.70
N ALA C 58 -13.87 29.31 -4.61
CA ALA C 58 -14.78 29.38 -3.48
C ALA C 58 -16.11 30.04 -3.89
N HIS C 59 -16.10 30.79 -4.99
CA HIS C 59 -17.31 31.47 -5.49
C HIS C 59 -18.08 30.65 -6.51
N PHE C 60 -17.42 29.66 -7.11
CA PHE C 60 -18.06 28.86 -8.14
C PHE C 60 -19.38 28.21 -7.75
N GLY C 61 -19.50 27.77 -6.51
CA GLY C 61 -20.72 27.14 -6.06
C GLY C 61 -21.81 28.10 -5.62
N ARG C 62 -21.54 29.40 -5.70
CA ARG C 62 -22.52 30.40 -5.31
C ARG C 62 -23.63 30.43 -6.35
N PRO C 63 -24.91 30.37 -5.91
CA PRO C 63 -26.07 30.40 -6.80
C PRO C 63 -26.02 31.49 -7.87
N GLY C 64 -26.01 31.08 -9.13
CA GLY C 64 -25.99 32.03 -10.23
C GLY C 64 -24.67 32.74 -10.51
N TRP C 65 -23.68 32.55 -9.66
CA TRP C 65 -22.39 33.21 -9.89
C TRP C 65 -21.77 32.69 -11.17
N ASP C 66 -21.28 33.60 -12.00
CA ASP C 66 -20.67 33.22 -13.28
C ASP C 66 -19.37 33.99 -13.48
N ILE C 67 -18.29 33.25 -13.70
CA ILE C 67 -16.98 33.87 -13.89
C ILE C 67 -16.92 34.73 -15.15
N ALA C 68 -17.88 34.52 -16.06
CA ALA C 68 -17.92 35.30 -17.30
C ALA C 68 -18.42 36.72 -17.05
N ASP C 69 -19.20 36.90 -15.97
CA ASP C 69 -19.73 38.21 -15.61
C ASP C 69 -18.69 39.11 -14.96
N HIS C 70 -18.94 40.42 -15.02
CA HIS C 70 -18.05 41.40 -14.40
C HIS C 70 -18.64 41.69 -13.02
N HIS C 71 -17.79 41.67 -12.00
CA HIS C 71 -18.25 41.90 -10.64
C HIS C 71 -17.47 43.05 -10.01
N GLU C 72 -18.01 43.57 -8.90
CA GLU C 72 -17.37 44.65 -8.16
C GLU C 72 -17.07 44.10 -6.77
N VAL C 73 -15.80 44.18 -6.36
CA VAL C 73 -15.40 43.66 -5.07
C VAL C 73 -16.27 44.23 -3.95
N GLU C 74 -16.69 45.48 -4.13
CA GLU C 74 -17.53 46.17 -3.16
C GLU C 74 -18.93 45.58 -3.03
N HIS C 75 -19.44 45.02 -4.11
CA HIS C 75 -20.79 44.46 -4.13
C HIS C 75 -20.85 42.94 -4.10
N ASP C 76 -19.84 42.30 -4.70
CA ASP C 76 -19.80 40.84 -4.81
C ASP C 76 -18.75 40.16 -3.93
N PHE C 77 -17.83 40.95 -3.38
CA PHE C 77 -16.76 40.43 -2.53
C PHE C 77 -15.73 39.66 -3.35
N SER C 78 -15.99 39.49 -4.64
CA SER C 78 -15.07 38.77 -5.51
C SER C 78 -14.01 39.71 -6.06
N GLN C 79 -12.82 39.17 -6.31
CA GLN C 79 -11.71 39.96 -6.84
C GLN C 79 -11.22 39.41 -8.18
N VAL C 80 -11.86 38.35 -8.66
CA VAL C 80 -11.49 37.73 -9.93
C VAL C 80 -12.66 37.25 -10.78
N ASP C 81 -12.57 37.53 -12.07
CA ASP C 81 -13.55 37.09 -13.07
C ASP C 81 -12.93 37.35 -14.43
N LEU C 82 -13.51 36.80 -15.49
CA LEU C 82 -12.96 36.96 -16.83
C LEU C 82 -12.77 38.42 -17.26
N PRO C 83 -13.82 39.25 -17.17
CA PRO C 83 -13.67 40.66 -17.58
C PRO C 83 -12.50 41.34 -16.87
N ARG C 84 -12.39 41.15 -15.56
CA ARG C 84 -11.31 41.77 -14.81
C ARG C 84 -9.95 41.13 -15.10
N MET C 85 -9.95 39.86 -15.53
CA MET C 85 -8.69 39.20 -15.86
C MET C 85 -8.17 39.88 -17.12
N ASN C 86 -9.10 40.23 -18.01
CA ASN C 86 -8.74 40.91 -19.25
C ASN C 86 -8.29 42.33 -18.98
N GLN C 87 -9.03 43.03 -18.12
CA GLN C 87 -8.73 44.40 -17.76
C GLN C 87 -7.41 44.49 -17.00
N GLY C 88 -7.14 43.51 -16.14
CA GLY C 88 -5.93 43.50 -15.36
C GLY C 88 -4.77 42.80 -16.06
N GLY C 89 -5.04 42.23 -17.23
CA GLY C 89 -4.01 41.54 -17.97
C GLY C 89 -3.49 40.28 -17.31
N LEU C 90 -4.37 39.55 -16.63
CA LEU C 90 -3.98 38.29 -15.96
C LEU C 90 -4.26 37.16 -16.95
N ASP C 91 -3.21 36.47 -17.36
CA ASP C 91 -3.35 35.40 -18.33
C ASP C 91 -3.79 34.05 -17.79
N GLY C 92 -3.56 33.82 -16.51
CA GLY C 92 -3.96 32.56 -15.89
C GLY C 92 -3.48 32.46 -14.46
N GLY C 93 -3.53 31.27 -13.91
CA GLY C 93 -3.09 31.06 -12.55
C GLY C 93 -3.48 29.71 -12.00
N PHE C 94 -3.16 29.47 -10.73
CA PHE C 94 -3.50 28.22 -10.08
C PHE C 94 -4.79 28.44 -9.30
N PHE C 95 -5.85 27.77 -9.73
CA PHE C 95 -7.13 27.88 -9.06
C PHE C 95 -7.14 26.88 -7.90
N VAL C 96 -7.28 27.45 -6.71
CA VAL C 96 -7.22 26.70 -5.46
C VAL C 96 -8.39 25.86 -4.98
N VAL C 97 -8.06 24.66 -4.50
CA VAL C 97 -9.01 23.74 -3.91
C VAL C 97 -8.61 23.87 -2.45
N TYR C 98 -9.38 24.62 -1.69
CA TYR C 98 -9.09 24.91 -0.29
C TYR C 98 -10.12 24.40 0.69
N ILE C 99 -9.65 23.95 1.85
CA ILE C 99 -10.55 23.50 2.90
C ILE C 99 -9.95 23.84 4.27
N GLY C 100 -10.77 24.39 5.14
CA GLY C 100 -10.30 24.75 6.48
C GLY C 100 -10.02 23.50 7.28
N GLN C 101 -9.10 23.59 8.24
CA GLN C 101 -8.74 22.43 9.04
C GLN C 101 -9.82 21.93 10.00
N GLY C 102 -10.17 20.66 9.85
CA GLY C 102 -11.16 20.04 10.71
C GLY C 102 -10.57 18.95 11.58
N GLU C 103 -11.41 18.02 12.01
CA GLU C 103 -10.98 16.92 12.88
C GLU C 103 -10.08 15.88 12.24
N LEU C 104 -9.13 15.37 13.02
CA LEU C 104 -8.22 14.34 12.55
C LEU C 104 -8.83 13.01 12.99
N THR C 105 -9.95 12.67 12.35
CA THR C 105 -10.70 11.46 12.64
C THR C 105 -11.19 10.88 11.33
N GLU C 106 -11.65 9.64 11.36
CA GLU C 106 -12.15 9.01 10.16
C GLU C 106 -13.29 9.85 9.56
N LYS C 107 -14.18 10.34 10.41
CA LYS C 107 -15.29 11.17 9.96
C LYS C 107 -14.77 12.44 9.33
N GLY C 108 -13.75 13.03 9.95
CA GLY C 108 -13.18 14.25 9.41
C GLY C 108 -12.54 14.03 8.05
N TYR C 109 -11.78 12.93 7.93
CA TYR C 109 -11.10 12.60 6.69
C TYR C 109 -12.06 12.28 5.53
N THR C 110 -13.13 11.55 5.80
CA THR C 110 -14.08 11.23 4.75
C THR C 110 -14.78 12.53 4.32
N TYR C 111 -15.12 13.38 5.29
CA TYR C 111 -15.75 14.66 4.99
C TYR C 111 -14.82 15.50 4.11
N ALA C 112 -13.56 15.59 4.54
CA ALA C 112 -12.57 16.39 3.82
C ALA C 112 -12.35 15.88 2.40
N ARG C 113 -12.25 14.56 2.25
CA ARG C 113 -12.07 13.95 0.93
C ARG C 113 -13.20 14.38 0.01
N ASP C 114 -14.43 14.14 0.44
CA ASP C 114 -15.61 14.48 -0.36
C ASP C 114 -15.69 15.97 -0.68
N TYR C 115 -15.38 16.81 0.30
CA TYR C 115 -15.45 18.26 0.12
C TYR C 115 -14.46 18.71 -0.95
N ALA C 116 -13.21 18.27 -0.84
CA ALA C 116 -12.18 18.65 -1.81
C ALA C 116 -12.52 18.11 -3.21
N LEU C 117 -13.05 16.88 -3.26
CA LEU C 117 -13.42 16.31 -4.55
C LEU C 117 -14.48 17.20 -5.19
N HIS C 118 -15.45 17.64 -4.39
CA HIS C 118 -16.51 18.48 -4.93
C HIS C 118 -15.99 19.84 -5.40
N ARG C 119 -15.05 20.42 -4.64
CA ARG C 119 -14.50 21.71 -5.00
C ARG C 119 -13.71 21.58 -6.30
N THR C 120 -13.02 20.45 -6.44
CA THR C 120 -12.24 20.18 -7.65
C THR C 120 -13.21 20.08 -8.82
N ILE C 121 -14.32 19.39 -8.59
CA ILE C 121 -15.35 19.22 -9.61
C ILE C 121 -15.94 20.57 -10.01
N GLU C 122 -16.14 21.46 -9.04
CA GLU C 122 -16.69 22.79 -9.36
C GLU C 122 -15.76 23.51 -10.32
N ILE C 123 -14.46 23.36 -10.12
CA ILE C 123 -13.50 24.00 -11.01
C ILE C 123 -13.63 23.41 -12.40
N ARG C 124 -13.70 22.08 -12.48
CA ARG C 124 -13.83 21.43 -13.78
C ARG C 124 -15.14 21.81 -14.46
N GLU C 125 -16.17 22.09 -13.67
CA GLU C 125 -17.46 22.50 -14.24
C GLU C 125 -17.34 23.90 -14.83
N MET C 126 -16.63 24.80 -14.15
CA MET C 126 -16.44 26.15 -14.66
C MET C 126 -15.75 26.05 -16.01
N LEU C 127 -14.69 25.24 -16.07
CA LEU C 127 -13.95 25.06 -17.32
C LEU C 127 -14.82 24.47 -18.42
N ALA C 128 -15.71 23.54 -18.05
CA ALA C 128 -16.59 22.91 -19.03
C ALA C 128 -17.64 23.90 -19.53
N ALA C 129 -18.00 24.86 -18.68
CA ALA C 129 -19.00 25.86 -19.04
C ALA C 129 -18.42 27.05 -19.82
N ASN C 130 -17.10 27.16 -19.87
CA ASN C 130 -16.44 28.26 -20.56
C ASN C 130 -15.28 27.78 -21.43
N PRO C 131 -15.55 26.85 -22.37
CA PRO C 131 -14.54 26.29 -23.27
C PRO C 131 -13.86 27.25 -24.23
N ASP C 132 -14.53 28.36 -24.57
CA ASP C 132 -13.97 29.31 -25.52
C ASP C 132 -13.07 30.35 -24.88
N THR C 133 -13.15 30.49 -23.56
CA THR C 133 -12.35 31.48 -22.86
C THR C 133 -11.36 30.93 -21.84
N PHE C 134 -11.57 29.68 -21.44
CA PHE C 134 -10.72 29.02 -20.44
C PHE C 134 -10.33 27.61 -20.87
N GLU C 135 -9.26 27.10 -20.26
CA GLU C 135 -8.81 25.74 -20.51
C GLU C 135 -7.86 25.31 -19.40
N MET C 136 -7.99 24.07 -18.94
CA MET C 136 -7.12 23.60 -17.88
C MET C 136 -5.72 23.39 -18.43
N ALA C 137 -4.72 23.74 -17.63
CA ALA C 137 -3.34 23.55 -18.01
C ALA C 137 -2.76 22.52 -17.03
N LEU C 138 -1.96 21.60 -17.56
CA LEU C 138 -1.34 20.57 -16.74
C LEU C 138 0.18 20.79 -16.78
N THR C 139 0.66 21.33 -17.89
CA THR C 139 2.08 21.58 -18.10
C THR C 139 2.32 23.03 -18.51
N SER C 140 3.58 23.46 -18.50
CA SER C 140 3.92 24.83 -18.91
C SER C 140 3.61 24.99 -20.40
N ASP C 141 3.81 23.92 -21.18
CA ASP C 141 3.50 23.97 -22.61
C ASP C 141 2.01 24.23 -22.80
N ASP C 142 1.19 23.63 -21.94
CA ASP C 142 -0.26 23.83 -22.03
C ASP C 142 -0.55 25.32 -21.81
N ALA C 143 0.08 25.89 -20.78
CA ALA C 143 -0.13 27.30 -20.46
C ALA C 143 0.19 28.20 -21.64
N ARG C 144 1.36 28.02 -22.23
CA ARG C 144 1.77 28.83 -23.37
C ARG C 144 0.85 28.59 -24.56
N ARG C 145 0.50 27.34 -24.84
CA ARG C 145 -0.38 27.02 -25.96
C ARG C 145 -1.74 27.68 -25.75
N ILE C 146 -2.28 27.55 -24.55
CA ILE C 146 -3.58 28.12 -24.23
C ILE C 146 -3.53 29.65 -24.38
N ALA C 147 -2.45 30.25 -23.89
CA ALA C 147 -2.29 31.70 -23.97
C ALA C 147 -2.27 32.16 -25.43
N LYS C 148 -1.51 31.49 -26.27
CA LYS C 148 -1.43 31.85 -27.68
C LYS C 148 -2.79 31.77 -28.37
N ALA C 149 -3.63 30.83 -27.92
CA ALA C 149 -4.96 30.68 -28.51
C ALA C 149 -5.91 31.75 -27.99
N GLY C 150 -5.40 32.62 -27.13
CA GLY C 150 -6.24 33.68 -26.58
C GLY C 150 -7.15 33.27 -25.45
N LYS C 151 -6.86 32.15 -24.79
CA LYS C 151 -7.67 31.69 -23.67
C LYS C 151 -6.90 31.82 -22.36
N LYS C 152 -7.64 31.85 -21.25
CA LYS C 152 -7.01 31.94 -19.93
C LYS C 152 -6.69 30.50 -19.51
N PHE C 153 -5.49 30.27 -18.95
CA PHE C 153 -5.13 28.93 -18.53
C PHE C 153 -5.36 28.74 -17.04
N ALA C 154 -5.87 27.56 -16.68
CA ALA C 154 -6.15 27.28 -15.29
C ALA C 154 -5.46 26.01 -14.79
N PHE C 155 -4.50 26.19 -13.89
CA PHE C 155 -3.80 25.08 -13.27
C PHE C 155 -4.65 24.82 -12.02
N VAL C 156 -4.49 23.66 -11.40
CA VAL C 156 -5.25 23.34 -10.20
C VAL C 156 -4.28 23.13 -9.04
N SER C 157 -4.55 23.77 -7.91
CA SER C 157 -3.68 23.64 -6.75
C SER C 157 -4.52 23.24 -5.52
N MET C 158 -3.84 22.79 -4.47
CA MET C 158 -4.52 22.39 -3.25
C MET C 158 -3.94 23.15 -2.07
N GLU C 159 -4.80 23.67 -1.22
CA GLU C 159 -4.39 24.37 -0.02
C GLU C 159 -4.99 23.57 1.14
N ASN C 160 -4.11 22.93 1.90
CA ASN C 160 -4.43 22.04 3.01
C ASN C 160 -4.70 20.66 2.40
N SER C 161 -3.80 19.72 2.67
CA SER C 161 -3.96 18.37 2.12
C SER C 161 -4.65 17.43 3.10
N TRP C 162 -5.28 18.03 4.10
CA TRP C 162 -6.06 17.26 5.08
C TRP C 162 -6.97 16.25 4.36
N PRO C 163 -7.49 16.61 3.17
CA PRO C 163 -8.38 15.71 2.42
C PRO C 163 -7.82 14.31 2.06
N VAL C 164 -6.50 14.12 2.06
CA VAL C 164 -5.97 12.80 1.74
C VAL C 164 -6.11 11.81 2.90
N GLY C 165 -6.47 12.33 4.07
CA GLY C 165 -6.63 11.47 5.23
C GLY C 165 -5.37 10.66 5.48
N GLU C 166 -5.54 9.35 5.64
CA GLU C 166 -4.43 8.44 5.86
C GLU C 166 -4.21 7.63 4.57
N ASP C 167 -4.93 8.00 3.51
CA ASP C 167 -4.85 7.30 2.24
C ASP C 167 -4.11 8.12 1.21
N LEU C 168 -2.80 7.91 1.10
CA LEU C 168 -1.99 8.67 0.17
C LEU C 168 -2.32 8.39 -1.30
N SER C 169 -3.06 7.33 -1.59
CA SER C 169 -3.42 7.05 -2.99
C SER C 169 -4.33 8.19 -3.48
N LEU C 170 -4.95 8.92 -2.56
CA LEU C 170 -5.82 10.04 -2.93
C LEU C 170 -5.04 11.17 -3.59
N VAL C 171 -3.75 11.27 -3.30
CA VAL C 171 -2.94 12.31 -3.92
C VAL C 171 -3.01 12.11 -5.44
N GLU C 172 -2.87 10.86 -5.87
CA GLU C 172 -2.93 10.56 -7.30
C GLU C 172 -4.34 10.76 -7.83
N THR C 173 -5.33 10.53 -6.98
CA THR C 173 -6.72 10.72 -7.40
C THR C 173 -6.89 12.18 -7.82
N PHE C 174 -6.41 13.10 -6.99
CA PHE C 174 -6.53 14.52 -7.31
C PHE C 174 -5.63 14.86 -8.50
N TYR C 175 -4.48 14.22 -8.57
CA TYR C 175 -3.56 14.45 -9.68
C TYR C 175 -4.28 14.10 -10.99
N LYS C 176 -4.99 12.98 -11.01
CA LYS C 176 -5.70 12.54 -12.20
C LYS C 176 -6.77 13.55 -12.63
N GLU C 177 -7.26 14.34 -11.69
CA GLU C 177 -8.27 15.34 -12.03
C GLU C 177 -7.68 16.73 -12.27
N GLY C 178 -6.34 16.82 -12.29
CA GLY C 178 -5.71 18.09 -12.57
C GLY C 178 -4.76 18.70 -11.57
N LEU C 179 -4.73 18.21 -10.34
CA LEU C 179 -3.85 18.75 -9.31
C LEU C 179 -2.38 18.77 -9.73
N ARG C 180 -1.75 19.95 -9.63
CA ARG C 180 -0.34 20.09 -10.00
C ARG C 180 0.52 20.86 -8.99
N MET C 181 -0.11 21.37 -7.93
CA MET C 181 0.59 22.10 -6.87
C MET C 181 -0.21 21.85 -5.59
N ALA C 182 0.46 21.52 -4.49
CA ALA C 182 -0.25 21.25 -3.25
C ALA C 182 0.53 21.57 -1.99
N GLY C 183 -0.17 22.13 -1.01
CA GLY C 183 0.43 22.45 0.27
C GLY C 183 -0.07 21.41 1.26
N PRO C 184 0.79 20.91 2.14
CA PRO C 184 0.32 19.91 3.10
C PRO C 184 -0.62 20.41 4.19
N VAL C 185 -0.47 21.67 4.58
CA VAL C 185 -1.25 22.16 5.71
C VAL C 185 -1.75 23.61 5.59
N HIS C 186 -2.72 23.96 6.42
CA HIS C 186 -3.26 25.32 6.42
C HIS C 186 -2.99 25.98 7.78
N PHE C 187 -4.00 26.62 8.37
CA PHE C 187 -3.84 27.34 9.64
C PHE C 187 -3.52 26.53 10.88
N ARG C 188 -3.96 25.27 10.94
CA ARG C 188 -3.68 24.42 12.09
C ARG C 188 -2.96 23.15 11.67
N ASN C 189 -2.29 22.49 12.61
CA ASN C 189 -1.58 21.26 12.30
C ASN C 189 -2.58 20.23 11.81
N ASN C 190 -2.12 19.27 11.00
CA ASN C 190 -3.03 18.20 10.59
C ASN C 190 -2.25 16.89 10.67
N GLN C 191 -2.75 15.83 10.03
CA GLN C 191 -2.08 14.54 10.11
C GLN C 191 -0.79 14.47 9.30
N LEU C 192 -0.56 15.49 8.46
CA LEU C 192 0.64 15.52 7.60
C LEU C 192 1.80 16.40 8.09
N ALA C 193 1.48 17.56 8.68
CA ALA C 193 2.55 18.46 9.12
C ALA C 193 2.09 19.55 10.08
N ASP C 194 3.08 20.25 10.64
CA ASP C 194 2.84 21.36 11.55
C ASP C 194 2.54 22.61 10.74
N SER C 195 1.64 23.44 11.27
CA SER C 195 1.31 24.70 10.65
C SER C 195 2.19 25.75 11.31
N SER C 196 2.41 26.89 10.65
CA SER C 196 3.22 27.94 11.24
C SER C 196 2.39 28.76 12.23
N THR C 197 1.07 28.60 12.15
CA THR C 197 0.16 29.37 12.99
C THR C 197 -0.75 28.62 13.97
N ASP C 198 -0.46 27.35 14.29
CA ASP C 198 -1.32 26.64 15.22
C ASP C 198 -1.12 27.14 16.65
N PRO C 199 -2.21 27.64 17.28
CA PRO C 199 -2.18 28.17 18.65
C PRO C 199 -1.69 27.16 19.70
N LYS C 200 -1.83 25.87 19.40
CA LYS C 200 -1.41 24.82 20.32
C LYS C 200 0.06 24.46 20.18
N GLY C 201 0.73 25.07 19.21
CA GLY C 201 2.14 24.78 19.00
C GLY C 201 2.37 23.64 18.03
N LYS C 202 3.60 23.11 18.04
CA LYS C 202 3.98 22.01 17.15
C LYS C 202 3.62 20.65 17.72
N ILE C 203 3.46 19.67 16.84
CA ILE C 203 3.17 18.31 17.27
C ILE C 203 4.09 17.34 16.54
N TRP C 204 4.51 17.68 15.33
CA TRP C 204 5.40 16.81 14.55
C TRP C 204 6.83 17.33 14.40
N ASN C 205 7.02 18.62 14.67
CA ASN C 205 8.33 19.26 14.51
C ASN C 205 8.67 19.17 13.02
N GLY C 206 7.67 19.47 12.20
CA GLY C 206 7.82 19.42 10.77
C GLY C 206 6.74 18.52 10.19
N TYR C 207 7.17 17.55 9.39
CA TYR C 207 6.25 16.59 8.78
C TYR C 207 6.09 15.42 9.73
N SER C 208 4.90 14.84 9.75
CA SER C 208 4.65 13.64 10.55
C SER C 208 5.22 12.53 9.68
N PRO C 209 5.32 11.29 10.19
CA PRO C 209 5.86 10.22 9.34
C PRO C 209 5.01 10.09 8.08
N LEU C 210 3.69 10.21 8.22
CA LEU C 210 2.78 10.13 7.09
C LEU C 210 3.06 11.29 6.13
N GLY C 211 3.38 12.45 6.70
CA GLY C 211 3.68 13.63 5.89
C GLY C 211 4.92 13.45 5.05
N LEU C 212 5.91 12.73 5.57
CA LEU C 212 7.13 12.48 4.81
C LEU C 212 6.77 11.61 3.61
N ARG C 213 5.87 10.66 3.81
CA ARG C 213 5.46 9.78 2.72
C ARG C 213 4.63 10.60 1.71
N TRP C 214 3.89 11.58 2.23
CA TRP C 214 3.09 12.45 1.36
C TRP C 214 4.05 13.26 0.47
N LEU C 215 5.12 13.78 1.07
CA LEU C 215 6.09 14.55 0.31
C LEU C 215 6.72 13.69 -0.79
N ALA C 216 7.00 12.43 -0.46
CA ALA C 216 7.60 11.51 -1.43
C ALA C 216 6.63 11.23 -2.58
N GLU C 217 5.35 11.12 -2.26
CA GLU C 217 4.35 10.86 -3.29
C GLU C 217 4.13 12.08 -4.18
N ALA C 218 4.18 13.27 -3.60
CA ALA C 218 4.01 14.49 -4.39
C ALA C 218 5.17 14.57 -5.36
N ASN C 219 6.37 14.26 -4.87
CA ASN C 219 7.56 14.28 -5.72
C ASN C 219 7.44 13.26 -6.84
N ARG C 220 7.00 12.04 -6.50
CA ARG C 220 6.85 10.98 -7.48
C ARG C 220 5.85 11.32 -8.59
N LEU C 221 4.73 11.91 -8.23
CA LEU C 221 3.70 12.27 -9.21
C LEU C 221 4.06 13.52 -10.02
N GLY C 222 4.88 14.39 -9.45
CA GLY C 222 5.27 15.60 -10.15
C GLY C 222 4.47 16.82 -9.72
N ILE C 223 3.95 16.77 -8.50
CA ILE C 223 3.17 17.88 -7.96
C ILE C 223 4.11 18.83 -7.24
N VAL C 224 3.98 20.13 -7.52
CA VAL C 224 4.84 21.11 -6.87
C VAL C 224 4.40 21.29 -5.41
N ILE C 225 5.36 21.15 -4.49
CA ILE C 225 5.08 21.28 -3.07
C ILE C 225 5.03 22.76 -2.64
N ASP C 226 3.94 23.12 -1.97
CA ASP C 226 3.71 24.50 -1.52
C ASP C 226 3.83 24.62 0.01
N VAL C 227 4.87 25.31 0.47
CA VAL C 227 5.08 25.46 1.92
C VAL C 227 4.38 26.64 2.60
N SER C 228 3.61 27.44 1.86
CA SER C 228 2.89 28.55 2.48
C SER C 228 1.90 27.96 3.49
N HIS C 229 1.97 28.46 4.73
CA HIS C 229 1.14 28.02 5.87
C HIS C 229 1.86 26.99 6.74
N ALA C 230 2.85 26.32 6.18
CA ALA C 230 3.59 25.30 6.91
C ALA C 230 4.62 25.94 7.84
N SER C 231 5.00 25.22 8.89
CA SER C 231 5.98 25.72 9.85
C SER C 231 7.37 25.77 9.23
N ASP C 232 8.29 26.48 9.89
CA ASP C 232 9.65 26.57 9.39
C ASP C 232 10.29 25.20 9.32
N ASP C 233 9.94 24.30 10.24
CA ASP C 233 10.48 22.95 10.22
C ASP C 233 10.08 22.26 8.91
N VAL C 234 8.84 22.48 8.48
CA VAL C 234 8.38 21.88 7.24
C VAL C 234 9.16 22.45 6.07
N VAL C 235 9.42 23.75 6.12
CA VAL C 235 10.18 24.39 5.06
C VAL C 235 11.57 23.74 4.99
N ASP C 236 12.23 23.64 6.14
CA ASP C 236 13.56 23.05 6.17
C ASP C 236 13.59 21.61 5.68
N GLN C 237 12.61 20.83 6.09
CA GLN C 237 12.55 19.43 5.67
C GLN C 237 12.18 19.32 4.20
N SER C 238 11.34 20.23 3.71
CA SER C 238 10.96 20.20 2.30
C SER C 238 12.17 20.46 1.41
N VAL C 239 12.97 21.47 1.76
CA VAL C 239 14.15 21.77 0.97
C VAL C 239 15.16 20.62 1.06
N ALA C 240 15.33 20.08 2.26
CA ALA C 240 16.29 19.01 2.48
C ALA C 240 15.89 17.68 1.82
N LEU C 241 14.60 17.38 1.81
CA LEU C 241 14.13 16.10 1.27
C LEU C 241 13.50 16.07 -0.11
N SER C 242 12.89 17.18 -0.54
CA SER C 242 12.24 17.18 -1.85
C SER C 242 13.23 16.94 -2.98
N LYS C 243 12.80 16.12 -3.95
CA LYS C 243 13.61 15.78 -5.11
C LYS C 243 13.47 16.87 -6.16
N ALA C 244 12.58 17.82 -5.91
CA ALA C 244 12.34 18.91 -6.85
C ALA C 244 12.20 20.25 -6.13
N PRO C 245 12.33 21.35 -6.89
CA PRO C 245 12.21 22.69 -6.31
C PRO C 245 10.81 22.84 -5.71
N ILE C 246 10.71 23.61 -4.62
CA ILE C 246 9.41 23.82 -3.99
C ILE C 246 9.01 25.28 -4.13
N ILE C 247 7.82 25.62 -3.64
CA ILE C 247 7.35 26.99 -3.76
C ILE C 247 6.57 27.42 -2.53
N ALA C 248 6.38 28.73 -2.40
CA ALA C 248 5.56 29.31 -1.33
C ALA C 248 4.56 30.06 -2.19
N SER C 249 3.40 29.45 -2.41
CA SER C 249 2.36 30.01 -3.28
C SER C 249 1.85 31.40 -2.91
N HIS C 250 1.95 31.75 -1.63
CA HIS C 250 1.53 33.08 -1.18
C HIS C 250 2.10 33.39 0.21
N SER C 251 3.32 33.93 0.21
CA SER C 251 4.01 34.28 1.44
C SER C 251 4.77 35.60 1.34
N GLY C 252 5.39 36.01 2.44
CA GLY C 252 6.13 37.25 2.45
C GLY C 252 7.39 37.18 3.31
N PRO C 253 8.15 38.28 3.40
CA PRO C 253 9.37 38.33 4.19
C PRO C 253 9.18 38.86 5.61
N LYS C 254 9.70 38.12 6.59
CA LYS C 254 9.60 38.56 7.98
C LYS C 254 10.32 39.91 8.13
N ALA C 255 11.31 40.15 7.26
CA ALA C 255 12.08 41.39 7.30
C ALA C 255 11.19 42.61 7.16
N VAL C 256 10.10 42.49 6.39
CA VAL C 256 9.18 43.61 6.22
C VAL C 256 8.11 43.59 7.31
N TYR C 257 7.62 42.40 7.64
CA TYR C 257 6.63 42.26 8.70
C TYR C 257 6.85 40.93 9.41
N ASP C 258 7.14 41.00 10.71
CA ASP C 258 7.40 39.80 11.49
C ASP C 258 6.13 39.06 11.90
N HIS C 259 5.77 38.06 11.11
CA HIS C 259 4.59 37.25 11.36
C HIS C 259 4.97 35.81 10.98
N PRO C 260 4.47 34.81 11.74
CA PRO C 260 4.75 33.40 11.48
C PRO C 260 4.45 32.99 10.05
N ARG C 261 3.54 33.73 9.44
CA ARG C 261 3.10 33.47 8.08
C ARG C 261 4.12 33.92 7.03
N ASN C 262 5.17 34.61 7.48
CA ASN C 262 6.23 35.07 6.57
C ASN C 262 7.52 34.32 6.84
N LEU C 263 8.47 34.46 5.93
CA LEU C 263 9.75 33.76 6.05
C LEU C 263 10.94 34.69 6.30
N ASP C 264 11.91 34.20 7.08
CA ASP C 264 13.13 34.94 7.37
C ASP C 264 13.99 34.89 6.11
N ASP C 265 14.96 35.80 6.00
CA ASP C 265 15.83 35.84 4.82
C ASP C 265 16.55 34.54 4.53
N ALA C 266 17.05 33.88 5.58
CA ALA C 266 17.77 32.62 5.42
C ALA C 266 16.92 31.57 4.70
N ARG C 267 15.66 31.45 5.10
CA ARG C 267 14.79 30.46 4.46
C ARG C 267 14.39 30.89 3.05
N LEU C 268 14.26 32.20 2.84
CA LEU C 268 13.91 32.70 1.51
C LEU C 268 15.03 32.28 0.56
N LYS C 269 16.27 32.51 0.98
CA LYS C 269 17.43 32.17 0.15
C LYS C 269 17.54 30.66 -0.04
N LYS C 270 17.28 29.90 1.02
CA LYS C 270 17.37 28.44 0.96
C LYS C 270 16.43 27.90 -0.12
N ILE C 271 15.19 28.39 -0.11
CA ILE C 271 14.20 27.96 -1.10
C ILE C 271 14.68 28.34 -2.50
N ALA C 272 15.13 29.58 -2.66
CA ALA C 272 15.62 30.04 -3.94
C ALA C 272 16.85 29.27 -4.42
N ASP C 273 17.81 29.06 -3.53
CA ASP C 273 19.03 28.34 -3.91
C ASP C 273 18.76 26.90 -4.36
N ALA C 274 17.61 26.37 -3.99
CA ALA C 274 17.24 25.00 -4.36
C ALA C 274 16.40 25.02 -5.63
N GLY C 275 16.32 26.18 -6.27
CA GLY C 275 15.56 26.32 -7.50
C GLY C 275 14.11 26.74 -7.35
N GLY C 276 13.69 26.99 -6.11
CA GLY C 276 12.33 27.39 -5.85
C GLY C 276 12.04 28.87 -5.93
N ALA C 277 10.86 29.27 -5.45
CA ALA C 277 10.47 30.67 -5.48
C ALA C 277 9.42 31.00 -4.44
N ILE C 278 9.29 32.28 -4.13
CA ILE C 278 8.32 32.76 -3.16
C ILE C 278 7.39 33.73 -3.89
N CYS C 279 6.10 33.43 -3.90
CA CYS C 279 5.11 34.28 -4.58
C CYS C 279 4.56 35.28 -3.56
N ILE C 280 4.73 36.57 -3.86
CA ILE C 280 4.32 37.63 -2.97
C ILE C 280 2.85 37.78 -2.61
N ASN C 281 2.58 37.68 -1.31
CA ASN C 281 1.25 37.80 -0.74
C ASN C 281 0.92 39.28 -0.48
N SER C 282 -0.36 39.61 -0.38
CA SER C 282 -0.76 40.98 -0.12
C SER C 282 -1.21 41.20 1.33
N ILE C 283 -1.20 40.14 2.13
CA ILE C 283 -1.57 40.28 3.54
C ILE C 283 -0.40 39.86 4.42
N TYR C 284 -0.56 39.99 5.72
CA TYR C 284 0.51 39.67 6.67
C TYR C 284 1.69 40.60 6.40
N LEU C 285 1.37 41.86 6.12
CA LEU C 285 2.39 42.87 5.84
C LEU C 285 2.29 44.08 6.78
N THR C 286 1.24 44.11 7.60
CA THR C 286 1.06 45.21 8.54
C THR C 286 0.10 44.80 9.65
N ASP C 287 0.06 45.59 10.72
CA ASP C 287 -0.83 45.29 11.84
C ASP C 287 -2.24 45.62 11.37
N THR C 288 -3.09 44.60 11.28
CA THR C 288 -4.45 44.80 10.80
C THR C 288 -5.47 45.01 11.92
N THR C 289 -4.99 45.10 13.16
CA THR C 289 -5.88 45.31 14.29
C THR C 289 -6.83 46.46 13.96
N PRO C 290 -8.14 46.20 14.06
CA PRO C 290 -9.17 47.21 13.77
C PRO C 290 -9.36 48.26 14.87
N SER C 291 -9.74 49.46 14.45
CA SER C 291 -9.98 50.54 15.39
C SER C 291 -11.20 50.14 16.22
N PRO C 292 -11.38 50.74 17.41
CA PRO C 292 -12.53 50.40 18.25
C PRO C 292 -13.85 50.35 17.48
N GLU C 293 -14.03 51.29 16.56
CA GLU C 293 -15.26 51.35 15.76
C GLU C 293 -15.31 50.23 14.72
N ALA C 304 -22.08 37.50 8.42
CA ALA C 304 -22.23 37.35 6.97
C ALA C 304 -23.10 36.13 6.67
N PRO C 305 -23.94 36.22 5.63
CA PRO C 305 -24.82 35.11 5.25
C PRO C 305 -24.07 34.00 4.49
N ASP C 306 -24.72 32.85 4.37
CA ASP C 306 -24.13 31.72 3.67
C ASP C 306 -24.21 32.05 2.18
N MET C 307 -23.06 32.38 1.60
CA MET C 307 -22.99 32.74 0.19
C MET C 307 -23.51 31.65 -0.75
N LYS C 308 -23.60 30.42 -0.26
CA LYS C 308 -24.08 29.32 -1.09
C LYS C 308 -25.59 29.08 -0.99
N THR C 309 -26.25 29.80 -0.08
CA THR C 309 -27.69 29.63 0.08
C THR C 309 -28.46 30.93 0.29
N ALA C 310 -27.74 32.02 0.51
CA ALA C 310 -28.38 33.32 0.72
C ALA C 310 -28.98 33.88 -0.58
N THR C 311 -30.04 34.67 -0.43
CA THR C 311 -30.71 35.28 -1.58
C THR C 311 -29.86 36.42 -2.11
N PRO C 312 -29.88 36.63 -3.45
CA PRO C 312 -29.09 37.71 -4.06
C PRO C 312 -29.31 39.05 -3.34
N GLU C 313 -30.51 39.26 -2.82
CA GLU C 313 -30.82 40.48 -2.10
C GLU C 313 -30.10 40.49 -0.76
N ALA C 314 -30.18 39.36 -0.06
CA ALA C 314 -29.53 39.23 1.24
C ALA C 314 -28.03 39.51 1.12
N VAL C 315 -27.41 38.95 0.08
CA VAL C 315 -25.99 39.14 -0.16
C VAL C 315 -25.71 40.62 -0.40
N LYS C 316 -26.56 41.25 -1.20
CA LYS C 316 -26.43 42.67 -1.50
C LYS C 316 -26.56 43.46 -0.21
N ALA C 317 -27.49 43.03 0.63
CA ALA C 317 -27.75 43.68 1.92
C ALA C 317 -26.47 43.79 2.74
N TYR C 318 -25.83 42.65 3.00
CA TYR C 318 -24.59 42.65 3.78
C TYR C 318 -23.48 43.44 3.08
N ALA C 319 -23.36 43.24 1.78
CA ALA C 319 -22.34 43.94 1.00
C ALA C 319 -22.48 45.44 1.18
N ASP C 320 -23.73 45.92 1.15
CA ASP C 320 -24.00 47.35 1.32
C ASP C 320 -23.63 47.83 2.72
N LYS C 321 -24.07 47.11 3.74
CA LYS C 321 -23.75 47.48 5.12
C LYS C 321 -22.24 47.45 5.31
N ARG C 322 -21.62 46.37 4.84
CA ARG C 322 -20.19 46.18 4.93
C ARG C 322 -19.45 47.33 4.26
N ALA C 323 -19.88 47.68 3.05
CA ALA C 323 -19.26 48.76 2.28
C ALA C 323 -19.28 50.05 3.08
N ALA C 324 -20.42 50.37 3.67
CA ALA C 324 -20.57 51.58 4.46
C ALA C 324 -19.58 51.57 5.62
N ILE C 325 -19.49 50.43 6.29
CA ILE C 325 -18.56 50.28 7.42
C ILE C 325 -17.12 50.46 6.96
N ASP C 326 -16.75 49.82 5.85
CA ASP C 326 -15.40 49.93 5.34
C ASP C 326 -15.07 51.35 4.93
N LYS C 327 -16.10 52.11 4.58
CA LYS C 327 -15.89 53.50 4.16
C LYS C 327 -15.80 54.41 5.38
N ALA C 328 -16.66 54.16 6.36
CA ALA C 328 -16.69 54.95 7.57
C ALA C 328 -15.45 54.70 8.43
N HIS C 329 -15.07 53.43 8.55
CA HIS C 329 -13.89 53.07 9.33
C HIS C 329 -13.05 52.06 8.59
N PRO C 330 -12.28 52.53 7.58
CA PRO C 330 -11.40 51.69 6.77
C PRO C 330 -10.57 50.71 7.58
N ALA C 331 -10.34 49.52 7.04
CA ALA C 331 -9.53 48.53 7.73
C ALA C 331 -8.06 48.86 7.46
N ALA C 332 -7.19 48.50 8.39
CA ALA C 332 -5.76 48.75 8.22
C ALA C 332 -5.20 47.63 7.33
N ARG C 333 -4.93 47.94 6.07
CA ARG C 333 -4.43 46.94 5.13
C ARG C 333 -3.13 47.32 4.44
N GLY C 334 -2.68 48.55 4.66
CA GLY C 334 -1.46 48.98 3.99
C GLY C 334 -1.84 49.38 2.58
N ASP C 335 -0.86 49.68 1.73
CA ASP C 335 -1.17 50.08 0.37
C ASP C 335 -0.24 49.40 -0.64
N PHE C 336 -0.39 49.78 -1.90
CA PHE C 336 0.42 49.20 -2.97
C PHE C 336 1.92 49.32 -2.74
N ASP C 337 2.37 50.46 -2.20
CA ASP C 337 3.80 50.62 -1.94
C ASP C 337 4.29 49.53 -0.99
N LEU C 338 3.47 49.18 -0.02
CA LEU C 338 3.84 48.15 0.94
C LEU C 338 3.98 46.80 0.23
N TYR C 339 3.11 46.55 -0.73
CA TYR C 339 3.16 45.30 -1.49
C TYR C 339 4.48 45.24 -2.24
N MET C 340 4.87 46.34 -2.87
CA MET C 340 6.13 46.37 -3.61
C MET C 340 7.33 46.34 -2.67
N LYS C 341 7.17 46.87 -1.47
CA LYS C 341 8.24 46.87 -0.48
C LYS C 341 8.56 45.40 -0.17
N SER C 342 7.50 44.59 -0.03
CA SER C 342 7.66 43.17 0.24
C SER C 342 8.34 42.48 -0.94
N MET C 343 7.78 42.68 -2.13
CA MET C 343 8.32 42.07 -3.34
C MET C 343 9.78 42.45 -3.60
N LEU C 344 10.09 43.73 -3.43
CA LEU C 344 11.45 44.21 -3.65
C LEU C 344 12.45 43.59 -2.69
N HIS C 345 12.06 43.42 -1.43
CA HIS C 345 12.96 42.82 -0.46
C HIS C 345 13.21 41.35 -0.77
N VAL C 346 12.17 40.63 -1.15
CA VAL C 346 12.34 39.22 -1.48
C VAL C 346 13.22 39.10 -2.72
N LEU C 347 13.05 40.03 -3.65
CA LEU C 347 13.86 40.04 -4.86
C LEU C 347 15.34 40.21 -4.52
N LYS C 348 15.62 41.06 -3.53
CA LYS C 348 16.99 41.32 -3.10
C LYS C 348 17.62 40.06 -2.49
N VAL C 349 16.83 39.32 -1.72
CA VAL C 349 17.32 38.12 -1.06
C VAL C 349 17.29 36.85 -1.93
N ALA C 350 16.17 36.62 -2.60
CA ALA C 350 16.01 35.42 -3.43
C ALA C 350 16.43 35.60 -4.88
N GLY C 351 16.57 36.84 -5.34
CA GLY C 351 16.95 37.07 -6.72
C GLY C 351 15.73 37.07 -7.62
N PRO C 352 15.86 37.59 -8.86
CA PRO C 352 14.75 37.64 -9.81
C PRO C 352 14.22 36.27 -10.24
N LYS C 353 14.96 35.22 -9.93
CA LYS C 353 14.54 33.87 -10.31
C LYS C 353 13.78 33.14 -9.21
N GLY C 354 13.75 33.73 -8.02
CA GLY C 354 13.07 33.11 -6.90
C GLY C 354 11.87 33.88 -6.38
N VAL C 355 11.26 34.69 -7.24
CA VAL C 355 10.10 35.49 -6.83
C VAL C 355 8.96 35.36 -7.83
N CYS C 356 7.72 35.37 -7.33
CA CYS C 356 6.54 35.25 -8.18
C CYS C 356 5.37 36.01 -7.57
N VAL C 357 4.17 35.81 -8.12
CA VAL C 357 2.99 36.53 -7.64
C VAL C 357 1.85 35.66 -7.10
N GLY C 358 1.48 35.90 -5.85
CA GLY C 358 0.40 35.16 -5.19
C GLY C 358 -0.21 36.07 -4.14
N ALA C 359 -1.02 37.02 -4.59
CA ALA C 359 -1.64 38.03 -3.75
C ALA C 359 -2.75 37.59 -2.79
N ASP C 360 -3.25 36.38 -2.96
CA ASP C 360 -4.32 35.85 -2.10
C ASP C 360 -5.68 36.43 -2.52
N TRP C 361 -5.86 36.60 -3.82
CA TRP C 361 -7.12 37.12 -4.35
C TRP C 361 -8.23 36.14 -3.97
N ASP C 362 -9.33 36.69 -3.47
CA ASP C 362 -10.48 35.91 -3.04
C ASP C 362 -10.20 35.07 -1.81
N GLY C 363 -9.02 35.27 -1.22
CA GLY C 363 -8.65 34.54 -0.03
C GLY C 363 -8.37 35.50 1.11
N GLY C 364 -8.73 36.76 0.92
CA GLY C 364 -8.52 37.78 1.95
C GLY C 364 -7.50 38.83 1.55
N GLY C 365 -6.97 38.74 0.33
CA GLY C 365 -5.98 39.69 -0.12
C GLY C 365 -6.57 41.04 -0.50
N GLY C 366 -5.70 42.00 -0.79
CA GLY C 366 -6.16 43.33 -1.18
C GLY C 366 -5.65 44.42 -0.26
N MET C 367 -5.32 45.57 -0.83
CA MET C 367 -4.81 46.72 -0.07
C MET C 367 -5.27 47.99 -0.77
N ASP C 368 -4.99 49.14 -0.16
CA ASP C 368 -5.38 50.41 -0.78
C ASP C 368 -4.57 50.52 -2.06
N GLY C 369 -5.24 50.79 -3.17
CA GLY C 369 -4.54 50.90 -4.44
C GLY C 369 -4.19 49.55 -5.05
N PHE C 370 -4.74 48.49 -4.45
CA PHE C 370 -4.50 47.11 -4.90
C PHE C 370 -5.75 46.31 -4.46
N GLU C 371 -6.91 46.78 -4.92
CA GLU C 371 -8.20 46.18 -4.57
C GLU C 371 -8.51 44.83 -5.20
N ASP C 372 -8.14 44.66 -6.48
CA ASP C 372 -8.36 43.40 -7.17
C ASP C 372 -7.38 43.26 -8.32
N ILE C 373 -7.58 42.27 -9.18
CA ILE C 373 -6.65 42.05 -10.29
C ILE C 373 -6.57 43.14 -11.35
N THR C 374 -7.49 44.11 -11.32
CA THR C 374 -7.43 45.17 -12.33
C THR C 374 -6.18 46.03 -12.04
N ASP C 375 -5.68 45.96 -10.82
CA ASP C 375 -4.51 46.74 -10.41
C ASP C 375 -3.17 46.05 -10.67
N LEU C 376 -3.18 44.84 -11.23
CA LEU C 376 -1.95 44.11 -11.49
C LEU C 376 -0.92 44.82 -12.36
N PRO C 377 -1.36 45.60 -13.35
CA PRO C 377 -0.39 46.29 -14.21
C PRO C 377 0.58 47.19 -13.44
N LYS C 378 0.15 47.66 -12.28
CA LYS C 378 0.97 48.54 -11.45
C LYS C 378 2.24 47.84 -11.00
N ILE C 379 2.17 46.52 -10.84
CA ILE C 379 3.34 45.75 -10.42
C ILE C 379 4.41 45.81 -11.50
N THR C 380 3.99 45.61 -12.74
CA THR C 380 4.90 45.62 -13.88
C THR C 380 5.54 47.01 -14.02
N ALA C 381 4.74 48.04 -13.80
CA ALA C 381 5.23 49.42 -13.90
C ALA C 381 6.31 49.68 -12.87
N ARG C 382 6.04 49.34 -11.62
CA ARG C 382 7.02 49.55 -10.56
C ARG C 382 8.30 48.75 -10.77
N LEU C 383 8.18 47.53 -11.30
CA LEU C 383 9.37 46.70 -11.54
C LEU C 383 10.28 47.37 -12.57
N LYS C 384 9.69 47.94 -13.61
CA LYS C 384 10.47 48.64 -14.62
C LYS C 384 11.07 49.87 -13.96
N ALA C 385 10.21 50.65 -13.30
CA ALA C 385 10.64 51.85 -12.60
C ALA C 385 11.75 51.58 -11.60
N GLU C 386 11.88 50.32 -11.19
CA GLU C 386 12.92 49.95 -10.23
C GLU C 386 14.17 49.48 -10.96
N GLY C 387 14.09 49.38 -12.28
CA GLY C 387 15.25 48.98 -13.07
C GLY C 387 15.34 47.52 -13.51
N TYR C 388 14.27 46.75 -13.30
CA TYR C 388 14.30 45.35 -13.71
C TYR C 388 14.05 45.19 -15.20
N SER C 389 14.84 44.32 -15.83
CA SER C 389 14.70 44.07 -17.26
C SER C 389 13.39 43.34 -17.54
N ASP C 390 13.06 43.19 -18.82
CA ASP C 390 11.85 42.50 -19.20
C ASP C 390 11.99 41.02 -18.87
N ALA C 391 13.21 40.51 -19.05
CA ALA C 391 13.50 39.11 -18.76
C ALA C 391 13.12 38.80 -17.31
N ASP C 392 13.58 39.62 -16.39
CA ASP C 392 13.30 39.43 -14.96
C ASP C 392 11.81 39.58 -14.66
N ILE C 393 11.17 40.54 -15.31
CA ILE C 393 9.75 40.77 -15.09
C ILE C 393 8.98 39.56 -15.59
N GLU C 394 9.41 39.00 -16.72
CA GLU C 394 8.75 37.83 -17.30
C GLU C 394 8.91 36.65 -16.35
N ALA C 395 10.10 36.52 -15.75
CA ALA C 395 10.38 35.44 -14.82
C ALA C 395 9.48 35.55 -13.61
N ILE C 396 9.34 36.77 -13.10
CA ILE C 396 8.51 37.03 -11.95
C ILE C 396 7.03 36.79 -12.21
N TRP C 397 6.55 37.16 -13.40
CA TRP C 397 5.15 36.98 -13.73
C TRP C 397 4.71 35.56 -14.09
N SER C 398 5.66 34.72 -14.51
CA SER C 398 5.31 33.34 -14.86
C SER C 398 6.50 32.42 -15.07
N GLY C 399 7.58 32.96 -15.65
CA GLY C 399 8.76 32.15 -15.91
C GLY C 399 9.26 31.29 -14.77
N ASN C 400 9.41 31.88 -13.59
CA ASN C 400 9.90 31.12 -12.45
C ASN C 400 8.95 29.98 -12.06
N VAL C 401 7.66 30.29 -11.98
CA VAL C 401 6.69 29.27 -11.62
C VAL C 401 6.66 28.13 -12.63
N LEU C 402 6.64 28.47 -13.92
CA LEU C 402 6.61 27.44 -14.95
C LEU C 402 7.88 26.61 -14.94
N ARG C 403 8.99 27.22 -14.56
CA ARG C 403 10.25 26.50 -14.48
C ARG C 403 10.17 25.46 -13.35
N ILE C 404 9.54 25.85 -12.24
CA ILE C 404 9.39 24.98 -11.09
C ILE C 404 8.47 23.81 -11.46
N VAL C 405 7.39 24.11 -12.17
CA VAL C 405 6.46 23.09 -12.61
C VAL C 405 7.20 22.09 -13.51
N ASP C 406 7.97 22.61 -14.46
CA ASP C 406 8.73 21.75 -15.38
C ASP C 406 9.65 20.82 -14.60
N ALA C 407 10.40 21.37 -13.66
CA ALA C 407 11.33 20.60 -12.86
C ALA C 407 10.63 19.50 -12.05
N ALA C 408 9.48 19.81 -11.48
CA ALA C 408 8.75 18.82 -10.69
C ALA C 408 8.31 17.68 -11.58
N GLN C 409 7.75 18.01 -12.73
CA GLN C 409 7.26 17.01 -13.66
C GLN C 409 8.40 16.28 -14.36
N ALA C 410 9.56 16.93 -14.48
CA ALA C 410 10.71 16.29 -15.11
C ALA C 410 11.19 15.19 -14.16
N TYR C 411 11.25 15.50 -12.87
CA TYR C 411 11.68 14.50 -11.91
C TYR C 411 10.73 13.30 -11.94
N ALA C 412 9.44 13.57 -11.94
CA ALA C 412 8.43 12.51 -11.97
C ALA C 412 8.66 11.60 -13.16
N LYS C 413 8.88 12.20 -14.33
CA LYS C 413 9.09 11.43 -15.54
C LYS C 413 10.35 10.57 -15.42
N SER C 414 11.38 11.11 -14.79
CA SER C 414 12.64 10.39 -14.62
C SER C 414 12.53 9.11 -13.82
N VAL C 415 11.45 8.94 -13.07
CA VAL C 415 11.30 7.72 -12.28
C VAL C 415 10.09 6.90 -12.69
N SER D 37 -43.77 8.40 -38.02
CA SER D 37 -45.22 8.75 -38.10
C SER D 37 -45.56 9.92 -37.18
N LYS D 38 -45.99 11.04 -37.74
CA LYS D 38 -46.34 12.20 -36.94
C LYS D 38 -47.48 11.89 -35.99
N ALA D 39 -48.31 10.92 -36.35
CA ALA D 39 -49.43 10.53 -35.49
C ALA D 39 -48.88 9.83 -34.26
N ASP D 40 -47.87 8.99 -34.45
CA ASP D 40 -47.25 8.28 -33.35
C ASP D 40 -46.54 9.27 -32.43
N LYS D 41 -45.79 10.20 -33.02
CA LYS D 41 -45.06 11.20 -32.24
C LYS D 41 -45.99 12.06 -31.39
N ALA D 42 -47.18 12.35 -31.92
CA ALA D 42 -48.15 13.15 -31.21
C ALA D 42 -48.58 12.45 -29.93
N LEU D 43 -48.93 11.18 -30.05
CA LEU D 43 -49.34 10.38 -28.90
C LEU D 43 -48.17 10.29 -27.92
N HIS D 44 -47.05 9.80 -28.43
CA HIS D 44 -45.82 9.63 -27.65
C HIS D 44 -45.46 10.91 -26.89
N ASP D 45 -45.54 12.04 -27.59
CA ASP D 45 -45.19 13.33 -27.00
C ASP D 45 -46.02 13.69 -25.76
N LYS D 46 -47.14 13.03 -25.58
CA LYS D 46 -48.02 13.32 -24.44
C LYS D 46 -47.50 12.74 -23.12
N PHE D 47 -46.56 11.81 -23.21
CA PHE D 47 -46.03 11.16 -22.01
C PHE D 47 -44.62 11.63 -21.60
N LEU D 48 -44.37 11.58 -20.29
CA LEU D 48 -43.06 11.94 -19.74
C LEU D 48 -42.27 10.65 -19.86
N THR D 49 -41.24 10.66 -20.69
CA THR D 49 -40.45 9.46 -20.91
C THR D 49 -39.05 9.46 -20.31
N LEU D 50 -38.60 8.28 -19.90
CA LEU D 50 -37.26 8.11 -19.35
C LEU D 50 -36.81 6.66 -19.52
N ASP D 51 -35.50 6.51 -19.73
CA ASP D 51 -34.90 5.19 -19.89
C ASP D 51 -33.96 5.05 -18.69
N THR D 52 -33.99 3.89 -18.05
CA THR D 52 -33.19 3.66 -16.85
C THR D 52 -31.75 3.18 -17.05
N HIS D 53 -31.25 3.19 -18.29
CA HIS D 53 -29.88 2.75 -18.50
C HIS D 53 -29.22 3.30 -19.74
N LEU D 54 -29.00 4.61 -19.75
CA LEU D 54 -28.35 5.27 -20.87
C LEU D 54 -26.84 5.20 -20.68
N ASP D 55 -26.17 4.33 -21.43
CA ASP D 55 -24.72 4.17 -21.34
C ASP D 55 -23.97 5.25 -22.08
N THR D 56 -24.70 6.24 -22.58
CA THR D 56 -24.14 7.35 -23.35
C THR D 56 -22.89 8.02 -22.75
N PRO D 57 -22.80 8.12 -21.40
CA PRO D 57 -21.62 8.76 -20.82
C PRO D 57 -20.28 8.20 -21.32
N ALA D 58 -20.30 6.97 -21.83
CA ALA D 58 -19.09 6.35 -22.35
C ALA D 58 -18.52 7.14 -23.54
N HIS D 59 -19.37 7.96 -24.16
CA HIS D 59 -18.96 8.77 -25.31
C HIS D 59 -18.50 10.17 -24.93
N PHE D 60 -18.85 10.60 -23.72
CA PHE D 60 -18.51 11.95 -23.29
C PHE D 60 -17.03 12.30 -23.35
N GLY D 61 -16.18 11.33 -23.06
CA GLY D 61 -14.75 11.58 -23.07
C GLY D 61 -14.10 11.48 -24.43
N ARG D 62 -14.90 11.18 -25.45
CA ARG D 62 -14.37 11.05 -26.80
C ARG D 62 -14.02 12.46 -27.33
N PRO D 63 -12.81 12.61 -27.88
CA PRO D 63 -12.34 13.89 -28.43
C PRO D 63 -13.33 14.59 -29.34
N GLY D 64 -13.76 15.78 -28.94
CA GLY D 64 -14.70 16.55 -29.74
C GLY D 64 -16.14 16.10 -29.73
N TRP D 65 -16.45 14.96 -29.12
CA TRP D 65 -17.82 14.48 -29.11
C TRP D 65 -18.69 15.46 -28.31
N ASP D 66 -19.84 15.80 -28.87
CA ASP D 66 -20.75 16.74 -28.22
C ASP D 66 -22.18 16.21 -28.28
N ILE D 67 -22.82 16.08 -27.12
CA ILE D 67 -24.17 15.57 -27.06
C ILE D 67 -25.18 16.48 -27.77
N ALA D 68 -24.77 17.73 -27.99
CA ALA D 68 -25.65 18.69 -28.66
C ALA D 68 -25.74 18.40 -30.16
N ASP D 69 -24.72 17.75 -30.71
CA ASP D 69 -24.70 17.41 -32.13
C ASP D 69 -25.57 16.21 -32.47
N HIS D 70 -25.95 16.12 -33.73
CA HIS D 70 -26.77 15.00 -34.20
C HIS D 70 -25.79 13.98 -34.77
N HIS D 71 -25.96 12.71 -34.39
CA HIS D 71 -25.07 11.66 -34.85
C HIS D 71 -25.86 10.54 -35.50
N GLU D 72 -25.14 9.70 -36.25
CA GLU D 72 -25.74 8.55 -36.92
C GLU D 72 -25.11 7.31 -36.33
N VAL D 73 -25.93 6.41 -35.81
CA VAL D 73 -25.41 5.17 -35.21
C VAL D 73 -24.45 4.46 -36.16
N GLU D 74 -24.75 4.55 -37.45
CA GLU D 74 -23.93 3.91 -38.49
C GLU D 74 -22.53 4.51 -38.62
N HIS D 75 -22.40 5.80 -38.33
CA HIS D 75 -21.13 6.49 -38.47
C HIS D 75 -20.42 6.80 -37.14
N ASP D 76 -21.21 7.02 -36.09
CA ASP D 76 -20.67 7.38 -34.79
C ASP D 76 -20.79 6.29 -33.73
N PHE D 77 -21.58 5.26 -34.00
CA PHE D 77 -21.80 4.17 -33.07
C PHE D 77 -22.66 4.59 -31.89
N SER D 78 -22.97 5.88 -31.82
CA SER D 78 -23.81 6.39 -30.73
C SER D 78 -25.28 6.23 -31.05
N GLN D 79 -26.10 6.07 -30.01
CA GLN D 79 -27.53 5.92 -30.18
C GLN D 79 -28.31 6.99 -29.42
N VAL D 80 -27.58 7.90 -28.77
CA VAL D 80 -28.20 8.97 -28.00
C VAL D 80 -27.49 10.32 -28.10
N ASP D 81 -28.29 11.37 -28.29
CA ASP D 81 -27.82 12.76 -28.33
C ASP D 81 -29.06 13.64 -28.23
N LEU D 82 -28.85 14.93 -27.98
CA LEU D 82 -29.99 15.85 -27.84
C LEU D 82 -30.95 15.86 -29.03
N PRO D 83 -30.44 16.06 -30.25
CA PRO D 83 -31.34 16.07 -31.41
C PRO D 83 -32.21 14.81 -31.49
N ARG D 84 -31.60 13.66 -31.31
CA ARG D 84 -32.35 12.41 -31.36
C ARG D 84 -33.26 12.21 -30.16
N MET D 85 -32.93 12.83 -29.03
CA MET D 85 -33.77 12.71 -27.84
C MET D 85 -35.06 13.47 -28.17
N ASN D 86 -34.92 14.58 -28.89
CA ASN D 86 -36.05 15.40 -29.28
C ASN D 86 -36.88 14.67 -30.34
N GLN D 87 -36.19 14.11 -31.32
CA GLN D 87 -36.85 13.38 -32.40
C GLN D 87 -37.55 12.13 -31.89
N GLY D 88 -36.92 11.46 -30.92
CA GLY D 88 -37.51 10.25 -30.36
C GLY D 88 -38.43 10.51 -29.20
N GLY D 89 -38.53 11.78 -28.79
CA GLY D 89 -39.39 12.12 -27.67
C GLY D 89 -38.94 11.55 -26.33
N LEU D 90 -37.63 11.49 -26.11
CA LEU D 90 -37.09 10.99 -24.84
C LEU D 90 -36.85 12.21 -23.95
N ASP D 91 -37.57 12.25 -22.84
CA ASP D 91 -37.47 13.39 -21.93
C ASP D 91 -36.30 13.36 -20.96
N GLY D 92 -35.78 12.17 -20.67
CA GLY D 92 -34.65 12.05 -19.76
C GLY D 92 -34.30 10.61 -19.51
N GLY D 93 -33.50 10.38 -18.47
CA GLY D 93 -33.11 9.02 -18.13
C GLY D 93 -31.97 8.98 -17.13
N PHE D 94 -31.54 7.77 -16.81
CA PHE D 94 -30.44 7.58 -15.87
C PHE D 94 -29.18 7.40 -16.69
N PHE D 95 -28.26 8.36 -16.57
CA PHE D 95 -26.99 8.30 -17.28
C PHE D 95 -26.04 7.48 -16.44
N VAL D 96 -25.58 6.39 -17.04
CA VAL D 96 -24.73 5.40 -16.40
C VAL D 96 -23.25 5.64 -16.20
N VAL D 97 -22.79 5.32 -14.99
CA VAL D 97 -21.38 5.37 -14.65
C VAL D 97 -21.07 3.88 -14.61
N TYR D 98 -20.43 3.40 -15.68
CA TYR D 98 -20.12 1.99 -15.82
C TYR D 98 -18.64 1.67 -15.88
N ILE D 99 -18.27 0.53 -15.29
CA ILE D 99 -16.89 0.07 -15.34
C ILE D 99 -16.87 -1.46 -15.39
N GLY D 100 -16.05 -2.00 -16.30
CA GLY D 100 -15.93 -3.44 -16.45
C GLY D 100 -15.25 -4.03 -15.21
N GLN D 101 -15.56 -5.28 -14.90
CA GLN D 101 -14.97 -5.90 -13.71
C GLN D 101 -13.48 -6.21 -13.81
N GLY D 102 -12.71 -5.67 -12.86
CA GLY D 102 -11.28 -5.90 -12.82
C GLY D 102 -10.87 -6.70 -11.59
N GLU D 103 -9.62 -6.53 -11.16
CA GLU D 103 -9.08 -7.25 -10.02
C GLU D 103 -9.63 -6.88 -8.66
N LEU D 104 -9.78 -7.87 -7.80
CA LEU D 104 -10.26 -7.65 -6.45
C LEU D 104 -9.00 -7.52 -5.60
N THR D 105 -8.31 -6.40 -5.79
CA THR D 105 -7.07 -6.10 -5.08
C THR D 105 -7.08 -4.60 -4.75
N GLU D 106 -6.18 -4.18 -3.86
CA GLU D 106 -6.09 -2.78 -3.50
C GLU D 106 -5.86 -1.95 -4.76
N LYS D 107 -4.95 -2.40 -5.62
CA LYS D 107 -4.66 -1.69 -6.86
C LYS D 107 -5.91 -1.62 -7.74
N GLY D 108 -6.66 -2.71 -7.80
CA GLY D 108 -7.87 -2.72 -8.60
C GLY D 108 -8.90 -1.75 -8.05
N TYR D 109 -9.08 -1.77 -6.72
CA TYR D 109 -10.06 -0.89 -6.08
C TYR D 109 -9.73 0.59 -6.23
N THR D 110 -8.46 0.96 -6.09
CA THR D 110 -8.09 2.36 -6.22
C THR D 110 -8.31 2.78 -7.68
N TYR D 111 -7.94 1.91 -8.61
CA TYR D 111 -8.14 2.19 -10.02
C TYR D 111 -9.63 2.39 -10.31
N ALA D 112 -10.45 1.47 -9.81
CA ALA D 112 -11.89 1.53 -10.02
C ALA D 112 -12.51 2.79 -9.42
N ARG D 113 -12.09 3.14 -8.21
CA ARG D 113 -12.60 4.34 -7.55
C ARG D 113 -12.34 5.56 -8.43
N ASP D 114 -11.08 5.75 -8.82
CA ASP D 114 -10.68 6.90 -9.65
C ASP D 114 -11.39 6.91 -11.00
N TYR D 115 -11.52 5.74 -11.62
CA TYR D 115 -12.16 5.63 -12.92
C TYR D 115 -13.62 6.07 -12.85
N ALA D 116 -14.36 5.54 -11.87
CA ALA D 116 -15.77 5.89 -11.70
C ALA D 116 -15.93 7.36 -11.33
N LEU D 117 -15.03 7.88 -10.49
CA LEU D 117 -15.12 9.28 -10.12
C LEU D 117 -14.97 10.13 -11.39
N HIS D 118 -14.03 9.75 -12.26
CA HIS D 118 -13.82 10.52 -13.48
C HIS D 118 -15.00 10.44 -14.43
N ARG D 119 -15.62 9.26 -14.52
CA ARG D 119 -16.77 9.09 -15.41
C ARG D 119 -17.94 9.92 -14.87
N THR D 120 -18.07 9.97 -13.55
CA THR D 120 -19.12 10.75 -12.91
C THR D 120 -18.87 12.23 -13.25
N ILE D 121 -17.60 12.63 -13.17
CA ILE D 121 -17.22 14.00 -13.46
C ILE D 121 -17.52 14.35 -14.92
N GLU D 122 -17.30 13.39 -15.83
CA GLU D 122 -17.57 13.65 -17.25
C GLU D 122 -19.05 13.95 -17.43
N ILE D 123 -19.90 13.25 -16.69
CA ILE D 123 -21.34 13.48 -16.78
C ILE D 123 -21.64 14.90 -16.28
N ARG D 124 -21.05 15.27 -15.15
CA ARG D 124 -21.28 16.59 -14.59
C ARG D 124 -20.74 17.68 -15.52
N GLU D 125 -19.71 17.36 -16.29
CA GLU D 125 -19.15 18.33 -17.22
C GLU D 125 -20.11 18.53 -18.40
N MET D 126 -20.73 17.45 -18.86
CA MET D 126 -21.69 17.55 -19.97
C MET D 126 -22.82 18.48 -19.53
N LEU D 127 -23.33 18.25 -18.31
CA LEU D 127 -24.41 19.06 -17.77
C LEU D 127 -24.00 20.51 -17.61
N ALA D 128 -22.74 20.76 -17.22
CA ALA D 128 -22.25 22.12 -17.05
C ALA D 128 -22.09 22.82 -18.40
N ALA D 129 -21.81 22.02 -19.43
CA ALA D 129 -21.63 22.57 -20.78
C ALA D 129 -22.95 22.77 -21.54
N ASN D 130 -24.04 22.23 -21.01
CA ASN D 130 -25.35 22.34 -21.67
C ASN D 130 -26.45 22.70 -20.67
N PRO D 131 -26.29 23.83 -19.96
CA PRO D 131 -27.25 24.31 -18.96
C PRO D 131 -28.65 24.69 -19.48
N ASP D 132 -28.74 25.05 -20.76
CA ASP D 132 -30.03 25.45 -21.32
C ASP D 132 -30.87 24.30 -21.82
N THR D 133 -30.25 23.14 -22.02
CA THR D 133 -30.96 21.99 -22.55
C THR D 133 -31.00 20.77 -21.62
N PHE D 134 -30.11 20.76 -20.62
CA PHE D 134 -30.02 19.65 -19.67
C PHE D 134 -29.92 20.14 -18.23
N GLU D 135 -30.26 19.26 -17.30
CA GLU D 135 -30.16 19.55 -15.88
C GLU D 135 -30.20 18.24 -15.09
N MET D 136 -29.36 18.12 -14.07
CA MET D 136 -29.34 16.92 -13.26
C MET D 136 -30.59 16.86 -12.41
N ALA D 137 -31.13 15.66 -12.27
CA ALA D 137 -32.30 15.45 -11.45
C ALA D 137 -31.87 14.54 -10.30
N LEU D 138 -32.33 14.85 -9.09
CA LEU D 138 -32.01 14.05 -7.92
C LEU D 138 -33.28 13.40 -7.39
N THR D 139 -34.41 14.08 -7.63
CA THR D 139 -35.71 13.60 -7.19
C THR D 139 -36.71 13.57 -8.34
N SER D 140 -37.86 12.95 -8.12
CA SER D 140 -38.89 12.90 -9.17
C SER D 140 -39.41 14.30 -9.42
N ASP D 141 -39.47 15.13 -8.36
CA ASP D 141 -39.93 16.51 -8.51
C ASP D 141 -38.97 17.26 -9.43
N ASP D 142 -37.68 16.96 -9.31
CA ASP D 142 -36.70 17.61 -10.16
C ASP D 142 -36.98 17.25 -11.60
N ALA D 143 -37.24 15.96 -11.85
CA ALA D 143 -37.52 15.48 -13.20
C ALA D 143 -38.71 16.22 -13.82
N ARG D 144 -39.82 16.27 -13.10
CA ARG D 144 -41.01 16.95 -13.59
C ARG D 144 -40.76 18.44 -13.78
N ARG D 145 -40.09 19.07 -12.82
CA ARG D 145 -39.80 20.50 -12.92
C ARG D 145 -38.93 20.77 -14.13
N ILE D 146 -37.88 19.97 -14.31
CA ILE D 146 -36.98 20.13 -15.44
C ILE D 146 -37.72 19.94 -16.75
N ALA D 147 -38.60 18.93 -16.80
CA ALA D 147 -39.37 18.65 -18.00
C ALA D 147 -40.26 19.84 -18.37
N LYS D 148 -40.96 20.39 -17.38
CA LYS D 148 -41.83 21.53 -17.63
C LYS D 148 -41.07 22.72 -18.17
N ALA D 149 -39.82 22.87 -17.76
CA ALA D 149 -38.99 23.99 -18.22
C ALA D 149 -38.47 23.72 -19.63
N GLY D 150 -38.82 22.58 -20.18
CA GLY D 150 -38.37 22.24 -21.53
C GLY D 150 -36.96 21.70 -21.63
N LYS D 151 -36.41 21.21 -20.51
CA LYS D 151 -35.06 20.65 -20.53
C LYS D 151 -35.09 19.15 -20.31
N LYS D 152 -34.01 18.47 -20.71
CA LYS D 152 -33.91 17.03 -20.52
C LYS D 152 -33.35 16.81 -19.12
N PHE D 153 -33.93 15.86 -18.38
CA PHE D 153 -33.44 15.60 -17.03
C PHE D 153 -32.47 14.42 -17.02
N ALA D 154 -31.42 14.56 -16.21
CA ALA D 154 -30.43 13.50 -16.13
C ALA D 154 -30.19 13.01 -14.71
N PHE D 155 -30.59 11.78 -14.45
CA PHE D 155 -30.37 11.15 -13.15
C PHE D 155 -29.02 10.46 -13.36
N VAL D 156 -28.37 10.07 -12.26
CA VAL D 156 -27.08 9.39 -12.37
C VAL D 156 -27.19 8.01 -11.77
N SER D 157 -26.74 6.99 -12.50
CA SER D 157 -26.79 5.62 -12.00
C SER D 157 -25.41 4.98 -12.09
N MET D 158 -25.25 3.86 -11.40
CA MET D 158 -23.97 3.15 -11.40
C MET D 158 -24.18 1.70 -11.81
N GLU D 159 -23.34 1.22 -12.72
CA GLU D 159 -23.40 -0.17 -13.15
C GLU D 159 -22.05 -0.75 -12.76
N ASN D 160 -22.10 -1.69 -11.81
CA ASN D 160 -20.95 -2.35 -11.20
C ASN D 160 -20.46 -1.43 -10.09
N SER D 161 -20.64 -1.86 -8.83
CA SER D 161 -20.19 -1.04 -7.71
C SER D 161 -18.80 -1.41 -7.22
N TRP D 162 -18.08 -2.15 -8.05
CA TRP D 162 -16.70 -2.54 -7.78
C TRP D 162 -15.90 -1.32 -7.30
N PRO D 163 -16.20 -0.11 -7.82
CA PRO D 163 -15.48 1.10 -7.41
C PRO D 163 -15.48 1.46 -5.91
N VAL D 164 -16.41 0.92 -5.14
CA VAL D 164 -16.42 1.26 -3.71
C VAL D 164 -15.35 0.50 -2.94
N GLY D 165 -14.76 -0.50 -3.59
CA GLY D 165 -13.72 -1.29 -2.95
C GLY D 165 -14.21 -1.88 -1.64
N GLU D 166 -13.46 -1.66 -0.57
CA GLU D 166 -13.82 -2.15 0.75
C GLU D 166 -14.26 -0.96 1.60
N ASP D 167 -14.36 0.20 0.97
CA ASP D 167 -14.72 1.43 1.66
C ASP D 167 -16.14 1.87 1.30
N LEU D 168 -17.11 1.42 2.10
CA LEU D 168 -18.50 1.76 1.84
C LEU D 168 -18.84 3.25 1.97
N SER D 169 -17.94 4.04 2.58
CA SER D 169 -18.20 5.47 2.68
C SER D 169 -18.20 6.08 1.27
N LEU D 170 -17.62 5.36 0.31
CA LEU D 170 -17.58 5.87 -1.06
C LEU D 170 -18.99 5.90 -1.68
N VAL D 171 -19.89 5.07 -1.16
CA VAL D 171 -21.25 5.07 -1.70
C VAL D 171 -21.82 6.48 -1.52
N GLU D 172 -21.61 7.06 -0.33
CA GLU D 172 -22.11 8.40 -0.07
C GLU D 172 -21.33 9.43 -0.89
N THR D 173 -20.06 9.16 -1.16
CA THR D 173 -19.26 10.06 -1.97
C THR D 173 -19.94 10.22 -3.34
N PHE D 174 -20.31 9.10 -3.95
CA PHE D 174 -20.98 9.15 -5.25
C PHE D 174 -22.37 9.75 -5.11
N TYR D 175 -23.04 9.45 -4.00
CA TYR D 175 -24.37 9.99 -3.73
C TYR D 175 -24.28 11.52 -3.73
N LYS D 176 -23.27 12.05 -3.05
CA LYS D 176 -23.09 13.50 -2.98
C LYS D 176 -22.88 14.12 -4.36
N GLU D 177 -22.40 13.34 -5.32
CA GLU D 177 -22.19 13.88 -6.66
C GLU D 177 -23.35 13.56 -7.60
N GLY D 178 -24.43 13.01 -7.05
CA GLY D 178 -25.61 12.74 -7.88
C GLY D 178 -26.13 11.32 -8.00
N LEU D 179 -25.36 10.33 -7.57
CA LEU D 179 -25.79 8.94 -7.69
C LEU D 179 -27.15 8.68 -7.02
N ARG D 180 -28.08 8.08 -7.76
CA ARG D 180 -29.40 7.78 -7.22
C ARG D 180 -29.92 6.37 -7.52
N MET D 181 -29.16 5.61 -8.30
CA MET D 181 -29.50 4.22 -8.66
C MET D 181 -28.17 3.48 -8.82
N ALA D 182 -28.06 2.28 -8.27
CA ALA D 182 -26.81 1.56 -8.38
C ALA D 182 -26.94 0.03 -8.32
N GLY D 183 -26.18 -0.63 -9.18
CA GLY D 183 -26.18 -2.08 -9.21
C GLY D 183 -24.88 -2.53 -8.55
N PRO D 184 -24.92 -3.59 -7.73
CA PRO D 184 -23.68 -4.02 -7.09
C PRO D 184 -22.66 -4.70 -8.00
N VAL D 185 -23.13 -5.36 -9.05
CA VAL D 185 -22.21 -6.11 -9.89
C VAL D 185 -22.50 -6.08 -11.39
N HIS D 186 -21.49 -6.46 -12.19
CA HIS D 186 -21.65 -6.51 -13.64
C HIS D 186 -21.51 -7.96 -14.14
N PHE D 187 -20.73 -8.17 -15.19
CA PHE D 187 -20.55 -9.50 -15.79
C PHE D 187 -19.86 -10.58 -14.96
N ARG D 188 -18.99 -10.18 -14.04
CA ARG D 188 -18.29 -11.16 -13.19
C ARG D 188 -18.51 -10.84 -11.71
N ASN D 189 -18.32 -11.83 -10.85
CA ASN D 189 -18.49 -11.61 -9.42
C ASN D 189 -17.50 -10.54 -8.98
N ASN D 190 -17.80 -9.84 -7.88
CA ASN D 190 -16.86 -8.87 -7.34
C ASN D 190 -16.87 -9.01 -5.82
N GLN D 191 -16.31 -8.04 -5.10
CA GLN D 191 -16.25 -8.14 -3.64
C GLN D 191 -17.61 -7.96 -2.96
N LEU D 192 -18.62 -7.53 -3.71
CA LEU D 192 -19.95 -7.29 -3.15
C LEU D 192 -20.98 -8.38 -3.42
N ALA D 193 -20.96 -8.98 -4.60
CA ALA D 193 -21.96 -10.00 -4.91
C ALA D 193 -21.64 -10.86 -6.12
N ASP D 194 -22.44 -11.92 -6.29
CA ASP D 194 -22.30 -12.84 -7.42
C ASP D 194 -22.98 -12.25 -8.66
N SER D 195 -22.38 -12.49 -9.82
CA SER D 195 -22.95 -12.05 -11.08
C SER D 195 -23.76 -13.23 -11.61
N SER D 196 -24.71 -12.97 -12.49
CA SER D 196 -25.51 -14.05 -13.06
C SER D 196 -24.75 -14.71 -14.21
N THR D 197 -23.69 -14.06 -14.67
CA THR D 197 -22.92 -14.57 -15.80
C THR D 197 -21.44 -14.92 -15.58
N ASP D 198 -20.99 -15.05 -14.34
CA ASP D 198 -19.58 -15.36 -14.13
C ASP D 198 -19.28 -16.80 -14.53
N PRO D 199 -18.36 -17.00 -15.50
CA PRO D 199 -17.95 -18.32 -15.98
C PRO D 199 -17.41 -19.26 -14.90
N LYS D 200 -16.90 -18.67 -13.81
CA LYS D 200 -16.34 -19.47 -12.72
C LYS D 200 -17.39 -19.90 -11.71
N GLY D 201 -18.63 -19.45 -11.90
CA GLY D 201 -19.69 -19.81 -10.97
C GLY D 201 -19.84 -18.83 -9.83
N LYS D 202 -20.57 -19.24 -8.80
CA LYS D 202 -20.81 -18.41 -7.62
C LYS D 202 -19.69 -18.47 -6.61
N ILE D 203 -19.56 -17.43 -5.79
CA ILE D 203 -18.57 -17.42 -4.72
C ILE D 203 -19.20 -16.97 -3.41
N TRP D 204 -20.25 -16.15 -3.49
CA TRP D 204 -20.94 -15.66 -2.30
C TRP D 204 -22.34 -16.25 -2.09
N ASN D 205 -22.90 -16.84 -3.15
CA ASN D 205 -24.26 -17.39 -3.11
C ASN D 205 -25.18 -16.21 -2.81
N GLY D 206 -24.94 -15.12 -3.51
CA GLY D 206 -25.70 -13.90 -3.34
C GLY D 206 -24.75 -12.76 -3.03
N TYR D 207 -25.05 -12.02 -1.97
CA TYR D 207 -24.21 -10.90 -1.54
C TYR D 207 -23.15 -11.44 -0.59
N SER D 208 -21.97 -10.83 -0.62
CA SER D 208 -20.90 -11.19 0.29
C SER D 208 -21.29 -10.44 1.58
N PRO D 209 -20.60 -10.72 2.70
CA PRO D 209 -20.96 -9.98 3.91
C PRO D 209 -20.81 -8.46 3.67
N LEU D 210 -19.79 -8.06 2.94
CA LEU D 210 -19.56 -6.64 2.60
C LEU D 210 -20.72 -6.14 1.74
N GLY D 211 -21.20 -7.00 0.85
CA GLY D 211 -22.30 -6.65 -0.03
C GLY D 211 -23.60 -6.39 0.72
N LEU D 212 -23.81 -7.14 1.80
CA LEU D 212 -25.01 -6.96 2.62
C LEU D 212 -24.93 -5.58 3.25
N ARG D 213 -23.73 -5.18 3.67
CA ARG D 213 -23.55 -3.87 4.26
C ARG D 213 -23.73 -2.80 3.20
N TRP D 214 -23.34 -3.11 1.96
CA TRP D 214 -23.50 -2.18 0.85
C TRP D 214 -24.99 -1.97 0.61
N LEU D 215 -25.75 -3.07 0.62
CA LEU D 215 -27.20 -2.97 0.42
C LEU D 215 -27.81 -2.08 1.50
N ALA D 216 -27.36 -2.26 2.74
CA ALA D 216 -27.87 -1.48 3.85
C ALA D 216 -27.56 0.00 3.69
N GLU D 217 -26.35 0.30 3.18
CA GLU D 217 -25.96 1.69 2.99
C GLU D 217 -26.73 2.34 1.83
N ALA D 218 -26.98 1.57 0.76
CA ALA D 218 -27.73 2.09 -0.38
C ALA D 218 -29.12 2.46 0.13
N ASN D 219 -29.71 1.56 0.93
CA ASN D 219 -31.04 1.79 1.49
C ASN D 219 -31.03 3.05 2.36
N ARG D 220 -30.03 3.15 3.24
CA ARG D 220 -29.92 4.31 4.13
C ARG D 220 -29.82 5.63 3.39
N LEU D 221 -29.03 5.67 2.32
CA LEU D 221 -28.85 6.90 1.57
C LEU D 221 -30.05 7.23 0.65
N GLY D 222 -30.78 6.19 0.24
CA GLY D 222 -31.92 6.41 -0.62
C GLY D 222 -31.60 6.13 -2.08
N ILE D 223 -30.62 5.27 -2.31
CA ILE D 223 -30.23 4.91 -3.66
C ILE D 223 -31.03 3.69 -4.09
N VAL D 224 -31.60 3.74 -5.29
CA VAL D 224 -32.38 2.61 -5.78
C VAL D 224 -31.44 1.47 -6.17
N ILE D 225 -31.69 0.28 -5.63
CA ILE D 225 -30.87 -0.89 -5.92
C ILE D 225 -31.24 -1.53 -7.26
N ASP D 226 -30.24 -1.72 -8.11
CA ASP D 226 -30.42 -2.29 -9.44
C ASP D 226 -29.85 -3.72 -9.53
N VAL D 227 -30.73 -4.71 -9.69
CA VAL D 227 -30.29 -6.11 -9.77
C VAL D 227 -29.92 -6.65 -11.15
N SER D 228 -30.00 -5.82 -12.19
CA SER D 228 -29.63 -6.29 -13.53
C SER D 228 -28.14 -6.66 -13.48
N HIS D 229 -27.82 -7.87 -13.94
CA HIS D 229 -26.46 -8.43 -13.96
C HIS D 229 -26.17 -9.30 -12.73
N ALA D 230 -26.92 -9.08 -11.65
CA ALA D 230 -26.73 -9.84 -10.43
C ALA D 230 -27.35 -11.24 -10.53
N SER D 231 -26.85 -12.17 -9.74
CA SER D 231 -27.37 -13.54 -9.76
C SER D 231 -28.75 -13.61 -9.15
N ASP D 232 -29.45 -14.72 -9.36
CA ASP D 232 -30.78 -14.88 -8.79
C ASP D 232 -30.72 -14.82 -7.26
N ASP D 233 -29.64 -15.32 -6.68
CA ASP D 233 -29.50 -15.25 -5.22
C ASP D 233 -29.51 -13.79 -4.78
N VAL D 234 -28.84 -12.93 -5.54
CA VAL D 234 -28.81 -11.51 -5.19
C VAL D 234 -30.21 -10.93 -5.29
N VAL D 235 -30.95 -11.34 -6.32
CA VAL D 235 -32.31 -10.85 -6.51
C VAL D 235 -33.13 -11.25 -5.28
N ASP D 236 -33.08 -12.53 -4.92
CA ASP D 236 -33.84 -13.02 -3.79
C ASP D 236 -33.49 -12.31 -2.49
N GLN D 237 -32.20 -12.11 -2.25
CA GLN D 237 -31.77 -11.45 -1.03
C GLN D 237 -32.13 -9.96 -1.06
N SER D 238 -32.08 -9.35 -2.25
CA SER D 238 -32.42 -7.94 -2.37
C SER D 238 -33.89 -7.72 -2.01
N VAL D 239 -34.78 -8.55 -2.52
CA VAL D 239 -36.20 -8.41 -2.23
C VAL D 239 -36.45 -8.70 -0.75
N ALA D 240 -35.80 -9.73 -0.22
CA ALA D 240 -35.99 -10.11 1.18
C ALA D 240 -35.41 -9.12 2.17
N LEU D 241 -34.28 -8.50 1.84
CA LEU D 241 -33.63 -7.57 2.76
C LEU D 241 -33.78 -6.07 2.52
N SER D 242 -33.97 -5.65 1.29
CA SER D 242 -34.08 -4.22 1.02
C SER D 242 -35.25 -3.58 1.72
N LYS D 243 -35.03 -2.38 2.27
CA LYS D 243 -36.06 -1.64 2.98
C LYS D 243 -36.93 -0.86 1.98
N ALA D 244 -36.53 -0.89 0.72
CA ALA D 244 -37.26 -0.17 -0.32
C ALA D 244 -37.36 -1.01 -1.60
N PRO D 245 -38.29 -0.64 -2.48
CA PRO D 245 -38.49 -1.36 -3.75
C PRO D 245 -37.19 -1.33 -4.56
N ILE D 246 -36.92 -2.39 -5.30
CA ILE D 246 -35.71 -2.44 -6.11
C ILE D 246 -36.09 -2.44 -7.58
N ILE D 247 -35.09 -2.44 -8.45
CA ILE D 247 -35.37 -2.39 -9.88
C ILE D 247 -34.35 -3.21 -10.67
N ALA D 248 -34.70 -3.51 -11.92
CA ALA D 248 -33.82 -4.21 -12.84
C ALA D 248 -33.76 -3.18 -13.97
N SER D 249 -32.70 -2.37 -13.95
CA SER D 249 -32.54 -1.27 -14.90
C SER D 249 -32.55 -1.65 -16.37
N HIS D 250 -32.20 -2.90 -16.68
CA HIS D 250 -32.22 -3.38 -18.05
C HIS D 250 -32.14 -4.91 -18.10
N SER D 251 -33.30 -5.54 -18.01
CA SER D 251 -33.40 -6.99 -18.04
C SER D 251 -34.61 -7.47 -18.84
N GLY D 252 -34.74 -8.79 -18.96
CA GLY D 252 -35.85 -9.37 -19.71
C GLY D 252 -36.38 -10.64 -19.08
N PRO D 253 -37.40 -11.27 -19.70
CA PRO D 253 -38.00 -12.51 -19.18
C PRO D 253 -37.40 -13.77 -19.79
N LYS D 254 -37.04 -14.72 -18.92
CA LYS D 254 -36.48 -15.98 -19.39
C LYS D 254 -37.54 -16.69 -20.24
N ALA D 255 -38.81 -16.40 -19.98
CA ALA D 255 -39.93 -17.00 -20.72
C ALA D 255 -39.82 -16.75 -22.21
N VAL D 256 -39.29 -15.59 -22.59
CA VAL D 256 -39.14 -15.26 -24.00
C VAL D 256 -37.79 -15.76 -24.51
N TYR D 257 -36.75 -15.61 -23.70
CA TYR D 257 -35.42 -16.09 -24.07
C TYR D 257 -34.68 -16.55 -22.81
N ASP D 258 -34.34 -17.83 -22.77
CA ASP D 258 -33.67 -18.41 -21.61
C ASP D 258 -32.17 -18.09 -21.57
N HIS D 259 -31.85 -17.03 -20.82
CA HIS D 259 -30.47 -16.58 -20.66
C HIS D 259 -30.32 -16.12 -19.20
N PRO D 260 -29.16 -16.38 -18.58
CA PRO D 260 -28.89 -15.99 -17.18
C PRO D 260 -29.16 -14.52 -16.92
N ARG D 261 -29.06 -13.74 -17.98
CA ARG D 261 -29.24 -12.31 -17.92
C ARG D 261 -30.72 -11.90 -17.80
N ASN D 262 -31.61 -12.87 -17.96
CA ASN D 262 -33.04 -12.62 -17.85
C ASN D 262 -33.60 -13.25 -16.58
N LEU D 263 -34.83 -12.88 -16.22
CA LEU D 263 -35.47 -13.40 -15.02
C LEU D 263 -36.67 -14.32 -15.30
N ASP D 264 -36.85 -15.31 -14.43
CA ASP D 264 -37.97 -16.24 -14.52
C ASP D 264 -39.21 -15.49 -14.04
N ASP D 265 -40.40 -15.98 -14.40
CA ASP D 265 -41.63 -15.32 -14.00
C ASP D 265 -41.78 -15.12 -12.50
N ALA D 266 -41.39 -16.13 -11.72
CA ALA D 266 -41.49 -16.05 -10.26
C ALA D 266 -40.73 -14.84 -9.71
N ARG D 267 -39.51 -14.63 -10.20
CA ARG D 267 -38.73 -13.49 -9.72
C ARG D 267 -39.27 -12.17 -10.25
N LEU D 268 -39.82 -12.18 -11.46
CA LEU D 268 -40.40 -10.96 -12.03
C LEU D 268 -41.53 -10.51 -11.11
N LYS D 269 -42.38 -11.45 -10.74
CA LYS D 269 -43.52 -11.14 -9.87
C LYS D 269 -43.07 -10.74 -8.47
N LYS D 270 -42.03 -11.42 -7.96
CA LYS D 270 -41.51 -11.11 -6.63
C LYS D 270 -41.07 -9.66 -6.55
N ILE D 271 -40.32 -9.22 -7.57
CA ILE D 271 -39.83 -7.85 -7.63
C ILE D 271 -41.02 -6.88 -7.70
N ALA D 272 -41.97 -7.19 -8.56
CA ALA D 272 -43.15 -6.35 -8.73
C ALA D 272 -43.99 -6.29 -7.45
N ASP D 273 -44.24 -7.45 -6.84
CA ASP D 273 -45.04 -7.49 -5.63
C ASP D 273 -44.44 -6.71 -4.47
N ALA D 274 -43.14 -6.43 -4.57
CA ALA D 274 -42.46 -5.68 -3.52
C ALA D 274 -42.41 -4.20 -3.89
N GLY D 275 -43.14 -3.83 -4.94
CA GLY D 275 -43.19 -2.44 -5.36
C GLY D 275 -42.16 -2.05 -6.42
N GLY D 276 -41.37 -3.03 -6.87
CA GLY D 276 -40.35 -2.74 -7.87
C GLY D 276 -40.80 -2.84 -9.31
N ALA D 277 -39.82 -2.84 -10.22
CA ALA D 277 -40.13 -2.92 -11.65
C ALA D 277 -38.96 -3.46 -12.46
N ILE D 278 -39.27 -3.94 -13.65
CA ILE D 278 -38.26 -4.47 -14.55
C ILE D 278 -38.30 -3.62 -15.83
N CYS D 279 -37.18 -2.99 -16.16
CA CYS D 279 -37.10 -2.15 -17.36
C CYS D 279 -36.62 -3.01 -18.51
N ILE D 280 -37.43 -3.05 -19.57
CA ILE D 280 -37.16 -3.91 -20.73
C ILE D 280 -35.90 -3.61 -21.56
N ASN D 281 -35.05 -4.64 -21.63
CA ASN D 281 -33.79 -4.59 -22.37
C ASN D 281 -34.04 -4.97 -23.84
N SER D 282 -33.14 -4.58 -24.73
CA SER D 282 -33.29 -4.90 -26.15
C SER D 282 -32.36 -6.03 -26.58
N ILE D 283 -31.54 -6.54 -25.67
CA ILE D 283 -30.65 -7.65 -25.99
C ILE D 283 -30.96 -8.83 -25.10
N TYR D 284 -30.28 -9.96 -25.33
CA TYR D 284 -30.54 -11.18 -24.57
C TYR D 284 -31.96 -11.63 -24.84
N LEU D 285 -32.39 -11.49 -26.09
CA LEU D 285 -33.73 -11.88 -26.51
C LEU D 285 -33.72 -12.90 -27.65
N THR D 286 -32.54 -13.19 -28.19
CA THR D 286 -32.42 -14.15 -29.27
C THR D 286 -30.99 -14.64 -29.39
N ASP D 287 -30.79 -15.73 -30.13
CA ASP D 287 -29.44 -16.27 -30.33
C ASP D 287 -28.72 -15.32 -31.27
N THR D 288 -27.67 -14.67 -30.76
CA THR D 288 -26.92 -13.71 -31.56
C THR D 288 -25.71 -14.32 -32.26
N THR D 289 -25.55 -15.63 -32.15
CA THR D 289 -24.40 -16.29 -32.78
C THR D 289 -24.31 -15.82 -34.22
N PRO D 290 -23.13 -15.28 -34.61
CA PRO D 290 -22.89 -14.78 -35.96
C PRO D 290 -22.69 -15.88 -37.00
N SER D 291 -23.09 -15.59 -38.23
CA SER D 291 -22.92 -16.54 -39.33
C SER D 291 -21.41 -16.67 -39.57
N PRO D 292 -20.98 -17.76 -40.22
CA PRO D 292 -19.55 -17.95 -40.49
C PRO D 292 -18.87 -16.71 -41.04
N GLU D 293 -19.55 -15.98 -41.91
CA GLU D 293 -19.01 -14.78 -42.50
C GLU D 293 -18.98 -13.60 -41.52
N ALA D 304 -11.28 -2.65 -33.26
CA ALA D 304 -11.78 -1.28 -33.17
C ALA D 304 -10.73 -0.40 -32.48
N PRO D 305 -10.62 0.87 -32.92
CA PRO D 305 -9.64 1.79 -32.34
C PRO D 305 -10.10 2.36 -30.99
N ASP D 306 -9.16 2.96 -30.27
CA ASP D 306 -9.48 3.56 -28.98
C ASP D 306 -10.26 4.84 -29.26
N MET D 307 -11.56 4.80 -29.02
CA MET D 307 -12.43 5.94 -29.24
C MET D 307 -12.00 7.21 -28.51
N LYS D 308 -11.18 7.05 -27.47
CA LYS D 308 -10.74 8.21 -26.69
C LYS D 308 -9.42 8.81 -27.20
N THR D 309 -8.79 8.15 -28.16
CA THR D 309 -7.51 8.65 -28.69
C THR D 309 -7.38 8.55 -30.20
N ALA D 310 -8.29 7.82 -30.83
CA ALA D 310 -8.24 7.65 -32.29
C ALA D 310 -8.62 8.94 -33.03
N THR D 311 -8.07 9.11 -34.22
CA THR D 311 -8.36 10.29 -35.04
C THR D 311 -9.76 10.18 -35.65
N PRO D 312 -10.45 11.31 -35.80
CA PRO D 312 -11.80 11.31 -36.38
C PRO D 312 -11.87 10.50 -37.68
N GLU D 313 -10.79 10.52 -38.44
CA GLU D 313 -10.73 9.77 -39.69
C GLU D 313 -10.64 8.28 -39.39
N ALA D 314 -9.78 7.91 -38.45
CA ALA D 314 -9.61 6.52 -38.06
C ALA D 314 -10.95 5.93 -37.61
N VAL D 315 -11.69 6.70 -36.79
CA VAL D 315 -12.99 6.26 -36.30
C VAL D 315 -13.94 6.05 -37.47
N LYS D 316 -13.93 7.01 -38.40
CA LYS D 316 -14.78 6.94 -39.58
C LYS D 316 -14.39 5.69 -40.37
N ALA D 317 -13.09 5.43 -40.46
CA ALA D 317 -12.57 4.28 -41.18
C ALA D 317 -13.22 2.98 -40.71
N TYR D 318 -13.11 2.70 -39.40
CA TYR D 318 -13.71 1.50 -38.85
C TYR D 318 -15.22 1.49 -39.02
N ALA D 319 -15.85 2.62 -38.75
CA ALA D 319 -17.30 2.74 -38.86
C ALA D 319 -17.75 2.34 -40.26
N ASP D 320 -16.99 2.80 -41.26
CA ASP D 320 -17.31 2.49 -42.66
C ASP D 320 -17.15 1.00 -42.96
N LYS D 321 -16.02 0.42 -42.55
CA LYS D 321 -15.77 -0.99 -42.77
C LYS D 321 -16.85 -1.79 -42.04
N ARG D 322 -17.08 -1.43 -40.78
CA ARG D 322 -18.07 -2.09 -39.95
C ARG D 322 -19.45 -2.04 -40.61
N ALA D 323 -19.83 -0.86 -41.07
CA ALA D 323 -21.12 -0.65 -41.73
C ALA D 323 -21.28 -1.62 -42.90
N ALA D 324 -20.25 -1.70 -43.73
CA ALA D 324 -20.28 -2.58 -44.89
C ALA D 324 -20.51 -4.02 -44.45
N ILE D 325 -19.77 -4.43 -43.42
CA ILE D 325 -19.89 -5.78 -42.88
C ILE D 325 -21.31 -6.03 -42.36
N ASP D 326 -21.84 -5.09 -41.59
CA ASP D 326 -23.18 -5.23 -41.03
C ASP D 326 -24.23 -5.29 -42.13
N LYS D 327 -23.92 -4.69 -43.27
CA LYS D 327 -24.86 -4.69 -44.39
C LYS D 327 -24.74 -5.98 -45.19
N ALA D 328 -23.51 -6.42 -45.41
CA ALA D 328 -23.26 -7.65 -46.16
C ALA D 328 -23.71 -8.88 -45.37
N HIS D 329 -23.41 -8.90 -44.08
CA HIS D 329 -23.80 -10.02 -43.23
C HIS D 329 -24.38 -9.52 -41.92
N PRO D 330 -25.64 -9.06 -41.94
CA PRO D 330 -26.35 -8.55 -40.77
C PRO D 330 -26.20 -9.43 -39.53
N ALA D 331 -26.14 -8.81 -38.37
CA ALA D 331 -26.02 -9.56 -37.13
C ALA D 331 -27.42 -10.02 -36.74
N ALA D 332 -27.51 -11.15 -36.02
CA ALA D 332 -28.80 -11.65 -35.58
C ALA D 332 -29.16 -10.89 -34.31
N ARG D 333 -30.10 -9.96 -34.42
CA ARG D 333 -30.50 -9.14 -33.27
C ARG D 333 -32.00 -9.17 -32.99
N GLY D 334 -32.77 -9.80 -33.87
CA GLY D 334 -34.21 -9.83 -33.67
C GLY D 334 -34.74 -8.49 -34.16
N ASP D 335 -36.02 -8.21 -33.92
CA ASP D 335 -36.60 -6.95 -34.38
C ASP D 335 -37.49 -6.32 -33.33
N PHE D 336 -38.14 -5.22 -33.69
CA PHE D 336 -39.02 -4.52 -32.77
C PHE D 336 -40.12 -5.39 -32.19
N ASP D 337 -40.70 -6.28 -32.99
CA ASP D 337 -41.76 -7.14 -32.49
C ASP D 337 -41.25 -7.99 -31.33
N LEU D 338 -39.99 -8.42 -31.43
CA LEU D 338 -39.39 -9.22 -30.37
C LEU D 338 -39.27 -8.39 -29.09
N TYR D 339 -38.94 -7.11 -29.25
CA TYR D 339 -38.81 -6.23 -28.10
C TYR D 339 -40.15 -6.13 -27.39
N MET D 340 -41.21 -5.93 -28.17
CA MET D 340 -42.54 -5.82 -27.58
C MET D 340 -43.02 -7.15 -27.02
N LYS D 341 -42.55 -8.25 -27.61
CA LYS D 341 -42.92 -9.59 -27.14
C LYS D 341 -42.40 -9.71 -25.70
N SER D 342 -41.18 -9.23 -25.48
CA SER D 342 -40.57 -9.26 -24.16
C SER D 342 -41.37 -8.37 -23.20
N MET D 343 -41.56 -7.11 -23.59
CA MET D 343 -42.30 -6.15 -22.77
C MET D 343 -43.71 -6.63 -22.42
N LEU D 344 -44.42 -7.15 -23.42
CA LEU D 344 -45.77 -7.64 -23.20
C LEU D 344 -45.83 -8.78 -22.20
N HIS D 345 -44.87 -9.70 -22.29
CA HIS D 345 -44.85 -10.81 -21.36
C HIS D 345 -44.57 -10.37 -19.94
N VAL D 346 -43.63 -9.43 -19.77
CA VAL D 346 -43.32 -8.95 -18.43
C VAL D 346 -44.55 -8.21 -17.89
N LEU D 347 -45.25 -7.50 -18.77
CA LEU D 347 -46.45 -6.77 -18.36
C LEU D 347 -47.51 -7.74 -17.84
N LYS D 348 -47.61 -8.90 -18.47
CA LYS D 348 -48.57 -9.91 -18.08
C LYS D 348 -48.26 -10.47 -16.69
N VAL D 349 -46.97 -10.66 -16.42
CA VAL D 349 -46.52 -11.21 -15.14
C VAL D 349 -46.38 -10.19 -14.02
N ALA D 350 -45.72 -9.07 -14.30
CA ALA D 350 -45.48 -8.04 -13.30
C ALA D 350 -46.56 -6.97 -13.22
N GLY D 351 -47.40 -6.87 -14.25
CA GLY D 351 -48.45 -5.86 -14.24
C GLY D 351 -47.92 -4.54 -14.78
N PRO D 352 -48.82 -3.61 -15.14
CA PRO D 352 -48.42 -2.30 -15.68
C PRO D 352 -47.64 -1.42 -14.71
N LYS D 353 -47.64 -1.80 -13.44
CA LYS D 353 -46.92 -1.03 -12.43
C LYS D 353 -45.50 -1.54 -12.16
N GLY D 354 -45.17 -2.69 -12.74
CA GLY D 354 -43.85 -3.26 -12.54
C GLY D 354 -43.01 -3.36 -13.80
N VAL D 355 -43.29 -2.50 -14.78
CA VAL D 355 -42.54 -2.52 -16.04
C VAL D 355 -42.05 -1.12 -16.42
N CYS D 356 -40.87 -1.06 -17.03
CA CYS D 356 -40.28 0.21 -17.46
C CYS D 356 -39.42 0.04 -18.68
N VAL D 357 -38.67 1.07 -19.06
CA VAL D 357 -37.85 1.02 -20.26
C VAL D 357 -36.34 1.20 -20.04
N GLY D 358 -35.56 0.20 -20.46
CA GLY D 358 -34.11 0.23 -20.32
C GLY D 358 -33.52 -0.62 -21.43
N ALA D 359 -33.51 -0.05 -22.63
CA ALA D 359 -33.05 -0.74 -23.85
C ALA D 359 -31.57 -1.01 -24.00
N ASP D 360 -30.73 -0.42 -23.15
CA ASP D 360 -29.28 -0.61 -23.21
C ASP D 360 -28.67 0.21 -24.34
N TRP D 361 -29.22 1.40 -24.56
CA TRP D 361 -28.71 2.30 -25.59
C TRP D 361 -27.26 2.63 -25.26
N ASP D 362 -26.40 2.56 -26.27
CA ASP D 362 -24.97 2.82 -26.13
C ASP D 362 -24.27 1.79 -25.27
N GLY D 363 -24.98 0.73 -24.93
CA GLY D 363 -24.41 -0.34 -24.14
C GLY D 363 -24.50 -1.67 -24.88
N GLY D 364 -24.83 -1.58 -26.18
CA GLY D 364 -24.95 -2.79 -27.00
C GLY D 364 -26.37 -3.08 -27.44
N GLY D 365 -27.31 -2.21 -27.07
CA GLY D 365 -28.70 -2.42 -27.44
C GLY D 365 -29.00 -2.10 -28.89
N GLY D 366 -30.22 -2.40 -29.33
CA GLY D 366 -30.61 -2.12 -30.71
C GLY D 366 -31.02 -3.38 -31.47
N MET D 367 -32.04 -3.23 -32.31
CA MET D 367 -32.56 -4.34 -33.10
C MET D 367 -33.07 -3.79 -34.43
N ASP D 368 -33.47 -4.68 -35.34
CA ASP D 368 -34.00 -4.21 -36.62
C ASP D 368 -35.29 -3.47 -36.30
N GLY D 369 -35.40 -2.24 -36.81
CA GLY D 369 -36.59 -1.45 -36.55
C GLY D 369 -36.57 -0.79 -35.18
N PHE D 370 -35.41 -0.87 -34.51
CA PHE D 370 -35.23 -0.30 -33.17
C PHE D 370 -33.73 0.01 -33.07
N GLU D 371 -33.24 0.80 -34.01
CA GLU D 371 -31.82 1.17 -34.09
C GLU D 371 -31.30 2.14 -33.03
N ASP D 372 -32.11 3.13 -32.66
CA ASP D 372 -31.73 4.08 -31.63
C ASP D 372 -32.98 4.70 -31.01
N ILE D 373 -32.81 5.76 -30.22
CA ILE D 373 -33.94 6.38 -29.56
C ILE D 373 -34.97 7.06 -30.45
N THR D 374 -34.66 7.25 -31.74
CA THR D 374 -35.64 7.88 -32.63
C THR D 374 -36.82 6.94 -32.82
N ASP D 375 -36.61 5.65 -32.54
CA ASP D 375 -37.65 4.64 -32.69
C ASP D 375 -38.53 4.44 -31.46
N LEU D 376 -38.25 5.17 -30.39
CA LEU D 376 -39.02 5.02 -29.15
C LEU D 376 -40.54 5.21 -29.27
N PRO D 377 -40.99 6.11 -30.16
CA PRO D 377 -42.45 6.33 -30.29
C PRO D 377 -43.21 5.05 -30.65
N LYS D 378 -42.52 4.12 -31.30
CA LYS D 378 -43.14 2.87 -31.72
C LYS D 378 -43.62 2.06 -30.51
N ILE D 379 -42.93 2.20 -29.38
CA ILE D 379 -43.31 1.49 -28.17
C ILE D 379 -44.68 1.97 -27.69
N THR D 380 -44.85 3.30 -27.68
CA THR D 380 -46.10 3.90 -27.23
C THR D 380 -47.25 3.49 -28.15
N ALA D 381 -46.97 3.42 -29.45
CA ALA D 381 -47.97 3.03 -30.43
C ALA D 381 -48.44 1.62 -30.18
N ARG D 382 -47.50 0.69 -30.03
CA ARG D 382 -47.85 -0.71 -29.80
C ARG D 382 -48.60 -0.90 -28.48
N LEU D 383 -48.24 -0.14 -27.46
CA LEU D 383 -48.91 -0.27 -26.16
C LEU D 383 -50.39 0.10 -26.31
N LYS D 384 -50.67 1.17 -27.05
CA LYS D 384 -52.04 1.59 -27.27
C LYS D 384 -52.72 0.51 -28.10
N ALA D 385 -52.07 0.13 -29.20
CA ALA D 385 -52.58 -0.90 -30.09
C ALA D 385 -52.86 -2.20 -29.36
N GLU D 386 -52.24 -2.38 -28.20
CA GLU D 386 -52.44 -3.59 -27.41
C GLU D 386 -53.55 -3.39 -26.39
N GLY D 387 -54.07 -2.17 -26.31
CA GLY D 387 -55.15 -1.88 -25.39
C GLY D 387 -54.82 -1.25 -24.06
N TYR D 388 -53.57 -0.82 -23.88
CA TYR D 388 -53.19 -0.20 -22.61
C TYR D 388 -53.63 1.27 -22.54
N SER D 389 -54.17 1.66 -21.39
CA SER D 389 -54.63 3.02 -21.19
C SER D 389 -53.44 3.98 -21.15
N ASP D 390 -53.72 5.27 -21.13
CA ASP D 390 -52.66 6.26 -21.08
C ASP D 390 -51.99 6.20 -19.71
N ALA D 391 -52.80 5.94 -18.69
CA ALA D 391 -52.29 5.83 -17.33
C ALA D 391 -51.18 4.78 -17.26
N ASP D 392 -51.46 3.60 -17.81
CA ASP D 392 -50.49 2.51 -17.81
C ASP D 392 -49.27 2.84 -18.64
N ILE D 393 -49.48 3.50 -19.78
CA ILE D 393 -48.37 3.87 -20.64
C ILE D 393 -47.48 4.87 -19.91
N GLU D 394 -48.12 5.80 -19.20
CA GLU D 394 -47.40 6.82 -18.45
C GLU D 394 -46.57 6.15 -17.36
N ALA D 395 -47.15 5.15 -16.69
CA ALA D 395 -46.48 4.42 -15.63
C ALA D 395 -45.25 3.71 -16.19
N ILE D 396 -45.43 3.08 -17.34
CA ILE D 396 -44.35 2.35 -18.00
C ILE D 396 -43.22 3.27 -18.47
N TRP D 397 -43.57 4.45 -18.99
CA TRP D 397 -42.55 5.37 -19.48
C TRP D 397 -41.79 6.15 -18.41
N SER D 398 -42.36 6.28 -17.21
CA SER D 398 -41.67 7.01 -16.16
C SER D 398 -42.30 6.87 -14.78
N GLY D 399 -43.63 6.82 -14.74
CA GLY D 399 -44.32 6.73 -13.47
C GLY D 399 -43.83 5.67 -12.49
N ASN D 400 -43.62 4.46 -12.98
CA ASN D 400 -43.15 3.38 -12.11
C ASN D 400 -41.76 3.67 -11.56
N VAL D 401 -40.85 4.08 -12.43
CA VAL D 401 -39.49 4.39 -12.00
C VAL D 401 -39.47 5.52 -10.97
N LEU D 402 -40.18 6.61 -11.28
CA LEU D 402 -40.22 7.73 -10.34
C LEU D 402 -40.84 7.33 -9.01
N ARG D 403 -41.77 6.40 -9.05
CA ARG D 403 -42.41 5.94 -7.81
C ARG D 403 -41.39 5.19 -6.96
N ILE D 404 -40.56 4.40 -7.63
CA ILE D 404 -39.52 3.62 -6.96
C ILE D 404 -38.50 4.58 -6.35
N VAL D 405 -38.11 5.59 -7.11
CA VAL D 405 -37.16 6.58 -6.63
C VAL D 405 -37.73 7.25 -5.37
N ASP D 406 -39.00 7.66 -5.45
CA ASP D 406 -39.65 8.32 -4.31
C ASP D 406 -39.60 7.44 -3.07
N ALA D 407 -39.97 6.16 -3.26
CA ALA D 407 -39.99 5.22 -2.14
C ALA D 407 -38.61 5.02 -1.51
N ALA D 408 -37.58 4.94 -2.34
CA ALA D 408 -36.22 4.76 -1.85
C ALA D 408 -35.81 5.95 -1.01
N GLN D 409 -36.06 7.15 -1.54
CA GLN D 409 -35.70 8.37 -0.85
C GLN D 409 -36.60 8.66 0.35
N ALA D 410 -37.82 8.13 0.32
CA ALA D 410 -38.75 8.32 1.44
C ALA D 410 -38.23 7.50 2.61
N TYR D 411 -37.78 6.28 2.34
CA TYR D 411 -37.25 5.45 3.40
C TYR D 411 -36.02 6.12 4.01
N ALA D 412 -35.13 6.61 3.16
CA ALA D 412 -33.91 7.28 3.63
C ALA D 412 -34.26 8.42 4.58
N LYS D 413 -35.24 9.23 4.19
CA LYS D 413 -35.65 10.36 5.00
C LYS D 413 -36.21 9.89 6.34
N SER D 414 -36.93 8.78 6.33
CA SER D 414 -37.53 8.25 7.55
C SER D 414 -36.53 7.83 8.61
N VAL D 415 -35.26 7.67 8.23
CA VAL D 415 -34.24 7.27 9.21
C VAL D 415 -33.14 8.32 9.39
ZN ZN E . 0.08 -28.55 11.56
ZN ZN F . -3.40 -29.10 10.88
CL CL G . -5.25 -30.77 12.45
ZN ZN H . 29.22 -0.44 10.26
ZN ZN I . 29.83 3.05 10.91
CL CL J . 31.88 4.81 9.87
ZN ZN K . -6.30 30.23 0.06
ZN ZN L . -3.74 31.00 2.45
CL CL M . -3.49 33.12 4.55
ZN ZN N . -24.35 -0.59 -19.26
ZN ZN O . -25.53 -3.95 -18.80
CL CL P . -25.39 -6.02 -20.70
#